data_5CIV
# 
_entry.id   5CIV 
# 
_audit_conform.dict_name       mmcif_pdbx.dic 
_audit_conform.dict_version    5.397 
_audit_conform.dict_location   http://mmcif.pdb.org/dictionaries/ascii/mmcif_pdbx.dic 
# 
loop_
_database_2.database_id 
_database_2.database_code 
_database_2.pdbx_database_accession 
_database_2.pdbx_DOI 
PDB   5CIV         pdb_00005civ 10.2210/pdb5civ/pdb 
WWPDB D_1000211713 ?            ?                   
# 
loop_
_pdbx_audit_revision_history.ordinal 
_pdbx_audit_revision_history.data_content_type 
_pdbx_audit_revision_history.major_revision 
_pdbx_audit_revision_history.minor_revision 
_pdbx_audit_revision_history.revision_date 
1 'Structure model' 1 0 2016-02-03 
2 'Structure model' 1 1 2016-03-02 
3 'Structure model' 1 2 2024-10-09 
# 
_pdbx_audit_revision_details.ordinal             1 
_pdbx_audit_revision_details.revision_ordinal    1 
_pdbx_audit_revision_details.data_content_type   'Structure model' 
_pdbx_audit_revision_details.provider            repository 
_pdbx_audit_revision_details.type                'Initial release' 
_pdbx_audit_revision_details.description         ? 
_pdbx_audit_revision_details.details             ? 
# 
loop_
_pdbx_audit_revision_group.ordinal 
_pdbx_audit_revision_group.revision_ordinal 
_pdbx_audit_revision_group.data_content_type 
_pdbx_audit_revision_group.group 
1 2 'Structure model' 'Database references' 
2 3 'Structure model' 'Data collection'     
3 3 'Structure model' 'Database references' 
4 3 'Structure model' 'Structure summary'   
# 
loop_
_pdbx_audit_revision_category.ordinal 
_pdbx_audit_revision_category.revision_ordinal 
_pdbx_audit_revision_category.data_content_type 
_pdbx_audit_revision_category.category 
1 3 'Structure model' chem_comp_atom            
2 3 'Structure model' chem_comp_bond            
3 3 'Structure model' database_2                
4 3 'Structure model' pdbx_entry_details        
5 3 'Structure model' pdbx_modification_feature 
# 
loop_
_pdbx_audit_revision_item.ordinal 
_pdbx_audit_revision_item.revision_ordinal 
_pdbx_audit_revision_item.data_content_type 
_pdbx_audit_revision_item.item 
1 3 'Structure model' '_database_2.pdbx_DOI'                
2 3 'Structure model' '_database_2.pdbx_database_accession' 
# 
_pdbx_database_status.status_code                     REL 
_pdbx_database_status.status_code_sf                  REL 
_pdbx_database_status.status_code_mr                  ? 
_pdbx_database_status.entry_id                        5CIV 
_pdbx_database_status.recvd_initial_deposition_date   2015-07-13 
_pdbx_database_status.SG_entry                        N 
_pdbx_database_status.deposit_site                    RCSB 
_pdbx_database_status.process_site                    PDBE 
_pdbx_database_status.status_code_cs                  ? 
_pdbx_database_status.methods_development_category    ? 
_pdbx_database_status.pdb_format_compatible           Y 
_pdbx_database_status.status_code_nmr_data            ? 
# 
loop_
_audit_author.name 
_audit_author.pdbx_ordinal 
'Taylor, J.D.'   1 
'Matthews, S.J.' 2 
# 
_citation.abstract                  ? 
_citation.abstract_id_CAS           ? 
_citation.book_id_ISBN              ? 
_citation.book_publisher            ? 
_citation.book_publisher_city       ? 
_citation.book_title                ? 
_citation.coordinate_linkage        ? 
_citation.country                   UK 
_citation.database_id_Medline       ? 
_citation.details                   ? 
_citation.id                        primary 
_citation.journal_abbrev            J.Mol.Biol. 
_citation.journal_id_ASTM           JMOBAK 
_citation.journal_id_CSD            0070 
_citation.journal_id_ISSN           1089-8638 
_citation.journal_full              ? 
_citation.journal_issue             ? 
_citation.journal_volume            428 
_citation.language                  ? 
_citation.page_first                554 
_citation.page_last                 560 
_citation.title                     
'Structures of the DfsB Protein Family Suggest a Cationic, Helical Sibling Lethal Factor Peptide.' 
_citation.year                      2016 
_citation.database_id_CSD           ? 
_citation.pdbx_database_id_DOI      10.1016/j.jmb.2016.01.013 
_citation.pdbx_database_id_PubMed   26804569 
_citation.unpublished_flag          ? 
# 
loop_
_citation_author.citation_id 
_citation_author.name 
_citation_author.ordinal 
_citation_author.identifier_ORCID 
primary 'Taylor, J.D.'   1 ? 
primary 'Taylor, G.'     2 ? 
primary 'Hare, S.A.'     3 ? 
primary 'Matthews, S.J.' 4 ? 
# 
loop_
_entity.id 
_entity.type 
_entity.src_method 
_entity.pdbx_description 
_entity.formula_weight 
_entity.pdbx_number_of_molecules 
_entity.pdbx_ec 
_entity.pdbx_mutation 
_entity.pdbx_fragment 
_entity.details 
1 polymer man 'Sibling bacteriocin' 21868.219 1   ? ? 'residues 13-184' ? 
2 water   nat water                 18.015    238 ? ? ?                 ? 
# 
_entity_poly.entity_id                      1 
_entity_poly.type                           'polypeptide(L)' 
_entity_poly.nstd_linkage                   no 
_entity_poly.nstd_monomer                   yes 
_entity_poly.pdbx_seq_one_letter_code       
;MRGSHHHHHHGSASYEYTSKEELKKTIHAAYLLLDGEFEGIDDSQKDNRVPEVDRTPAEIIAYQLGWLHLV(MSE)GWDR
DELAGKPVI(MSE)PAPGYKWNQLGGLYQSFYAAYADLSLTELRRLFRDTERQWLDWIDTLSEEDLFTQSVRKWTGDKPN
WP(MSE)ARWIHINSAAPFKTFRAKIRKWKKHQRQA
;
_entity_poly.pdbx_seq_one_letter_code_can   
;MRGSHHHHHHGSASYEYTSKEELKKTIHAAYLLLDGEFEGIDDSQKDNRVPEVDRTPAEIIAYQLGWLHLVMGWDRDELA
GKPVIMPAPGYKWNQLGGLYQSFYAAYADLSLTELRRLFRDTERQWLDWIDTLSEEDLFTQSVRKWTGDKPNWPMARWIH
INSAAPFKTFRAKIRKWKKHQRQA
;
_entity_poly.pdbx_strand_id                 A 
_entity_poly.pdbx_target_identifier         ? 
# 
_pdbx_entity_nonpoly.entity_id   2 
_pdbx_entity_nonpoly.name        water 
_pdbx_entity_nonpoly.comp_id     HOH 
# 
loop_
_entity_poly_seq.entity_id 
_entity_poly_seq.num 
_entity_poly_seq.mon_id 
_entity_poly_seq.hetero 
1 1   MET n 
1 2   ARG n 
1 3   GLY n 
1 4   SER n 
1 5   HIS n 
1 6   HIS n 
1 7   HIS n 
1 8   HIS n 
1 9   HIS n 
1 10  HIS n 
1 11  GLY n 
1 12  SER n 
1 13  ALA n 
1 14  SER n 
1 15  TYR n 
1 16  GLU n 
1 17  TYR n 
1 18  THR n 
1 19  SER n 
1 20  LYS n 
1 21  GLU n 
1 22  GLU n 
1 23  LEU n 
1 24  LYS n 
1 25  LYS n 
1 26  THR n 
1 27  ILE n 
1 28  HIS n 
1 29  ALA n 
1 30  ALA n 
1 31  TYR n 
1 32  LEU n 
1 33  LEU n 
1 34  LEU n 
1 35  ASP n 
1 36  GLY n 
1 37  GLU n 
1 38  PHE n 
1 39  GLU n 
1 40  GLY n 
1 41  ILE n 
1 42  ASP n 
1 43  ASP n 
1 44  SER n 
1 45  GLN n 
1 46  LYS n 
1 47  ASP n 
1 48  ASN n 
1 49  ARG n 
1 50  VAL n 
1 51  PRO n 
1 52  GLU n 
1 53  VAL n 
1 54  ASP n 
1 55  ARG n 
1 56  THR n 
1 57  PRO n 
1 58  ALA n 
1 59  GLU n 
1 60  ILE n 
1 61  ILE n 
1 62  ALA n 
1 63  TYR n 
1 64  GLN n 
1 65  LEU n 
1 66  GLY n 
1 67  TRP n 
1 68  LEU n 
1 69  HIS n 
1 70  LEU n 
1 71  VAL n 
1 72  MSE n 
1 73  GLY n 
1 74  TRP n 
1 75  ASP n 
1 76  ARG n 
1 77  ASP n 
1 78  GLU n 
1 79  LEU n 
1 80  ALA n 
1 81  GLY n 
1 82  LYS n 
1 83  PRO n 
1 84  VAL n 
1 85  ILE n 
1 86  MSE n 
1 87  PRO n 
1 88  ALA n 
1 89  PRO n 
1 90  GLY n 
1 91  TYR n 
1 92  LYS n 
1 93  TRP n 
1 94  ASN n 
1 95  GLN n 
1 96  LEU n 
1 97  GLY n 
1 98  GLY n 
1 99  LEU n 
1 100 TYR n 
1 101 GLN n 
1 102 SER n 
1 103 PHE n 
1 104 TYR n 
1 105 ALA n 
1 106 ALA n 
1 107 TYR n 
1 108 ALA n 
1 109 ASP n 
1 110 LEU n 
1 111 SER n 
1 112 LEU n 
1 113 THR n 
1 114 GLU n 
1 115 LEU n 
1 116 ARG n 
1 117 ARG n 
1 118 LEU n 
1 119 PHE n 
1 120 ARG n 
1 121 ASP n 
1 122 THR n 
1 123 GLU n 
1 124 ARG n 
1 125 GLN n 
1 126 TRP n 
1 127 LEU n 
1 128 ASP n 
1 129 TRP n 
1 130 ILE n 
1 131 ASP n 
1 132 THR n 
1 133 LEU n 
1 134 SER n 
1 135 GLU n 
1 136 GLU n 
1 137 ASP n 
1 138 LEU n 
1 139 PHE n 
1 140 THR n 
1 141 GLN n 
1 142 SER n 
1 143 VAL n 
1 144 ARG n 
1 145 LYS n 
1 146 TRP n 
1 147 THR n 
1 148 GLY n 
1 149 ASP n 
1 150 LYS n 
1 151 PRO n 
1 152 ASN n 
1 153 TRP n 
1 154 PRO n 
1 155 MSE n 
1 156 ALA n 
1 157 ARG n 
1 158 TRP n 
1 159 ILE n 
1 160 HIS n 
1 161 ILE n 
1 162 ASN n 
1 163 SER n 
1 164 ALA n 
1 165 ALA n 
1 166 PRO n 
1 167 PHE n 
1 168 LYS n 
1 169 THR n 
1 170 PHE n 
1 171 ARG n 
1 172 ALA n 
1 173 LYS n 
1 174 ILE n 
1 175 ARG n 
1 176 LYS n 
1 177 TRP n 
1 178 LYS n 
1 179 LYS n 
1 180 HIS n 
1 181 GLN n 
1 182 ARG n 
1 183 GLN n 
1 184 ALA n 
# 
_entity_src_gen.entity_id                          1 
_entity_src_gen.pdbx_src_id                        1 
_entity_src_gen.pdbx_alt_source_flag               sample 
_entity_src_gen.pdbx_seq_type                      'Biological sequence' 
_entity_src_gen.pdbx_beg_seq_num                   1 
_entity_src_gen.pdbx_end_seq_num                   184 
_entity_src_gen.gene_src_common_name               ? 
_entity_src_gen.gene_src_genus                     ? 
_entity_src_gen.pdbx_gene_src_gene                 dfsB 
_entity_src_gen.gene_src_species                   ? 
_entity_src_gen.gene_src_strain                    ? 
_entity_src_gen.gene_src_tissue                    ? 
_entity_src_gen.gene_src_tissue_fraction           ? 
_entity_src_gen.gene_src_details                   ? 
_entity_src_gen.pdbx_gene_src_fragment             ? 
_entity_src_gen.pdbx_gene_src_scientific_name      'Paenibacillus dendritiformis' 
_entity_src_gen.pdbx_gene_src_ncbi_taxonomy_id     130049 
_entity_src_gen.pdbx_gene_src_variant              ? 
_entity_src_gen.pdbx_gene_src_cell_line            ? 
_entity_src_gen.pdbx_gene_src_atcc                 ? 
_entity_src_gen.pdbx_gene_src_organ                ? 
_entity_src_gen.pdbx_gene_src_organelle            ? 
_entity_src_gen.pdbx_gene_src_cell                 ? 
_entity_src_gen.pdbx_gene_src_cellular_location    ? 
_entity_src_gen.host_org_common_name               ? 
_entity_src_gen.pdbx_host_org_scientific_name      'Escherichia coli BL21(DE3)' 
_entity_src_gen.pdbx_host_org_ncbi_taxonomy_id     469008 
_entity_src_gen.host_org_genus                     ? 
_entity_src_gen.pdbx_host_org_gene                 ? 
_entity_src_gen.pdbx_host_org_organ                ? 
_entity_src_gen.host_org_species                   ? 
_entity_src_gen.pdbx_host_org_tissue               ? 
_entity_src_gen.pdbx_host_org_tissue_fraction      ? 
_entity_src_gen.pdbx_host_org_strain               ? 
_entity_src_gen.pdbx_host_org_variant              ? 
_entity_src_gen.pdbx_host_org_cell_line            ? 
_entity_src_gen.pdbx_host_org_atcc                 ? 
_entity_src_gen.pdbx_host_org_culture_collection   ? 
_entity_src_gen.pdbx_host_org_cell                 ? 
_entity_src_gen.pdbx_host_org_organelle            ? 
_entity_src_gen.pdbx_host_org_cellular_location    ? 
_entity_src_gen.pdbx_host_org_vector_type          ? 
_entity_src_gen.pdbx_host_org_vector               ? 
_entity_src_gen.host_org_details                   ? 
_entity_src_gen.expression_system_id               ? 
_entity_src_gen.plasmid_name                       pQE-30 
_entity_src_gen.plasmid_details                    ? 
_entity_src_gen.pdbx_description                   ? 
# 
loop_
_chem_comp.id 
_chem_comp.type 
_chem_comp.mon_nstd_flag 
_chem_comp.name 
_chem_comp.pdbx_synonyms 
_chem_comp.formula 
_chem_comp.formula_weight 
ALA 'L-peptide linking' y ALANINE          ? 'C3 H7 N O2'     89.093  
ARG 'L-peptide linking' y ARGININE         ? 'C6 H15 N4 O2 1' 175.209 
ASN 'L-peptide linking' y ASPARAGINE       ? 'C4 H8 N2 O3'    132.118 
ASP 'L-peptide linking' y 'ASPARTIC ACID'  ? 'C4 H7 N O4'     133.103 
GLN 'L-peptide linking' y GLUTAMINE        ? 'C5 H10 N2 O3'   146.144 
GLU 'L-peptide linking' y 'GLUTAMIC ACID'  ? 'C5 H9 N O4'     147.129 
GLY 'peptide linking'   y GLYCINE          ? 'C2 H5 N O2'     75.067  
HIS 'L-peptide linking' y HISTIDINE        ? 'C6 H10 N3 O2 1' 156.162 
HOH non-polymer         . WATER            ? 'H2 O'           18.015  
ILE 'L-peptide linking' y ISOLEUCINE       ? 'C6 H13 N O2'    131.173 
LEU 'L-peptide linking' y LEUCINE          ? 'C6 H13 N O2'    131.173 
LYS 'L-peptide linking' y LYSINE           ? 'C6 H15 N2 O2 1' 147.195 
MET 'L-peptide linking' y METHIONINE       ? 'C5 H11 N O2 S'  149.211 
MSE 'L-peptide linking' n SELENOMETHIONINE ? 'C5 H11 N O2 Se' 196.106 
PHE 'L-peptide linking' y PHENYLALANINE    ? 'C9 H11 N O2'    165.189 
PRO 'L-peptide linking' y PROLINE          ? 'C5 H9 N O2'     115.130 
SER 'L-peptide linking' y SERINE           ? 'C3 H7 N O3'     105.093 
THR 'L-peptide linking' y THREONINE        ? 'C4 H9 N O3'     119.119 
TRP 'L-peptide linking' y TRYPTOPHAN       ? 'C11 H12 N2 O2'  204.225 
TYR 'L-peptide linking' y TYROSINE         ? 'C9 H11 N O3'    181.189 
VAL 'L-peptide linking' y VALINE           ? 'C5 H11 N O2'    117.146 
# 
loop_
_pdbx_poly_seq_scheme.asym_id 
_pdbx_poly_seq_scheme.entity_id 
_pdbx_poly_seq_scheme.seq_id 
_pdbx_poly_seq_scheme.mon_id 
_pdbx_poly_seq_scheme.ndb_seq_num 
_pdbx_poly_seq_scheme.pdb_seq_num 
_pdbx_poly_seq_scheme.auth_seq_num 
_pdbx_poly_seq_scheme.pdb_mon_id 
_pdbx_poly_seq_scheme.auth_mon_id 
_pdbx_poly_seq_scheme.pdb_strand_id 
_pdbx_poly_seq_scheme.pdb_ins_code 
_pdbx_poly_seq_scheme.hetero 
A 1 1   MET 1   1   ?   ?   ?   A . n 
A 1 2   ARG 2   2   ?   ?   ?   A . n 
A 1 3   GLY 3   3   ?   ?   ?   A . n 
A 1 4   SER 4   4   ?   ?   ?   A . n 
A 1 5   HIS 5   5   ?   ?   ?   A . n 
A 1 6   HIS 6   6   ?   ?   ?   A . n 
A 1 7   HIS 7   7   ?   ?   ?   A . n 
A 1 8   HIS 8   8   ?   ?   ?   A . n 
A 1 9   HIS 9   9   ?   ?   ?   A . n 
A 1 10  HIS 10  10  ?   ?   ?   A . n 
A 1 11  GLY 11  11  ?   ?   ?   A . n 
A 1 12  SER 12  12  ?   ?   ?   A . n 
A 1 13  ALA 13  13  ?   ?   ?   A . n 
A 1 14  SER 14  14  ?   ?   ?   A . n 
A 1 15  TYR 15  15  ?   ?   ?   A . n 
A 1 16  GLU 16  16  16  GLU GLU A . n 
A 1 17  TYR 17  17  17  TYR TYR A . n 
A 1 18  THR 18  18  18  THR THR A . n 
A 1 19  SER 19  19  19  SER SER A . n 
A 1 20  LYS 20  20  20  LYS LYS A . n 
A 1 21  GLU 21  21  21  GLU GLU A . n 
A 1 22  GLU 22  22  22  GLU GLU A . n 
A 1 23  LEU 23  23  23  LEU LEU A . n 
A 1 24  LYS 24  24  24  LYS LYS A . n 
A 1 25  LYS 25  25  25  LYS LYS A . n 
A 1 26  THR 26  26  26  THR THR A . n 
A 1 27  ILE 27  27  27  ILE ILE A . n 
A 1 28  HIS 28  28  28  HIS HIS A . n 
A 1 29  ALA 29  29  29  ALA ALA A . n 
A 1 30  ALA 30  30  30  ALA ALA A . n 
A 1 31  TYR 31  31  31  TYR TYR A . n 
A 1 32  LEU 32  32  32  LEU LEU A . n 
A 1 33  LEU 33  33  33  LEU LEU A . n 
A 1 34  LEU 34  34  34  LEU LEU A . n 
A 1 35  ASP 35  35  35  ASP ASP A . n 
A 1 36  GLY 36  36  36  GLY GLY A . n 
A 1 37  GLU 37  37  37  GLU GLU A . n 
A 1 38  PHE 38  38  38  PHE PHE A . n 
A 1 39  GLU 39  39  39  GLU GLU A . n 
A 1 40  GLY 40  40  40  GLY GLY A . n 
A 1 41  ILE 41  41  41  ILE ILE A . n 
A 1 42  ASP 42  42  42  ASP ASP A . n 
A 1 43  ASP 43  43  43  ASP ASP A . n 
A 1 44  SER 44  44  44  SER SER A . n 
A 1 45  GLN 45  45  45  GLN GLN A . n 
A 1 46  LYS 46  46  46  LYS LYS A . n 
A 1 47  ASP 47  47  47  ASP ASP A . n 
A 1 48  ASN 48  48  48  ASN ASN A . n 
A 1 49  ARG 49  49  49  ARG ARG A . n 
A 1 50  VAL 50  50  50  VAL VAL A . n 
A 1 51  PRO 51  51  51  PRO PRO A . n 
A 1 52  GLU 52  52  52  GLU GLU A . n 
A 1 53  VAL 53  53  53  VAL VAL A . n 
A 1 54  ASP 54  54  54  ASP ASP A . n 
A 1 55  ARG 55  55  55  ARG ARG A . n 
A 1 56  THR 56  56  56  THR THR A . n 
A 1 57  PRO 57  57  57  PRO PRO A . n 
A 1 58  ALA 58  58  58  ALA ALA A . n 
A 1 59  GLU 59  59  59  GLU GLU A . n 
A 1 60  ILE 60  60  60  ILE ILE A . n 
A 1 61  ILE 61  61  61  ILE ILE A . n 
A 1 62  ALA 62  62  62  ALA ALA A . n 
A 1 63  TYR 63  63  63  TYR TYR A . n 
A 1 64  GLN 64  64  64  GLN GLN A . n 
A 1 65  LEU 65  65  65  LEU LEU A . n 
A 1 66  GLY 66  66  66  GLY GLY A . n 
A 1 67  TRP 67  67  67  TRP TRP A . n 
A 1 68  LEU 68  68  68  LEU LEU A . n 
A 1 69  HIS 69  69  69  HIS HIS A . n 
A 1 70  LEU 70  70  70  LEU LEU A . n 
A 1 71  VAL 71  71  71  VAL VAL A . n 
A 1 72  MSE 72  72  72  MSE MSE A . n 
A 1 73  GLY 73  73  73  GLY GLY A . n 
A 1 74  TRP 74  74  74  TRP TRP A . n 
A 1 75  ASP 75  75  75  ASP ASP A . n 
A 1 76  ARG 76  76  76  ARG ARG A . n 
A 1 77  ASP 77  77  77  ASP ASP A . n 
A 1 78  GLU 78  78  78  GLU GLU A . n 
A 1 79  LEU 79  79  79  LEU LEU A . n 
A 1 80  ALA 80  80  80  ALA ALA A . n 
A 1 81  GLY 81  81  81  GLY GLY A . n 
A 1 82  LYS 82  82  82  LYS LYS A . n 
A 1 83  PRO 83  83  83  PRO PRO A . n 
A 1 84  VAL 84  84  84  VAL VAL A . n 
A 1 85  ILE 85  85  85  ILE ILE A . n 
A 1 86  MSE 86  86  86  MSE MSE A . n 
A 1 87  PRO 87  87  87  PRO PRO A . n 
A 1 88  ALA 88  88  88  ALA ALA A . n 
A 1 89  PRO 89  89  89  PRO PRO A . n 
A 1 90  GLY 90  90  90  GLY GLY A . n 
A 1 91  TYR 91  91  91  TYR TYR A . n 
A 1 92  LYS 92  92  92  LYS LYS A . n 
A 1 93  TRP 93  93  93  TRP TRP A . n 
A 1 94  ASN 94  94  94  ASN ASN A . n 
A 1 95  GLN 95  95  95  GLN GLN A . n 
A 1 96  LEU 96  96  96  LEU LEU A . n 
A 1 97  GLY 97  97  97  GLY GLY A . n 
A 1 98  GLY 98  98  98  GLY GLY A . n 
A 1 99  LEU 99  99  99  LEU LEU A . n 
A 1 100 TYR 100 100 100 TYR TYR A . n 
A 1 101 GLN 101 101 101 GLN GLN A . n 
A 1 102 SER 102 102 102 SER SER A . n 
A 1 103 PHE 103 103 103 PHE PHE A . n 
A 1 104 TYR 104 104 104 TYR TYR A . n 
A 1 105 ALA 105 105 105 ALA ALA A . n 
A 1 106 ALA 106 106 106 ALA ALA A . n 
A 1 107 TYR 107 107 107 TYR TYR A . n 
A 1 108 ALA 108 108 108 ALA ALA A . n 
A 1 109 ASP 109 109 109 ASP ASP A . n 
A 1 110 LEU 110 110 110 LEU LEU A . n 
A 1 111 SER 111 111 111 SER SER A . n 
A 1 112 LEU 112 112 112 LEU LEU A . n 
A 1 113 THR 113 113 113 THR THR A . n 
A 1 114 GLU 114 114 114 GLU GLU A . n 
A 1 115 LEU 115 115 115 LEU LEU A . n 
A 1 116 ARG 116 116 116 ARG ARG A . n 
A 1 117 ARG 117 117 117 ARG ARG A . n 
A 1 118 LEU 118 118 118 LEU LEU A . n 
A 1 119 PHE 119 119 119 PHE PHE A . n 
A 1 120 ARG 120 120 120 ARG ARG A . n 
A 1 121 ASP 121 121 121 ASP ASP A . n 
A 1 122 THR 122 122 122 THR THR A . n 
A 1 123 GLU 123 123 123 GLU GLU A . n 
A 1 124 ARG 124 124 124 ARG ARG A . n 
A 1 125 GLN 125 125 125 GLN GLN A . n 
A 1 126 TRP 126 126 126 TRP TRP A . n 
A 1 127 LEU 127 127 127 LEU LEU A . n 
A 1 128 ASP 128 128 128 ASP ASP A . n 
A 1 129 TRP 129 129 129 TRP TRP A . n 
A 1 130 ILE 130 130 130 ILE ILE A . n 
A 1 131 ASP 131 131 131 ASP ASP A . n 
A 1 132 THR 132 132 132 THR THR A . n 
A 1 133 LEU 133 133 133 LEU LEU A . n 
A 1 134 SER 134 134 134 SER SER A . n 
A 1 135 GLU 135 135 135 GLU GLU A . n 
A 1 136 GLU 136 136 136 GLU GLU A . n 
A 1 137 ASP 137 137 137 ASP ASP A . n 
A 1 138 LEU 138 138 138 LEU LEU A . n 
A 1 139 PHE 139 139 139 PHE PHE A . n 
A 1 140 THR 140 140 140 THR THR A . n 
A 1 141 GLN 141 141 141 GLN GLN A . n 
A 1 142 SER 142 142 142 SER SER A . n 
A 1 143 VAL 143 143 143 VAL VAL A . n 
A 1 144 ARG 144 144 144 ARG ARG A . n 
A 1 145 LYS 145 145 145 LYS LYS A . n 
A 1 146 TRP 146 146 146 TRP TRP A . n 
A 1 147 THR 147 147 147 THR THR A . n 
A 1 148 GLY 148 148 148 GLY GLY A . n 
A 1 149 ASP 149 149 149 ASP ASP A . n 
A 1 150 LYS 150 150 150 LYS LYS A . n 
A 1 151 PRO 151 151 151 PRO PRO A . n 
A 1 152 ASN 152 152 152 ASN ASN A . n 
A 1 153 TRP 153 153 153 TRP TRP A . n 
A 1 154 PRO 154 154 154 PRO PRO A . n 
A 1 155 MSE 155 155 155 MSE MSE A . n 
A 1 156 ALA 156 156 156 ALA ALA A . n 
A 1 157 ARG 157 157 157 ARG ARG A . n 
A 1 158 TRP 158 158 158 TRP TRP A . n 
A 1 159 ILE 159 159 159 ILE ILE A . n 
A 1 160 HIS 160 160 160 HIS HIS A . n 
A 1 161 ILE 161 161 161 ILE ILE A . n 
A 1 162 ASN 162 162 162 ASN ASN A . n 
A 1 163 SER 163 163 163 SER SER A . n 
A 1 164 ALA 164 164 164 ALA ALA A . n 
A 1 165 ALA 165 165 165 ALA ALA A . n 
A 1 166 PRO 166 166 166 PRO PRO A . n 
A 1 167 PHE 167 167 167 PHE PHE A . n 
A 1 168 LYS 168 168 168 LYS LYS A . n 
A 1 169 THR 169 169 169 THR THR A . n 
A 1 170 PHE 170 170 170 PHE PHE A . n 
A 1 171 ARG 171 171 171 ARG ARG A . n 
A 1 172 ALA 172 172 172 ALA ALA A . n 
A 1 173 LYS 173 173 173 LYS LYS A . n 
A 1 174 ILE 174 174 174 ILE ILE A . n 
A 1 175 ARG 175 175 175 ARG ARG A . n 
A 1 176 LYS 176 176 176 LYS LYS A . n 
A 1 177 TRP 177 177 177 TRP TRP A . n 
A 1 178 LYS 178 178 178 LYS LYS A . n 
A 1 179 LYS 179 179 179 LYS LYS A . n 
A 1 180 HIS 180 180 180 HIS HIS A . n 
A 1 181 GLN 181 181 181 GLN GLN A . n 
A 1 182 ARG 182 182 182 ARG ARG A . n 
A 1 183 GLN 183 183 183 GLN GLN A . n 
A 1 184 ALA 184 184 184 ALA ALA A . n 
# 
loop_
_pdbx_nonpoly_scheme.asym_id 
_pdbx_nonpoly_scheme.entity_id 
_pdbx_nonpoly_scheme.mon_id 
_pdbx_nonpoly_scheme.ndb_seq_num 
_pdbx_nonpoly_scheme.pdb_seq_num 
_pdbx_nonpoly_scheme.auth_seq_num 
_pdbx_nonpoly_scheme.pdb_mon_id 
_pdbx_nonpoly_scheme.auth_mon_id 
_pdbx_nonpoly_scheme.pdb_strand_id 
_pdbx_nonpoly_scheme.pdb_ins_code 
B 2 HOH 1   201 61  HOH HOH A . 
B 2 HOH 2   202 98  HOH HOH A . 
B 2 HOH 3   203 62  HOH HOH A . 
B 2 HOH 4   204 59  HOH HOH A . 
B 2 HOH 5   205 108 HOH HOH A . 
B 2 HOH 6   206 114 HOH HOH A . 
B 2 HOH 7   207 209 HOH HOH A . 
B 2 HOH 8   208 77  HOH HOH A . 
B 2 HOH 9   209 158 HOH HOH A . 
B 2 HOH 10  210 183 HOH HOH A . 
B 2 HOH 11  211 63  HOH HOH A . 
B 2 HOH 12  212 131 HOH HOH A . 
B 2 HOH 13  213 186 HOH HOH A . 
B 2 HOH 14  214 87  HOH HOH A . 
B 2 HOH 15  215 116 HOH HOH A . 
B 2 HOH 16  216 60  HOH HOH A . 
B 2 HOH 17  217 207 HOH HOH A . 
B 2 HOH 18  218 120 HOH HOH A . 
B 2 HOH 19  219 6   HOH HOH A . 
B 2 HOH 20  220 171 HOH HOH A . 
B 2 HOH 21  221 222 HOH HOH A . 
B 2 HOH 22  222 181 HOH HOH A . 
B 2 HOH 23  223 187 HOH HOH A . 
B 2 HOH 24  224 40  HOH HOH A . 
B 2 HOH 25  225 154 HOH HOH A . 
B 2 HOH 26  226 93  HOH HOH A . 
B 2 HOH 27  227 47  HOH HOH A . 
B 2 HOH 28  228 74  HOH HOH A . 
B 2 HOH 29  229 23  HOH HOH A . 
B 2 HOH 30  230 14  HOH HOH A . 
B 2 HOH 31  231 117 HOH HOH A . 
B 2 HOH 32  232 102 HOH HOH A . 
B 2 HOH 33  233 7   HOH HOH A . 
B 2 HOH 34  234 230 HOH HOH A . 
B 2 HOH 35  235 24  HOH HOH A . 
B 2 HOH 36  236 80  HOH HOH A . 
B 2 HOH 37  237 8   HOH HOH A . 
B 2 HOH 38  238 84  HOH HOH A . 
B 2 HOH 39  239 4   HOH HOH A . 
B 2 HOH 40  240 32  HOH HOH A . 
B 2 HOH 41  241 33  HOH HOH A . 
B 2 HOH 42  242 100 HOH HOH A . 
B 2 HOH 43  243 188 HOH HOH A . 
B 2 HOH 44  244 92  HOH HOH A . 
B 2 HOH 45  245 139 HOH HOH A . 
B 2 HOH 46  246 85  HOH HOH A . 
B 2 HOH 47  247 54  HOH HOH A . 
B 2 HOH 48  248 214 HOH HOH A . 
B 2 HOH 49  249 127 HOH HOH A . 
B 2 HOH 50  250 86  HOH HOH A . 
B 2 HOH 51  251 226 HOH HOH A . 
B 2 HOH 52  252 65  HOH HOH A . 
B 2 HOH 53  253 90  HOH HOH A . 
B 2 HOH 54  254 52  HOH HOH A . 
B 2 HOH 55  255 50  HOH HOH A . 
B 2 HOH 56  256 5   HOH HOH A . 
B 2 HOH 57  257 141 HOH HOH A . 
B 2 HOH 58  258 3   HOH HOH A . 
B 2 HOH 59  259 30  HOH HOH A . 
B 2 HOH 60  260 82  HOH HOH A . 
B 2 HOH 61  261 26  HOH HOH A . 
B 2 HOH 62  262 196 HOH HOH A . 
B 2 HOH 63  263 36  HOH HOH A . 
B 2 HOH 64  264 16  HOH HOH A . 
B 2 HOH 65  265 51  HOH HOH A . 
B 2 HOH 66  266 109 HOH HOH A . 
B 2 HOH 67  267 13  HOH HOH A . 
B 2 HOH 68  268 1   HOH HOH A . 
B 2 HOH 69  269 20  HOH HOH A . 
B 2 HOH 70  270 110 HOH HOH A . 
B 2 HOH 71  271 66  HOH HOH A . 
B 2 HOH 72  272 12  HOH HOH A . 
B 2 HOH 73  273 18  HOH HOH A . 
B 2 HOH 74  274 70  HOH HOH A . 
B 2 HOH 75  275 22  HOH HOH A . 
B 2 HOH 76  276 56  HOH HOH A . 
B 2 HOH 77  277 69  HOH HOH A . 
B 2 HOH 78  278 157 HOH HOH A . 
B 2 HOH 79  279 2   HOH HOH A . 
B 2 HOH 80  280 175 HOH HOH A . 
B 2 HOH 81  281 81  HOH HOH A . 
B 2 HOH 82  282 105 HOH HOH A . 
B 2 HOH 83  283 31  HOH HOH A . 
B 2 HOH 84  284 200 HOH HOH A . 
B 2 HOH 85  285 44  HOH HOH A . 
B 2 HOH 86  286 15  HOH HOH A . 
B 2 HOH 87  287 79  HOH HOH A . 
B 2 HOH 88  288 185 HOH HOH A . 
B 2 HOH 89  289 21  HOH HOH A . 
B 2 HOH 90  290 27  HOH HOH A . 
B 2 HOH 91  291 228 HOH HOH A . 
B 2 HOH 92  292 152 HOH HOH A . 
B 2 HOH 93  293 128 HOH HOH A . 
B 2 HOH 94  294 206 HOH HOH A . 
B 2 HOH 95  295 106 HOH HOH A . 
B 2 HOH 96  296 177 HOH HOH A . 
B 2 HOH 97  297 42  HOH HOH A . 
B 2 HOH 98  298 38  HOH HOH A . 
B 2 HOH 99  299 89  HOH HOH A . 
B 2 HOH 100 300 172 HOH HOH A . 
B 2 HOH 101 301 39  HOH HOH A . 
B 2 HOH 102 302 55  HOH HOH A . 
B 2 HOH 103 303 204 HOH HOH A . 
B 2 HOH 104 304 125 HOH HOH A . 
B 2 HOH 105 305 150 HOH HOH A . 
B 2 HOH 106 306 166 HOH HOH A . 
B 2 HOH 107 307 83  HOH HOH A . 
B 2 HOH 108 308 148 HOH HOH A . 
B 2 HOH 109 309 9   HOH HOH A . 
B 2 HOH 110 310 19  HOH HOH A . 
B 2 HOH 111 311 205 HOH HOH A . 
B 2 HOH 112 312 189 HOH HOH A . 
B 2 HOH 113 313 35  HOH HOH A . 
B 2 HOH 114 314 28  HOH HOH A . 
B 2 HOH 115 315 78  HOH HOH A . 
B 2 HOH 116 316 160 HOH HOH A . 
B 2 HOH 117 317 43  HOH HOH A . 
B 2 HOH 118 318 129 HOH HOH A . 
B 2 HOH 119 319 159 HOH HOH A . 
B 2 HOH 120 320 88  HOH HOH A . 
B 2 HOH 121 321 229 HOH HOH A . 
B 2 HOH 122 322 17  HOH HOH A . 
B 2 HOH 123 323 161 HOH HOH A . 
B 2 HOH 124 324 67  HOH HOH A . 
B 2 HOH 125 325 57  HOH HOH A . 
B 2 HOH 126 326 224 HOH HOH A . 
B 2 HOH 127 327 25  HOH HOH A . 
B 2 HOH 128 328 194 HOH HOH A . 
B 2 HOH 129 329 140 HOH HOH A . 
B 2 HOH 130 330 97  HOH HOH A . 
B 2 HOH 131 331 58  HOH HOH A . 
B 2 HOH 132 332 73  HOH HOH A . 
B 2 HOH 133 333 151 HOH HOH A . 
B 2 HOH 134 334 202 HOH HOH A . 
B 2 HOH 135 335 130 HOH HOH A . 
B 2 HOH 136 336 164 HOH HOH A . 
B 2 HOH 137 337 192 HOH HOH A . 
B 2 HOH 138 338 135 HOH HOH A . 
B 2 HOH 139 339 216 HOH HOH A . 
B 2 HOH 140 340 48  HOH HOH A . 
B 2 HOH 141 341 10  HOH HOH A . 
B 2 HOH 142 342 156 HOH HOH A . 
B 2 HOH 143 343 168 HOH HOH A . 
B 2 HOH 144 344 195 HOH HOH A . 
B 2 HOH 145 345 11  HOH HOH A . 
B 2 HOH 146 346 29  HOH HOH A . 
B 2 HOH 147 347 182 HOH HOH A . 
B 2 HOH 148 348 180 HOH HOH A . 
B 2 HOH 149 349 45  HOH HOH A . 
B 2 HOH 150 350 227 HOH HOH A . 
B 2 HOH 151 351 124 HOH HOH A . 
B 2 HOH 152 352 101 HOH HOH A . 
B 2 HOH 153 353 34  HOH HOH A . 
B 2 HOH 154 354 137 HOH HOH A . 
B 2 HOH 155 355 237 HOH HOH A . 
B 2 HOH 156 356 126 HOH HOH A . 
B 2 HOH 157 357 41  HOH HOH A . 
B 2 HOH 158 358 236 HOH HOH A . 
B 2 HOH 159 359 75  HOH HOH A . 
B 2 HOH 160 360 231 HOH HOH A . 
B 2 HOH 161 361 217 HOH HOH A . 
B 2 HOH 162 362 142 HOH HOH A . 
B 2 HOH 163 363 220 HOH HOH A . 
B 2 HOH 164 364 99  HOH HOH A . 
B 2 HOH 165 365 176 HOH HOH A . 
B 2 HOH 166 366 167 HOH HOH A . 
B 2 HOH 167 367 133 HOH HOH A . 
B 2 HOH 168 368 173 HOH HOH A . 
B 2 HOH 169 369 76  HOH HOH A . 
B 2 HOH 170 370 134 HOH HOH A . 
B 2 HOH 171 371 162 HOH HOH A . 
B 2 HOH 172 372 213 HOH HOH A . 
B 2 HOH 173 373 91  HOH HOH A . 
B 2 HOH 174 374 153 HOH HOH A . 
B 2 HOH 175 375 163 HOH HOH A . 
B 2 HOH 176 376 145 HOH HOH A . 
B 2 HOH 177 377 190 HOH HOH A . 
B 2 HOH 178 378 64  HOH HOH A . 
B 2 HOH 179 379 199 HOH HOH A . 
B 2 HOH 180 380 136 HOH HOH A . 
B 2 HOH 181 381 96  HOH HOH A . 
B 2 HOH 182 382 238 HOH HOH A . 
B 2 HOH 183 383 170 HOH HOH A . 
B 2 HOH 184 384 233 HOH HOH A . 
B 2 HOH 185 385 212 HOH HOH A . 
B 2 HOH 186 386 184 HOH HOH A . 
B 2 HOH 187 387 144 HOH HOH A . 
B 2 HOH 188 388 94  HOH HOH A . 
B 2 HOH 189 389 197 HOH HOH A . 
B 2 HOH 190 390 210 HOH HOH A . 
B 2 HOH 191 391 215 HOH HOH A . 
B 2 HOH 192 392 121 HOH HOH A . 
B 2 HOH 193 393 147 HOH HOH A . 
B 2 HOH 194 394 118 HOH HOH A . 
B 2 HOH 195 395 149 HOH HOH A . 
B 2 HOH 196 396 111 HOH HOH A . 
B 2 HOH 197 397 211 HOH HOH A . 
B 2 HOH 198 398 143 HOH HOH A . 
B 2 HOH 199 399 37  HOH HOH A . 
B 2 HOH 200 400 138 HOH HOH A . 
B 2 HOH 201 401 219 HOH HOH A . 
B 2 HOH 202 402 146 HOH HOH A . 
B 2 HOH 203 403 132 HOH HOH A . 
B 2 HOH 204 404 201 HOH HOH A . 
B 2 HOH 205 405 179 HOH HOH A . 
B 2 HOH 206 406 169 HOH HOH A . 
B 2 HOH 207 407 103 HOH HOH A . 
B 2 HOH 208 408 234 HOH HOH A . 
B 2 HOH 209 409 208 HOH HOH A . 
B 2 HOH 210 410 53  HOH HOH A . 
B 2 HOH 211 411 155 HOH HOH A . 
B 2 HOH 212 412 174 HOH HOH A . 
B 2 HOH 213 413 72  HOH HOH A . 
B 2 HOH 214 414 221 HOH HOH A . 
B 2 HOH 215 415 113 HOH HOH A . 
B 2 HOH 216 416 218 HOH HOH A . 
B 2 HOH 217 417 193 HOH HOH A . 
B 2 HOH 218 418 235 HOH HOH A . 
B 2 HOH 219 419 71  HOH HOH A . 
B 2 HOH 220 420 115 HOH HOH A . 
B 2 HOH 221 421 225 HOH HOH A . 
B 2 HOH 222 422 203 HOH HOH A . 
B 2 HOH 223 423 165 HOH HOH A . 
B 2 HOH 224 424 191 HOH HOH A . 
B 2 HOH 225 425 122 HOH HOH A . 
B 2 HOH 226 426 95  HOH HOH A . 
B 2 HOH 227 427 46  HOH HOH A . 
B 2 HOH 228 428 223 HOH HOH A . 
B 2 HOH 229 429 198 HOH HOH A . 
B 2 HOH 230 430 178 HOH HOH A . 
B 2 HOH 231 431 49  HOH HOH A . 
B 2 HOH 232 432 232 HOH HOH A . 
B 2 HOH 233 433 123 HOH HOH A . 
B 2 HOH 234 434 112 HOH HOH A . 
B 2 HOH 235 435 104 HOH HOH A . 
B 2 HOH 236 436 119 HOH HOH A . 
B 2 HOH 237 437 68  HOH HOH A . 
B 2 HOH 238 438 107 HOH HOH A . 
# 
loop_
_software.citation_id 
_software.classification 
_software.compiler_name 
_software.compiler_version 
_software.contact_author 
_software.contact_author_email 
_software.date 
_software.description 
_software.dependencies 
_software.hardware 
_software.language 
_software.location 
_software.mods 
_software.name 
_software.os 
_software.os_version 
_software.type 
_software.version 
_software.pdbx_ordinal 
? refinement       ? ? ? ? ? ? ? ? ? ? ? PHENIX ? ? ? 1.9_1692 1 
? 'data reduction' ? ? ? ? ? ? ? ? ? ? ? xia2   ? ? ? .        2 
? 'data scaling'   ? ? ? ? ? ? ? ? ? ? ? xia2   ? ? ? .        3 
? phasing          ? ? ? ? ? ? ? ? ? ? ? PHENIX ? ? ? .        4 
# 
_cell.angle_alpha                  90.00 
_cell.angle_alpha_esd              ? 
_cell.angle_beta                   90.00 
_cell.angle_beta_esd               ? 
_cell.angle_gamma                  90.00 
_cell.angle_gamma_esd              ? 
_cell.entry_id                     5CIV 
_cell.details                      ? 
_cell.formula_units_Z              ? 
_cell.length_a                     47.590 
_cell.length_a_esd                 ? 
_cell.length_b                     47.680 
_cell.length_b_esd                 ? 
_cell.length_c                     72.300 
_cell.length_c_esd                 ? 
_cell.volume                       ? 
_cell.volume_esd                   ? 
_cell.Z_PDB                        4 
_cell.reciprocal_angle_alpha       ? 
_cell.reciprocal_angle_beta        ? 
_cell.reciprocal_angle_gamma       ? 
_cell.reciprocal_angle_alpha_esd   ? 
_cell.reciprocal_angle_beta_esd    ? 
_cell.reciprocal_angle_gamma_esd   ? 
_cell.reciprocal_length_a          ? 
_cell.reciprocal_length_b          ? 
_cell.reciprocal_length_c          ? 
_cell.reciprocal_length_a_esd      ? 
_cell.reciprocal_length_b_esd      ? 
_cell.reciprocal_length_c_esd      ? 
_cell.pdbx_unique_axis             ? 
# 
_symmetry.entry_id                         5CIV 
_symmetry.cell_setting                     ? 
_symmetry.Int_Tables_number                19 
_symmetry.space_group_name_Hall            ? 
_symmetry.space_group_name_H-M             'P 21 21 21' 
_symmetry.pdbx_full_space_group_name_H-M   ? 
# 
_exptl.absorpt_coefficient_mu     ? 
_exptl.absorpt_correction_T_max   ? 
_exptl.absorpt_correction_T_min   ? 
_exptl.absorpt_correction_type    ? 
_exptl.absorpt_process_details    ? 
_exptl.entry_id                   5CIV 
_exptl.crystals_number            ? 
_exptl.details                    ? 
_exptl.method                     'X-RAY DIFFRACTION' 
_exptl.method_details             ? 
# 
_exptl_crystal.colour                      ? 
_exptl_crystal.density_diffrn              ? 
_exptl_crystal.density_Matthews            1.98 
_exptl_crystal.density_method              ? 
_exptl_crystal.density_percent_sol         38 
_exptl_crystal.description                 ? 
_exptl_crystal.F_000                       ? 
_exptl_crystal.id                          1 
_exptl_crystal.preparation                 ? 
_exptl_crystal.size_max                    ? 
_exptl_crystal.size_mid                    ? 
_exptl_crystal.size_min                    ? 
_exptl_crystal.size_rad                    ? 
_exptl_crystal.colour_lustre               ? 
_exptl_crystal.colour_modifier             ? 
_exptl_crystal.colour_primary              ? 
_exptl_crystal.density_meas                ? 
_exptl_crystal.density_meas_esd            ? 
_exptl_crystal.density_meas_gt             ? 
_exptl_crystal.density_meas_lt             ? 
_exptl_crystal.density_meas_temp           ? 
_exptl_crystal.density_meas_temp_esd       ? 
_exptl_crystal.density_meas_temp_gt        ? 
_exptl_crystal.density_meas_temp_lt        ? 
_exptl_crystal.pdbx_crystal_image_url      ? 
_exptl_crystal.pdbx_crystal_image_format   ? 
_exptl_crystal.pdbx_mosaicity              ? 
_exptl_crystal.pdbx_mosaicity_esd          ? 
# 
_exptl_crystal_grow.apparatus       ? 
_exptl_crystal_grow.atmosphere      ? 
_exptl_crystal_grow.crystal_id      1 
_exptl_crystal_grow.details         ? 
_exptl_crystal_grow.method          'VAPOR DIFFUSION, SITTING DROP' 
_exptl_crystal_grow.method_ref      ? 
_exptl_crystal_grow.pH              8.5 
_exptl_crystal_grow.pressure        ? 
_exptl_crystal_grow.pressure_esd    ? 
_exptl_crystal_grow.seeding         ? 
_exptl_crystal_grow.seeding_ref     ? 
_exptl_crystal_grow.temp            293 
_exptl_crystal_grow.temp_details    ? 
_exptl_crystal_grow.temp_esd        ? 
_exptl_crystal_grow.time            ? 
_exptl_crystal_grow.pdbx_details    
;12% PEG 550 MME, 6% PEG 20,000, 0.1 M Sodium formate; 0.1 M Ammonium acetate; 0.1 M Sodium citrate tribasic dihydrate; 0.1 M Sodium potassium tartrate tetrahydrate; 0.1 M Sodium oxamate, 0.1 M Tris, 0.1 M Bicine
;
_exptl_crystal_grow.pdbx_pH_range   8.5 
# 
_diffrn.ambient_environment    ? 
_diffrn.ambient_temp           110 
_diffrn.ambient_temp_details   ? 
_diffrn.ambient_temp_esd       ? 
_diffrn.crystal_id             1 
_diffrn.crystal_support        ? 
_diffrn.crystal_treatment      ? 
_diffrn.details                ? 
_diffrn.id                     1 
_diffrn.ambient_pressure       ? 
_diffrn.ambient_pressure_esd   ? 
_diffrn.ambient_pressure_gt    ? 
_diffrn.ambient_pressure_lt    ? 
_diffrn.ambient_temp_gt        ? 
_diffrn.ambient_temp_lt        ? 
# 
_diffrn_detector.details                      ? 
_diffrn_detector.detector                     PIXEL 
_diffrn_detector.diffrn_id                    1 
_diffrn_detector.type                         'DECTRIS PILATUS 6M' 
_diffrn_detector.area_resol_mean              ? 
_diffrn_detector.dtime                        ? 
_diffrn_detector.pdbx_frames_total            ? 
_diffrn_detector.pdbx_collection_time_total   ? 
_diffrn_detector.pdbx_collection_date         2011-05-31 
# 
_diffrn_radiation.collimation                      ? 
_diffrn_radiation.diffrn_id                        1 
_diffrn_radiation.filter_edge                      ? 
_diffrn_radiation.inhomogeneity                    ? 
_diffrn_radiation.monochromator                    0.97880 
_diffrn_radiation.polarisn_norm                    ? 
_diffrn_radiation.polarisn_ratio                   ? 
_diffrn_radiation.probe                            ? 
_diffrn_radiation.type                             ? 
_diffrn_radiation.xray_symbol                      ? 
_diffrn_radiation.wavelength_id                    1 
_diffrn_radiation.pdbx_monochromatic_or_laue_m_l   M 
_diffrn_radiation.pdbx_wavelength_list             ? 
_diffrn_radiation.pdbx_wavelength                  ? 
_diffrn_radiation.pdbx_diffrn_protocol             'SINGLE WAVELENGTH' 
_diffrn_radiation.pdbx_analyzer                    ? 
_diffrn_radiation.pdbx_scattering_type             x-ray 
# 
_diffrn_radiation_wavelength.id           1 
_diffrn_radiation_wavelength.wavelength   0.9788 
_diffrn_radiation_wavelength.wt           1.0 
# 
_diffrn_source.current                     ? 
_diffrn_source.details                     ? 
_diffrn_source.diffrn_id                   1 
_diffrn_source.power                       ? 
_diffrn_source.size                        ? 
_diffrn_source.source                      SYNCHROTRON 
_diffrn_source.target                      ? 
_diffrn_source.type                        'DIAMOND BEAMLINE I03' 
_diffrn_source.voltage                     ? 
_diffrn_source.take-off_angle              ? 
_diffrn_source.pdbx_wavelength_list        0.9788 
_diffrn_source.pdbx_wavelength             ? 
_diffrn_source.pdbx_synchrotron_beamline   I03 
_diffrn_source.pdbx_synchrotron_site       Diamond 
# 
_reflns.B_iso_Wilson_estimate            ? 
_reflns.entry_id                         5CIV 
_reflns.data_reduction_details           ? 
_reflns.data_reduction_method            ? 
_reflns.d_resolution_high                1.38 
_reflns.d_resolution_low                 21.51 
_reflns.details                          ? 
_reflns.limit_h_max                      ? 
_reflns.limit_h_min                      ? 
_reflns.limit_k_max                      ? 
_reflns.limit_k_min                      ? 
_reflns.limit_l_max                      ? 
_reflns.limit_l_min                      ? 
_reflns.number_all                       ? 
_reflns.number_obs                       32427 
_reflns.observed_criterion               ? 
_reflns.observed_criterion_F_max         ? 
_reflns.observed_criterion_F_min         ? 
_reflns.observed_criterion_I_max         ? 
_reflns.observed_criterion_I_min         ? 
_reflns.observed_criterion_sigma_F       ? 
_reflns.observed_criterion_sigma_I       ? 
_reflns.percent_possible_obs             94.72 
_reflns.R_free_details                   ? 
_reflns.Rmerge_F_all                     ? 
_reflns.Rmerge_F_obs                     ? 
_reflns.Friedel_coverage                 ? 
_reflns.number_gt                        ? 
_reflns.threshold_expression             ? 
_reflns.pdbx_redundancy                  6.1 
_reflns.pdbx_Rmerge_I_obs                0.025 
_reflns.pdbx_Rmerge_I_all                ? 
_reflns.pdbx_Rsym_value                  ? 
_reflns.pdbx_netI_over_av_sigmaI         ? 
_reflns.pdbx_netI_over_sigmaI            17.4 
_reflns.pdbx_res_netI_over_av_sigmaI_2   ? 
_reflns.pdbx_res_netI_over_sigmaI_2      ? 
_reflns.pdbx_chi_squared                 ? 
_reflns.pdbx_scaling_rejects             ? 
_reflns.pdbx_d_res_high_opt              ? 
_reflns.pdbx_d_res_low_opt               ? 
_reflns.pdbx_d_res_opt_method            ? 
_reflns.phase_calculation_details        ? 
_reflns.pdbx_Rrim_I_all                  ? 
_reflns.pdbx_Rpim_I_all                  ? 
_reflns.pdbx_d_opt                       ? 
_reflns.pdbx_number_measured_all         ? 
_reflns.pdbx_diffrn_id                   1 
_reflns.pdbx_ordinal                     1 
_reflns.pdbx_CC_half                     ? 
_reflns.pdbx_R_split                     ? 
# 
_reflns_shell.d_res_high                  1.38 
_reflns_shell.d_res_low                   1.42 
_reflns_shell.meanI_over_sigI_all         ? 
_reflns_shell.meanI_over_sigI_obs         ? 
_reflns_shell.number_measured_all         ? 
_reflns_shell.number_measured_obs         ? 
_reflns_shell.number_possible             ? 
_reflns_shell.number_unique_all           ? 
_reflns_shell.number_unique_obs           ? 
_reflns_shell.percent_possible_all        74.2 
_reflns_shell.percent_possible_obs        ? 
_reflns_shell.Rmerge_F_all                ? 
_reflns_shell.Rmerge_F_obs                ? 
_reflns_shell.Rmerge_I_all                ? 
_reflns_shell.Rmerge_I_obs                ? 
_reflns_shell.meanI_over_sigI_gt          ? 
_reflns_shell.meanI_over_uI_all           ? 
_reflns_shell.meanI_over_uI_gt            ? 
_reflns_shell.number_measured_gt          ? 
_reflns_shell.number_unique_gt            ? 
_reflns_shell.percent_possible_gt         ? 
_reflns_shell.Rmerge_F_gt                 ? 
_reflns_shell.Rmerge_I_gt                 ? 
_reflns_shell.pdbx_redundancy             4.4 
_reflns_shell.pdbx_Rsym_value             ? 
_reflns_shell.pdbx_chi_squared            ? 
_reflns_shell.pdbx_netI_over_sigmaI_all   ? 
_reflns_shell.pdbx_netI_over_sigmaI_obs   ? 
_reflns_shell.pdbx_Rrim_I_all             ? 
_reflns_shell.pdbx_Rpim_I_all             ? 
_reflns_shell.pdbx_rejects                ? 
_reflns_shell.pdbx_ordinal                1 
_reflns_shell.pdbx_diffrn_id              1 
_reflns_shell.pdbx_CC_half                ? 
_reflns_shell.pdbx_R_split                ? 
# 
_refine.aniso_B[1][1]                            ? 
_refine.aniso_B[1][2]                            ? 
_refine.aniso_B[1][3]                            ? 
_refine.aniso_B[2][2]                            ? 
_refine.aniso_B[2][3]                            ? 
_refine.aniso_B[3][3]                            ? 
_refine.B_iso_max                                ? 
_refine.B_iso_mean                               ? 
_refine.B_iso_min                                ? 
_refine.correlation_coeff_Fo_to_Fc               ? 
_refine.correlation_coeff_Fo_to_Fc_free          ? 
_refine.details                                  ? 
_refine.diff_density_max                         ? 
_refine.diff_density_max_esd                     ? 
_refine.diff_density_min                         ? 
_refine.diff_density_min_esd                     ? 
_refine.diff_density_rms                         ? 
_refine.diff_density_rms_esd                     ? 
_refine.entry_id                                 5CIV 
_refine.pdbx_refine_id                           'X-RAY DIFFRACTION' 
_refine.ls_abs_structure_details                 ? 
_refine.ls_abs_structure_Flack                   ? 
_refine.ls_abs_structure_Flack_esd               ? 
_refine.ls_abs_structure_Rogers                  ? 
_refine.ls_abs_structure_Rogers_esd              ? 
_refine.ls_d_res_high                            1.384 
_refine.ls_d_res_low                             21.509 
_refine.ls_extinction_coef                       ? 
_refine.ls_extinction_coef_esd                   ? 
_refine.ls_extinction_expression                 ? 
_refine.ls_extinction_method                     ? 
_refine.ls_goodness_of_fit_all                   ? 
_refine.ls_goodness_of_fit_all_esd               ? 
_refine.ls_goodness_of_fit_obs                   ? 
_refine.ls_goodness_of_fit_obs_esd               ? 
_refine.ls_hydrogen_treatment                    ? 
_refine.ls_matrix_type                           ? 
_refine.ls_number_constraints                    ? 
_refine.ls_number_parameters                     ? 
_refine.ls_number_reflns_all                     ? 
_refine.ls_number_reflns_obs                     32427 
_refine.ls_number_reflns_R_free                  1967 
_refine.ls_number_reflns_R_work                  ? 
_refine.ls_number_restraints                     ? 
_refine.ls_percent_reflns_obs                    94.72 
_refine.ls_percent_reflns_R_free                 6.07 
_refine.ls_R_factor_all                          ? 
_refine.ls_R_factor_obs                          0.1824 
_refine.ls_R_factor_R_free                       0.1988 
_refine.ls_R_factor_R_free_error                 ? 
_refine.ls_R_factor_R_free_error_details         ? 
_refine.ls_R_factor_R_work                       0.1814 
_refine.ls_R_Fsqd_factor_obs                     ? 
_refine.ls_R_I_factor_obs                        ? 
_refine.ls_redundancy_reflns_all                 ? 
_refine.ls_redundancy_reflns_obs                 ? 
_refine.ls_restrained_S_all                      ? 
_refine.ls_restrained_S_obs                      ? 
_refine.ls_shift_over_esd_max                    ? 
_refine.ls_shift_over_esd_mean                   ? 
_refine.ls_structure_factor_coef                 ? 
_refine.ls_weighting_details                     ? 
_refine.ls_weighting_scheme                      ? 
_refine.ls_wR_factor_all                         ? 
_refine.ls_wR_factor_obs                         ? 
_refine.ls_wR_factor_R_free                      ? 
_refine.ls_wR_factor_R_work                      ? 
_refine.occupancy_max                            ? 
_refine.occupancy_min                            ? 
_refine.solvent_model_details                    'FLAT BULK SOLVENT MODEL' 
_refine.solvent_model_param_bsol                 ? 
_refine.solvent_model_param_ksol                 ? 
_refine.ls_R_factor_gt                           ? 
_refine.ls_goodness_of_fit_gt                    ? 
_refine.ls_goodness_of_fit_ref                   ? 
_refine.ls_shift_over_su_max                     ? 
_refine.ls_shift_over_su_max_lt                  ? 
_refine.ls_shift_over_su_mean                    ? 
_refine.ls_shift_over_su_mean_lt                 ? 
_refine.pdbx_ls_sigma_I                          ? 
_refine.pdbx_ls_sigma_F                          0.00 
_refine.pdbx_ls_sigma_Fsqd                       ? 
_refine.pdbx_data_cutoff_high_absF               ? 
_refine.pdbx_data_cutoff_high_rms_absF           ? 
_refine.pdbx_data_cutoff_low_absF                ? 
_refine.pdbx_isotropic_thermal_model             ? 
_refine.pdbx_ls_cross_valid_method               'FREE R-VALUE' 
_refine.pdbx_method_to_determine_struct          SAD 
_refine.pdbx_starting_model                      ? 
_refine.pdbx_stereochemistry_target_values       MLHL 
_refine.pdbx_R_Free_selection_details            ? 
_refine.pdbx_stereochem_target_val_spec_case     ? 
_refine.pdbx_overall_ESU_R                       ? 
_refine.pdbx_overall_ESU_R_Free                  ? 
_refine.pdbx_solvent_vdw_probe_radii             1.11 
_refine.pdbx_solvent_ion_probe_radii             ? 
_refine.pdbx_solvent_shrinkage_radii             0.90 
_refine.pdbx_real_space_R                        ? 
_refine.pdbx_density_correlation                 ? 
_refine.pdbx_pd_number_of_powder_patterns        ? 
_refine.pdbx_pd_number_of_points                 ? 
_refine.pdbx_pd_meas_number_of_points            ? 
_refine.pdbx_pd_proc_ls_prof_R_factor            ? 
_refine.pdbx_pd_proc_ls_prof_wR_factor           ? 
_refine.pdbx_pd_Marquardt_correlation_coeff      ? 
_refine.pdbx_pd_Fsqrd_R_factor                   ? 
_refine.pdbx_pd_ls_matrix_band_width             ? 
_refine.pdbx_overall_phase_error                 19.74 
_refine.pdbx_overall_SU_R_free_Cruickshank_DPI   ? 
_refine.pdbx_overall_SU_R_free_Blow_DPI          ? 
_refine.pdbx_overall_SU_R_Blow_DPI               ? 
_refine.pdbx_TLS_residual_ADP_flag               ? 
_refine.pdbx_diffrn_id                           1 
_refine.overall_SU_B                             ? 
_refine.overall_SU_ML                            0.13 
_refine.overall_SU_R_Cruickshank_DPI             ? 
_refine.overall_SU_R_free                        ? 
_refine.overall_FOM_free_R_set                   ? 
_refine.overall_FOM_work_R_set                   ? 
_refine.pdbx_average_fsc_overall                 ? 
_refine.pdbx_average_fsc_work                    ? 
_refine.pdbx_average_fsc_free                    ? 
# 
_refine_hist.pdbx_refine_id                   'X-RAY DIFFRACTION' 
_refine_hist.cycle_id                         LAST 
_refine_hist.pdbx_number_atoms_protein        1416 
_refine_hist.pdbx_number_atoms_nucleic_acid   0 
_refine_hist.pdbx_number_atoms_ligand         0 
_refine_hist.number_atoms_solvent             238 
_refine_hist.number_atoms_total               1654 
_refine_hist.d_res_high                       1.384 
_refine_hist.d_res_low                        21.509 
# 
loop_
_refine_ls_restr.pdbx_refine_id 
_refine_ls_restr.criterion 
_refine_ls_restr.dev_ideal 
_refine_ls_restr.dev_ideal_target 
_refine_ls_restr.number 
_refine_ls_restr.rejects 
_refine_ls_restr.type 
_refine_ls_restr.weight 
_refine_ls_restr.pdbx_restraint_function 
'X-RAY DIFFRACTION' ? 0.006  ? 1458 ? f_bond_d           ? ? 
'X-RAY DIFFRACTION' ? 1.022  ? 1977 ? f_angle_d          ? ? 
'X-RAY DIFFRACTION' ? 13.958 ? 540  ? f_dihedral_angle_d ? ? 
'X-RAY DIFFRACTION' ? 0.042  ? 200  ? f_chiral_restr     ? ? 
'X-RAY DIFFRACTION' ? 0.006  ? 252  ? f_plane_restr      ? ? 
# 
loop_
_refine_ls_shell.pdbx_refine_id 
_refine_ls_shell.d_res_high 
_refine_ls_shell.d_res_low 
_refine_ls_shell.number_reflns_all 
_refine_ls_shell.number_reflns_obs 
_refine_ls_shell.number_reflns_R_free 
_refine_ls_shell.number_reflns_R_work 
_refine_ls_shell.percent_reflns_obs 
_refine_ls_shell.percent_reflns_R_free 
_refine_ls_shell.R_factor_all 
_refine_ls_shell.R_factor_obs 
_refine_ls_shell.R_factor_R_free 
_refine_ls_shell.R_factor_R_free_error 
_refine_ls_shell.R_factor_R_work 
_refine_ls_shell.redundancy_reflns_all 
_refine_ls_shell.redundancy_reflns_obs 
_refine_ls_shell.wR_factor_all 
_refine_ls_shell.wR_factor_obs 
_refine_ls_shell.wR_factor_R_free 
_refine_ls_shell.wR_factor_R_work 
_refine_ls_shell.pdbx_total_number_of_bins_used 
_refine_ls_shell.pdbx_phase_error 
_refine_ls_shell.pdbx_fsc_work 
_refine_ls_shell.pdbx_fsc_free 
'X-RAY DIFFRACTION' 1.3843 1.4189  . . 96  1523 67.00  . . . 0.2757 . 0.2774 . . . . . . . . . . 
'X-RAY DIFFRACTION' 1.4189 1.4572  . . 122 1824 81.00  . . . 0.2584 . 0.2618 . . . . . . . . . . 
'X-RAY DIFFRACTION' 1.4572 1.5001  . . 136 2168 95.00  . . . 0.2324 . 0.2151 . . . . . . . . . . 
'X-RAY DIFFRACTION' 1.5001 1.5485  . . 140 2179 96.00  . . . 0.2158 . 0.2043 . . . . . . . . . . 
'X-RAY DIFFRACTION' 1.5485 1.6038  . . 145 2198 97.00  . . . 0.2226 . 0.1931 . . . . . . . . . . 
'X-RAY DIFFRACTION' 1.6038 1.6680  . . 143 2203 98.00  . . . 0.2146 . 0.1890 . . . . . . . . . . 
'X-RAY DIFFRACTION' 1.6680 1.7439  . . 143 2226 98.00  . . . 0.2049 . 0.1878 . . . . . . . . . . 
'X-RAY DIFFRACTION' 1.7439 1.8358  . . 143 2258 98.00  . . . 0.2375 . 0.1933 . . . . . . . . . . 
'X-RAY DIFFRACTION' 1.8358 1.9508  . . 144 2241 99.00  . . . 0.2093 . 0.1842 . . . . . . . . . . 
'X-RAY DIFFRACTION' 1.9508 2.1013  . . 145 2269 99.00  . . . 0.1859 . 0.1774 . . . . . . . . . . 
'X-RAY DIFFRACTION' 2.1013 2.3125  . . 150 2270 99.00  . . . 0.1957 . 0.1676 . . . . . . . . . . 
'X-RAY DIFFRACTION' 2.3125 2.6466  . . 150 2324 100.00 . . . 0.2336 . 0.1780 . . . . . . . . . . 
'X-RAY DIFFRACTION' 2.6466 3.3324  . . 151 2338 100.00 . . . 0.1689 . 0.1815 . . . . . . . . . . 
'X-RAY DIFFRACTION' 3.3324 21.5112 . . 159 2439 99.00  . . . 0.1746 . 0.1635 . . . . . . . . . . 
# 
_struct.entry_id                     5CIV 
_struct.title                        'Sibling Lethal Factor Precursor - DfsB' 
_struct.pdbx_model_details           ? 
_struct.pdbx_formula_weight          ? 
_struct.pdbx_formula_weight_method   ? 
_struct.pdbx_model_type_details      ? 
_struct.pdbx_CASP_flag               ? 
# 
_struct_keywords.entry_id        5CIV 
_struct_keywords.text            'Bacteriocin, sporulation, DUF1706, cell cycle, unknown function' 
_struct_keywords.pdbx_keywords   'UNKNOWN FUNCTION' 
# 
loop_
_struct_asym.id 
_struct_asym.pdbx_blank_PDB_chainid_flag 
_struct_asym.pdbx_modified 
_struct_asym.entity_id 
_struct_asym.details 
A N N 1 ? 
B N N 2 ? 
# 
_struct_ref.id                         1 
_struct_ref.db_name                    UNP 
_struct_ref.db_code                    D0EVD3_9BACL 
_struct_ref.pdbx_db_accession          D0EVD3 
_struct_ref.pdbx_db_isoform            ? 
_struct_ref.entity_id                  1 
_struct_ref.pdbx_seq_one_letter_code   
;ASYEYTSKEELKKTIHAAYLLLDGEFEGIDDSQKDNRVPEVDRTPAEIIAYQLGWLHLVMGWDRDELAGKPVIMPAPGYK
WNQLGGLYQSFYAAYADLSLTELRRLFRDTERQWLDWIDTLSEEDLFTQSVRKWTGDKPNWPMARWIHINSAAPFKTFRA
KIRKWKKHQRQA
;
_struct_ref.pdbx_align_begin           2 
# 
_struct_ref_seq.align_id                      1 
_struct_ref_seq.ref_id                        1 
_struct_ref_seq.pdbx_PDB_id_code              5CIV 
_struct_ref_seq.pdbx_strand_id                A 
_struct_ref_seq.seq_align_beg                 13 
_struct_ref_seq.pdbx_seq_align_beg_ins_code   ? 
_struct_ref_seq.seq_align_end                 184 
_struct_ref_seq.pdbx_seq_align_end_ins_code   ? 
_struct_ref_seq.pdbx_db_accession             D0EVD3 
_struct_ref_seq.db_align_beg                  2 
_struct_ref_seq.pdbx_db_align_beg_ins_code    ? 
_struct_ref_seq.db_align_end                  173 
_struct_ref_seq.pdbx_db_align_end_ins_code    ? 
_struct_ref_seq.pdbx_auth_seq_align_beg       13 
_struct_ref_seq.pdbx_auth_seq_align_end       184 
# 
loop_
_struct_ref_seq_dif.align_id 
_struct_ref_seq_dif.pdbx_pdb_id_code 
_struct_ref_seq_dif.mon_id 
_struct_ref_seq_dif.pdbx_pdb_strand_id 
_struct_ref_seq_dif.seq_num 
_struct_ref_seq_dif.pdbx_pdb_ins_code 
_struct_ref_seq_dif.pdbx_seq_db_name 
_struct_ref_seq_dif.pdbx_seq_db_accession_code 
_struct_ref_seq_dif.db_mon_id 
_struct_ref_seq_dif.pdbx_seq_db_seq_num 
_struct_ref_seq_dif.details 
_struct_ref_seq_dif.pdbx_auth_seq_num 
_struct_ref_seq_dif.pdbx_ordinal 
1 5CIV MET A 1  ? UNP D0EVD3 ? ? 'initiating methionine' 1  1  
1 5CIV ARG A 2  ? UNP D0EVD3 ? ? 'expression tag'        2  2  
1 5CIV GLY A 3  ? UNP D0EVD3 ? ? 'expression tag'        3  3  
1 5CIV SER A 4  ? UNP D0EVD3 ? ? 'expression tag'        4  4  
1 5CIV HIS A 5  ? UNP D0EVD3 ? ? 'expression tag'        5  5  
1 5CIV HIS A 6  ? UNP D0EVD3 ? ? 'expression tag'        6  6  
1 5CIV HIS A 7  ? UNP D0EVD3 ? ? 'expression tag'        7  7  
1 5CIV HIS A 8  ? UNP D0EVD3 ? ? 'expression tag'        8  8  
1 5CIV HIS A 9  ? UNP D0EVD3 ? ? 'expression tag'        9  9  
1 5CIV HIS A 10 ? UNP D0EVD3 ? ? 'expression tag'        10 10 
1 5CIV GLY A 11 ? UNP D0EVD3 ? ? 'expression tag'        11 11 
1 5CIV SER A 12 ? UNP D0EVD3 ? ? 'expression tag'        12 12 
# 
_pdbx_struct_assembly.id                   1 
_pdbx_struct_assembly.details              software_defined_assembly 
_pdbx_struct_assembly.method_details       PISA 
_pdbx_struct_assembly.oligomeric_details   monomeric 
_pdbx_struct_assembly.oligomeric_count     1 
# 
loop_
_pdbx_struct_assembly_prop.biol_id 
_pdbx_struct_assembly_prop.type 
_pdbx_struct_assembly_prop.value 
_pdbx_struct_assembly_prop.details 
1 'ABSA (A^2)' 0    ? 
1 MORE         0    ? 
1 'SSA (A^2)'  9280 ? 
# 
_pdbx_struct_assembly_gen.assembly_id       1 
_pdbx_struct_assembly_gen.oper_expression   1 
_pdbx_struct_assembly_gen.asym_id_list      A,B 
# 
_pdbx_struct_oper_list.id                   1 
_pdbx_struct_oper_list.type                 'identity operation' 
_pdbx_struct_oper_list.name                 1_555 
_pdbx_struct_oper_list.symmetry_operation   x,y,z 
_pdbx_struct_oper_list.matrix[1][1]         1.0000000000 
_pdbx_struct_oper_list.matrix[1][2]         0.0000000000 
_pdbx_struct_oper_list.matrix[1][3]         0.0000000000 
_pdbx_struct_oper_list.vector[1]            0.0000000000 
_pdbx_struct_oper_list.matrix[2][1]         0.0000000000 
_pdbx_struct_oper_list.matrix[2][2]         1.0000000000 
_pdbx_struct_oper_list.matrix[2][3]         0.0000000000 
_pdbx_struct_oper_list.vector[2]            0.0000000000 
_pdbx_struct_oper_list.matrix[3][1]         0.0000000000 
_pdbx_struct_oper_list.matrix[3][2]         0.0000000000 
_pdbx_struct_oper_list.matrix[3][3]         1.0000000000 
_pdbx_struct_oper_list.vector[3]            0.0000000000 
# 
loop_
_struct_conf.conf_type_id 
_struct_conf.id 
_struct_conf.pdbx_PDB_helix_id 
_struct_conf.beg_label_comp_id 
_struct_conf.beg_label_asym_id 
_struct_conf.beg_label_seq_id 
_struct_conf.pdbx_beg_PDB_ins_code 
_struct_conf.end_label_comp_id 
_struct_conf.end_label_asym_id 
_struct_conf.end_label_seq_id 
_struct_conf.pdbx_end_PDB_ins_code 
_struct_conf.beg_auth_comp_id 
_struct_conf.beg_auth_asym_id 
_struct_conf.beg_auth_seq_id 
_struct_conf.end_auth_comp_id 
_struct_conf.end_auth_asym_id 
_struct_conf.end_auth_seq_id 
_struct_conf.pdbx_PDB_helix_class 
_struct_conf.details 
_struct_conf.pdbx_PDB_helix_length 
HELX_P HELX_P1 AA1 SER A 19  ? GLU A 37  ? SER A 19  GLU A 37  1 ? 19 
HELX_P HELX_P2 AA2 ASP A 42  ? LYS A 46  ? ASP A 42  LYS A 46  5 ? 5  
HELX_P HELX_P3 AA3 THR A 56  ? GLY A 81  ? THR A 56  GLY A 81  1 ? 26 
HELX_P HELX_P4 AA4 LYS A 92  ? ASN A 94  ? LYS A 92  ASN A 94  5 ? 3  
HELX_P HELX_P5 AA5 GLN A 95  ? ALA A 108 ? GLN A 95  ALA A 108 1 ? 14 
HELX_P HELX_P6 AA6 SER A 111 ? THR A 132 ? SER A 111 THR A 132 1 ? 22 
HELX_P HELX_P7 AA7 SER A 134 ? THR A 140 ? SER A 134 THR A 140 1 ? 7  
HELX_P HELX_P8 AA8 PRO A 154 ? ILE A 161 ? PRO A 154 ILE A 161 1 ? 8  
HELX_P HELX_P9 AA9 SER A 163 ? HIS A 180 ? SER A 163 HIS A 180 1 ? 18 
# 
_struct_conf_type.id          HELX_P 
_struct_conf_type.criteria    ? 
_struct_conf_type.reference   ? 
# 
loop_
_struct_conn.id 
_struct_conn.conn_type_id 
_struct_conn.pdbx_leaving_atom_flag 
_struct_conn.pdbx_PDB_id 
_struct_conn.ptnr1_label_asym_id 
_struct_conn.ptnr1_label_comp_id 
_struct_conn.ptnr1_label_seq_id 
_struct_conn.ptnr1_label_atom_id 
_struct_conn.pdbx_ptnr1_label_alt_id 
_struct_conn.pdbx_ptnr1_PDB_ins_code 
_struct_conn.pdbx_ptnr1_standard_comp_id 
_struct_conn.ptnr1_symmetry 
_struct_conn.ptnr2_label_asym_id 
_struct_conn.ptnr2_label_comp_id 
_struct_conn.ptnr2_label_seq_id 
_struct_conn.ptnr2_label_atom_id 
_struct_conn.pdbx_ptnr2_label_alt_id 
_struct_conn.pdbx_ptnr2_PDB_ins_code 
_struct_conn.ptnr1_auth_asym_id 
_struct_conn.ptnr1_auth_comp_id 
_struct_conn.ptnr1_auth_seq_id 
_struct_conn.ptnr2_auth_asym_id 
_struct_conn.ptnr2_auth_comp_id 
_struct_conn.ptnr2_auth_seq_id 
_struct_conn.ptnr2_symmetry 
_struct_conn.pdbx_ptnr3_label_atom_id 
_struct_conn.pdbx_ptnr3_label_seq_id 
_struct_conn.pdbx_ptnr3_label_comp_id 
_struct_conn.pdbx_ptnr3_label_asym_id 
_struct_conn.pdbx_ptnr3_label_alt_id 
_struct_conn.pdbx_ptnr3_PDB_ins_code 
_struct_conn.details 
_struct_conn.pdbx_dist_value 
_struct_conn.pdbx_value_order 
_struct_conn.pdbx_role 
covale1 covale both ? A VAL 71  C ? ? ? 1_555 A MSE 72  N ? ? A VAL 71  A MSE 72  1_555 ? ? ? ? ? ? ? 1.331 ? ? 
covale2 covale both ? A MSE 72  C ? ? ? 1_555 A GLY 73  N ? ? A MSE 72  A GLY 73  1_555 ? ? ? ? ? ? ? 1.327 ? ? 
covale3 covale both ? A ILE 85  C ? ? ? 1_555 A MSE 86  N ? ? A ILE 85  A MSE 86  1_555 ? ? ? ? ? ? ? 1.324 ? ? 
covale4 covale both ? A MSE 86  C ? ? ? 1_555 A PRO 87  N ? ? A MSE 86  A PRO 87  1_555 ? ? ? ? ? ? ? 1.342 ? ? 
covale5 covale both ? A PRO 154 C ? ? ? 1_555 A MSE 155 N ? ? A PRO 154 A MSE 155 1_555 ? ? ? ? ? ? ? 1.330 ? ? 
covale6 covale both ? A MSE 155 C ? ? ? 1_555 A ALA 156 N ? ? A MSE 155 A ALA 156 1_555 ? ? ? ? ? ? ? 1.330 ? ? 
# 
_struct_conn_type.id          covale 
_struct_conn_type.criteria    ? 
_struct_conn_type.reference   ? 
# 
loop_
_pdbx_modification_feature.ordinal 
_pdbx_modification_feature.label_comp_id 
_pdbx_modification_feature.label_asym_id 
_pdbx_modification_feature.label_seq_id 
_pdbx_modification_feature.label_alt_id 
_pdbx_modification_feature.modified_residue_label_comp_id 
_pdbx_modification_feature.modified_residue_label_asym_id 
_pdbx_modification_feature.modified_residue_label_seq_id 
_pdbx_modification_feature.modified_residue_label_alt_id 
_pdbx_modification_feature.auth_comp_id 
_pdbx_modification_feature.auth_asym_id 
_pdbx_modification_feature.auth_seq_id 
_pdbx_modification_feature.PDB_ins_code 
_pdbx_modification_feature.symmetry 
_pdbx_modification_feature.modified_residue_auth_comp_id 
_pdbx_modification_feature.modified_residue_auth_asym_id 
_pdbx_modification_feature.modified_residue_auth_seq_id 
_pdbx_modification_feature.modified_residue_PDB_ins_code 
_pdbx_modification_feature.modified_residue_symmetry 
_pdbx_modification_feature.comp_id_linking_atom 
_pdbx_modification_feature.modified_residue_id_linking_atom 
_pdbx_modification_feature.modified_residue_id 
_pdbx_modification_feature.ref_pcm_id 
_pdbx_modification_feature.ref_comp_id 
_pdbx_modification_feature.type 
_pdbx_modification_feature.category 
1 MSE A 72  ? . . . . MSE A 72  ? 1_555 . . . . . . . MET 1 MSE Selenomethionine 'Named protein modification' 
2 MSE A 86  ? . . . . MSE A 86  ? 1_555 . . . . . . . MET 1 MSE Selenomethionine 'Named protein modification' 
3 MSE A 155 ? . . . . MSE A 155 ? 1_555 . . . . . . . MET 1 MSE Selenomethionine 'Named protein modification' 
# 
_struct_mon_prot_cis.pdbx_id                1 
_struct_mon_prot_cis.label_comp_id          MSE 
_struct_mon_prot_cis.label_seq_id           86 
_struct_mon_prot_cis.label_asym_id          A 
_struct_mon_prot_cis.label_alt_id           . 
_struct_mon_prot_cis.pdbx_PDB_ins_code      ? 
_struct_mon_prot_cis.auth_comp_id           MSE 
_struct_mon_prot_cis.auth_seq_id            86 
_struct_mon_prot_cis.auth_asym_id           A 
_struct_mon_prot_cis.pdbx_label_comp_id_2   PRO 
_struct_mon_prot_cis.pdbx_label_seq_id_2    87 
_struct_mon_prot_cis.pdbx_label_asym_id_2   A 
_struct_mon_prot_cis.pdbx_PDB_ins_code_2    ? 
_struct_mon_prot_cis.pdbx_auth_comp_id_2    PRO 
_struct_mon_prot_cis.pdbx_auth_seq_id_2     87 
_struct_mon_prot_cis.pdbx_auth_asym_id_2    A 
_struct_mon_prot_cis.pdbx_PDB_model_num     1 
_struct_mon_prot_cis.pdbx_omega_angle       1.06 
# 
_pdbx_entry_details.entry_id                   5CIV 
_pdbx_entry_details.compound_details           ? 
_pdbx_entry_details.source_details             ? 
_pdbx_entry_details.nonpolymer_details         ? 
_pdbx_entry_details.sequence_details           ? 
_pdbx_entry_details.has_ligand_of_interest     ? 
_pdbx_entry_details.has_protein_modification   Y 
# 
loop_
_pdbx_validate_close_contact.id 
_pdbx_validate_close_contact.PDB_model_num 
_pdbx_validate_close_contact.auth_atom_id_1 
_pdbx_validate_close_contact.auth_asym_id_1 
_pdbx_validate_close_contact.auth_comp_id_1 
_pdbx_validate_close_contact.auth_seq_id_1 
_pdbx_validate_close_contact.PDB_ins_code_1 
_pdbx_validate_close_contact.label_alt_id_1 
_pdbx_validate_close_contact.auth_atom_id_2 
_pdbx_validate_close_contact.auth_asym_id_2 
_pdbx_validate_close_contact.auth_comp_id_2 
_pdbx_validate_close_contact.auth_seq_id_2 
_pdbx_validate_close_contact.PDB_ins_code_2 
_pdbx_validate_close_contact.label_alt_id_2 
_pdbx_validate_close_contact.dist 
1  1 O   A HOH 416 ? ? O A HOH 428 ? ? 1.81 
2  1 O   A HOH 379 ? ? O A HOH 429 ? ? 1.96 
3  1 O   A HOH 262 ? ? O A HOH 328 ? ? 1.98 
4  1 O   A HOH 379 ? ? O A HOH 404 ? ? 1.99 
5  1 O   A HOH 319 ? ? O A HOH 375 ? ? 2.02 
6  1 O   A HOH 358 ? ? O A HOH 408 ? ? 2.06 
7  1 NH1 A ARG 117 ? ? O A HOH 201 ? ? 2.08 
8  1 O   A HOH 220 ? ? O A HOH 265 ? ? 2.14 
9  1 O   A HOH 371 ? ? O A HOH 407 ? ? 2.19 
10 1 O   A HOH 209 ? ? O A HOH 369 ? ? 2.19 
# 
_pdbx_validate_torsion.id              1 
_pdbx_validate_torsion.PDB_model_num   1 
_pdbx_validate_torsion.auth_comp_id    SER 
_pdbx_validate_torsion.auth_asym_id    A 
_pdbx_validate_torsion.auth_seq_id     163 
_pdbx_validate_torsion.PDB_ins_code    ? 
_pdbx_validate_torsion.label_alt_id    ? 
_pdbx_validate_torsion.phi             -143.85 
_pdbx_validate_torsion.psi             -82.18 
# 
loop_
_pdbx_struct_mod_residue.id 
_pdbx_struct_mod_residue.label_asym_id 
_pdbx_struct_mod_residue.label_comp_id 
_pdbx_struct_mod_residue.label_seq_id 
_pdbx_struct_mod_residue.auth_asym_id 
_pdbx_struct_mod_residue.auth_comp_id 
_pdbx_struct_mod_residue.auth_seq_id 
_pdbx_struct_mod_residue.PDB_ins_code 
_pdbx_struct_mod_residue.parent_comp_id 
_pdbx_struct_mod_residue.details 
1 A MSE 72  A MSE 72  ? MET 'modified residue' 
2 A MSE 86  A MSE 86  ? MET 'modified residue' 
3 A MSE 155 A MSE 155 ? MET 'modified residue' 
# 
loop_
_pdbx_unobs_or_zero_occ_residues.id 
_pdbx_unobs_or_zero_occ_residues.PDB_model_num 
_pdbx_unobs_or_zero_occ_residues.polymer_flag 
_pdbx_unobs_or_zero_occ_residues.occupancy_flag 
_pdbx_unobs_or_zero_occ_residues.auth_asym_id 
_pdbx_unobs_or_zero_occ_residues.auth_comp_id 
_pdbx_unobs_or_zero_occ_residues.auth_seq_id 
_pdbx_unobs_or_zero_occ_residues.PDB_ins_code 
_pdbx_unobs_or_zero_occ_residues.label_asym_id 
_pdbx_unobs_or_zero_occ_residues.label_comp_id 
_pdbx_unobs_or_zero_occ_residues.label_seq_id 
1  1 Y 1 A MET 1  ? A MET 1  
2  1 Y 1 A ARG 2  ? A ARG 2  
3  1 Y 1 A GLY 3  ? A GLY 3  
4  1 Y 1 A SER 4  ? A SER 4  
5  1 Y 1 A HIS 5  ? A HIS 5  
6  1 Y 1 A HIS 6  ? A HIS 6  
7  1 Y 1 A HIS 7  ? A HIS 7  
8  1 Y 1 A HIS 8  ? A HIS 8  
9  1 Y 1 A HIS 9  ? A HIS 9  
10 1 Y 1 A HIS 10 ? A HIS 10 
11 1 Y 1 A GLY 11 ? A GLY 11 
12 1 Y 1 A SER 12 ? A SER 12 
13 1 Y 1 A ALA 13 ? A ALA 13 
14 1 Y 1 A SER 14 ? A SER 14 
15 1 Y 1 A TYR 15 ? A TYR 15 
# 
loop_
_chem_comp_atom.comp_id 
_chem_comp_atom.atom_id 
_chem_comp_atom.type_symbol 
_chem_comp_atom.pdbx_aromatic_flag 
_chem_comp_atom.pdbx_stereo_config 
_chem_comp_atom.pdbx_ordinal 
ALA N    N  N N 1   
ALA CA   C  N S 2   
ALA C    C  N N 3   
ALA O    O  N N 4   
ALA CB   C  N N 5   
ALA OXT  O  N N 6   
ALA H    H  N N 7   
ALA H2   H  N N 8   
ALA HA   H  N N 9   
ALA HB1  H  N N 10  
ALA HB2  H  N N 11  
ALA HB3  H  N N 12  
ALA HXT  H  N N 13  
ARG N    N  N N 14  
ARG CA   C  N S 15  
ARG C    C  N N 16  
ARG O    O  N N 17  
ARG CB   C  N N 18  
ARG CG   C  N N 19  
ARG CD   C  N N 20  
ARG NE   N  N N 21  
ARG CZ   C  N N 22  
ARG NH1  N  N N 23  
ARG NH2  N  N N 24  
ARG OXT  O  N N 25  
ARG H    H  N N 26  
ARG H2   H  N N 27  
ARG HA   H  N N 28  
ARG HB2  H  N N 29  
ARG HB3  H  N N 30  
ARG HG2  H  N N 31  
ARG HG3  H  N N 32  
ARG HD2  H  N N 33  
ARG HD3  H  N N 34  
ARG HE   H  N N 35  
ARG HH11 H  N N 36  
ARG HH12 H  N N 37  
ARG HH21 H  N N 38  
ARG HH22 H  N N 39  
ARG HXT  H  N N 40  
ASN N    N  N N 41  
ASN CA   C  N S 42  
ASN C    C  N N 43  
ASN O    O  N N 44  
ASN CB   C  N N 45  
ASN CG   C  N N 46  
ASN OD1  O  N N 47  
ASN ND2  N  N N 48  
ASN OXT  O  N N 49  
ASN H    H  N N 50  
ASN H2   H  N N 51  
ASN HA   H  N N 52  
ASN HB2  H  N N 53  
ASN HB3  H  N N 54  
ASN HD21 H  N N 55  
ASN HD22 H  N N 56  
ASN HXT  H  N N 57  
ASP N    N  N N 58  
ASP CA   C  N S 59  
ASP C    C  N N 60  
ASP O    O  N N 61  
ASP CB   C  N N 62  
ASP CG   C  N N 63  
ASP OD1  O  N N 64  
ASP OD2  O  N N 65  
ASP OXT  O  N N 66  
ASP H    H  N N 67  
ASP H2   H  N N 68  
ASP HA   H  N N 69  
ASP HB2  H  N N 70  
ASP HB3  H  N N 71  
ASP HD2  H  N N 72  
ASP HXT  H  N N 73  
GLN N    N  N N 74  
GLN CA   C  N S 75  
GLN C    C  N N 76  
GLN O    O  N N 77  
GLN CB   C  N N 78  
GLN CG   C  N N 79  
GLN CD   C  N N 80  
GLN OE1  O  N N 81  
GLN NE2  N  N N 82  
GLN OXT  O  N N 83  
GLN H    H  N N 84  
GLN H2   H  N N 85  
GLN HA   H  N N 86  
GLN HB2  H  N N 87  
GLN HB3  H  N N 88  
GLN HG2  H  N N 89  
GLN HG3  H  N N 90  
GLN HE21 H  N N 91  
GLN HE22 H  N N 92  
GLN HXT  H  N N 93  
GLU N    N  N N 94  
GLU CA   C  N S 95  
GLU C    C  N N 96  
GLU O    O  N N 97  
GLU CB   C  N N 98  
GLU CG   C  N N 99  
GLU CD   C  N N 100 
GLU OE1  O  N N 101 
GLU OE2  O  N N 102 
GLU OXT  O  N N 103 
GLU H    H  N N 104 
GLU H2   H  N N 105 
GLU HA   H  N N 106 
GLU HB2  H  N N 107 
GLU HB3  H  N N 108 
GLU HG2  H  N N 109 
GLU HG3  H  N N 110 
GLU HE2  H  N N 111 
GLU HXT  H  N N 112 
GLY N    N  N N 113 
GLY CA   C  N N 114 
GLY C    C  N N 115 
GLY O    O  N N 116 
GLY OXT  O  N N 117 
GLY H    H  N N 118 
GLY H2   H  N N 119 
GLY HA2  H  N N 120 
GLY HA3  H  N N 121 
GLY HXT  H  N N 122 
HIS N    N  N N 123 
HIS CA   C  N S 124 
HIS C    C  N N 125 
HIS O    O  N N 126 
HIS CB   C  N N 127 
HIS CG   C  Y N 128 
HIS ND1  N  Y N 129 
HIS CD2  C  Y N 130 
HIS CE1  C  Y N 131 
HIS NE2  N  Y N 132 
HIS OXT  O  N N 133 
HIS H    H  N N 134 
HIS H2   H  N N 135 
HIS HA   H  N N 136 
HIS HB2  H  N N 137 
HIS HB3  H  N N 138 
HIS HD1  H  N N 139 
HIS HD2  H  N N 140 
HIS HE1  H  N N 141 
HIS HE2  H  N N 142 
HIS HXT  H  N N 143 
HOH O    O  N N 144 
HOH H1   H  N N 145 
HOH H2   H  N N 146 
ILE N    N  N N 147 
ILE CA   C  N S 148 
ILE C    C  N N 149 
ILE O    O  N N 150 
ILE CB   C  N S 151 
ILE CG1  C  N N 152 
ILE CG2  C  N N 153 
ILE CD1  C  N N 154 
ILE OXT  O  N N 155 
ILE H    H  N N 156 
ILE H2   H  N N 157 
ILE HA   H  N N 158 
ILE HB   H  N N 159 
ILE HG12 H  N N 160 
ILE HG13 H  N N 161 
ILE HG21 H  N N 162 
ILE HG22 H  N N 163 
ILE HG23 H  N N 164 
ILE HD11 H  N N 165 
ILE HD12 H  N N 166 
ILE HD13 H  N N 167 
ILE HXT  H  N N 168 
LEU N    N  N N 169 
LEU CA   C  N S 170 
LEU C    C  N N 171 
LEU O    O  N N 172 
LEU CB   C  N N 173 
LEU CG   C  N N 174 
LEU CD1  C  N N 175 
LEU CD2  C  N N 176 
LEU OXT  O  N N 177 
LEU H    H  N N 178 
LEU H2   H  N N 179 
LEU HA   H  N N 180 
LEU HB2  H  N N 181 
LEU HB3  H  N N 182 
LEU HG   H  N N 183 
LEU HD11 H  N N 184 
LEU HD12 H  N N 185 
LEU HD13 H  N N 186 
LEU HD21 H  N N 187 
LEU HD22 H  N N 188 
LEU HD23 H  N N 189 
LEU HXT  H  N N 190 
LYS N    N  N N 191 
LYS CA   C  N S 192 
LYS C    C  N N 193 
LYS O    O  N N 194 
LYS CB   C  N N 195 
LYS CG   C  N N 196 
LYS CD   C  N N 197 
LYS CE   C  N N 198 
LYS NZ   N  N N 199 
LYS OXT  O  N N 200 
LYS H    H  N N 201 
LYS H2   H  N N 202 
LYS HA   H  N N 203 
LYS HB2  H  N N 204 
LYS HB3  H  N N 205 
LYS HG2  H  N N 206 
LYS HG3  H  N N 207 
LYS HD2  H  N N 208 
LYS HD3  H  N N 209 
LYS HE2  H  N N 210 
LYS HE3  H  N N 211 
LYS HZ1  H  N N 212 
LYS HZ2  H  N N 213 
LYS HZ3  H  N N 214 
LYS HXT  H  N N 215 
MET N    N  N N 216 
MET CA   C  N S 217 
MET C    C  N N 218 
MET O    O  N N 219 
MET CB   C  N N 220 
MET CG   C  N N 221 
MET SD   S  N N 222 
MET CE   C  N N 223 
MET OXT  O  N N 224 
MET H    H  N N 225 
MET H2   H  N N 226 
MET HA   H  N N 227 
MET HB2  H  N N 228 
MET HB3  H  N N 229 
MET HG2  H  N N 230 
MET HG3  H  N N 231 
MET HE1  H  N N 232 
MET HE2  H  N N 233 
MET HE3  H  N N 234 
MET HXT  H  N N 235 
MSE N    N  N N 236 
MSE CA   C  N S 237 
MSE C    C  N N 238 
MSE O    O  N N 239 
MSE OXT  O  N N 240 
MSE CB   C  N N 241 
MSE CG   C  N N 242 
MSE SE   SE N N 243 
MSE CE   C  N N 244 
MSE H    H  N N 245 
MSE H2   H  N N 246 
MSE HA   H  N N 247 
MSE HXT  H  N N 248 
MSE HB2  H  N N 249 
MSE HB3  H  N N 250 
MSE HG2  H  N N 251 
MSE HG3  H  N N 252 
MSE HE1  H  N N 253 
MSE HE2  H  N N 254 
MSE HE3  H  N N 255 
PHE N    N  N N 256 
PHE CA   C  N S 257 
PHE C    C  N N 258 
PHE O    O  N N 259 
PHE CB   C  N N 260 
PHE CG   C  Y N 261 
PHE CD1  C  Y N 262 
PHE CD2  C  Y N 263 
PHE CE1  C  Y N 264 
PHE CE2  C  Y N 265 
PHE CZ   C  Y N 266 
PHE OXT  O  N N 267 
PHE H    H  N N 268 
PHE H2   H  N N 269 
PHE HA   H  N N 270 
PHE HB2  H  N N 271 
PHE HB3  H  N N 272 
PHE HD1  H  N N 273 
PHE HD2  H  N N 274 
PHE HE1  H  N N 275 
PHE HE2  H  N N 276 
PHE HZ   H  N N 277 
PHE HXT  H  N N 278 
PRO N    N  N N 279 
PRO CA   C  N S 280 
PRO C    C  N N 281 
PRO O    O  N N 282 
PRO CB   C  N N 283 
PRO CG   C  N N 284 
PRO CD   C  N N 285 
PRO OXT  O  N N 286 
PRO H    H  N N 287 
PRO HA   H  N N 288 
PRO HB2  H  N N 289 
PRO HB3  H  N N 290 
PRO HG2  H  N N 291 
PRO HG3  H  N N 292 
PRO HD2  H  N N 293 
PRO HD3  H  N N 294 
PRO HXT  H  N N 295 
SER N    N  N N 296 
SER CA   C  N S 297 
SER C    C  N N 298 
SER O    O  N N 299 
SER CB   C  N N 300 
SER OG   O  N N 301 
SER OXT  O  N N 302 
SER H    H  N N 303 
SER H2   H  N N 304 
SER HA   H  N N 305 
SER HB2  H  N N 306 
SER HB3  H  N N 307 
SER HG   H  N N 308 
SER HXT  H  N N 309 
THR N    N  N N 310 
THR CA   C  N S 311 
THR C    C  N N 312 
THR O    O  N N 313 
THR CB   C  N R 314 
THR OG1  O  N N 315 
THR CG2  C  N N 316 
THR OXT  O  N N 317 
THR H    H  N N 318 
THR H2   H  N N 319 
THR HA   H  N N 320 
THR HB   H  N N 321 
THR HG1  H  N N 322 
THR HG21 H  N N 323 
THR HG22 H  N N 324 
THR HG23 H  N N 325 
THR HXT  H  N N 326 
TRP N    N  N N 327 
TRP CA   C  N S 328 
TRP C    C  N N 329 
TRP O    O  N N 330 
TRP CB   C  N N 331 
TRP CG   C  Y N 332 
TRP CD1  C  Y N 333 
TRP CD2  C  Y N 334 
TRP NE1  N  Y N 335 
TRP CE2  C  Y N 336 
TRP CE3  C  Y N 337 
TRP CZ2  C  Y N 338 
TRP CZ3  C  Y N 339 
TRP CH2  C  Y N 340 
TRP OXT  O  N N 341 
TRP H    H  N N 342 
TRP H2   H  N N 343 
TRP HA   H  N N 344 
TRP HB2  H  N N 345 
TRP HB3  H  N N 346 
TRP HD1  H  N N 347 
TRP HE1  H  N N 348 
TRP HE3  H  N N 349 
TRP HZ2  H  N N 350 
TRP HZ3  H  N N 351 
TRP HH2  H  N N 352 
TRP HXT  H  N N 353 
TYR N    N  N N 354 
TYR CA   C  N S 355 
TYR C    C  N N 356 
TYR O    O  N N 357 
TYR CB   C  N N 358 
TYR CG   C  Y N 359 
TYR CD1  C  Y N 360 
TYR CD2  C  Y N 361 
TYR CE1  C  Y N 362 
TYR CE2  C  Y N 363 
TYR CZ   C  Y N 364 
TYR OH   O  N N 365 
TYR OXT  O  N N 366 
TYR H    H  N N 367 
TYR H2   H  N N 368 
TYR HA   H  N N 369 
TYR HB2  H  N N 370 
TYR HB3  H  N N 371 
TYR HD1  H  N N 372 
TYR HD2  H  N N 373 
TYR HE1  H  N N 374 
TYR HE2  H  N N 375 
TYR HH   H  N N 376 
TYR HXT  H  N N 377 
VAL N    N  N N 378 
VAL CA   C  N S 379 
VAL C    C  N N 380 
VAL O    O  N N 381 
VAL CB   C  N N 382 
VAL CG1  C  N N 383 
VAL CG2  C  N N 384 
VAL OXT  O  N N 385 
VAL H    H  N N 386 
VAL H2   H  N N 387 
VAL HA   H  N N 388 
VAL HB   H  N N 389 
VAL HG11 H  N N 390 
VAL HG12 H  N N 391 
VAL HG13 H  N N 392 
VAL HG21 H  N N 393 
VAL HG22 H  N N 394 
VAL HG23 H  N N 395 
VAL HXT  H  N N 396 
# 
loop_
_chem_comp_bond.comp_id 
_chem_comp_bond.atom_id_1 
_chem_comp_bond.atom_id_2 
_chem_comp_bond.value_order 
_chem_comp_bond.pdbx_aromatic_flag 
_chem_comp_bond.pdbx_stereo_config 
_chem_comp_bond.pdbx_ordinal 
ALA N   CA   sing N N 1   
ALA N   H    sing N N 2   
ALA N   H2   sing N N 3   
ALA CA  C    sing N N 4   
ALA CA  CB   sing N N 5   
ALA CA  HA   sing N N 6   
ALA C   O    doub N N 7   
ALA C   OXT  sing N N 8   
ALA CB  HB1  sing N N 9   
ALA CB  HB2  sing N N 10  
ALA CB  HB3  sing N N 11  
ALA OXT HXT  sing N N 12  
ARG N   CA   sing N N 13  
ARG N   H    sing N N 14  
ARG N   H2   sing N N 15  
ARG CA  C    sing N N 16  
ARG CA  CB   sing N N 17  
ARG CA  HA   sing N N 18  
ARG C   O    doub N N 19  
ARG C   OXT  sing N N 20  
ARG CB  CG   sing N N 21  
ARG CB  HB2  sing N N 22  
ARG CB  HB3  sing N N 23  
ARG CG  CD   sing N N 24  
ARG CG  HG2  sing N N 25  
ARG CG  HG3  sing N N 26  
ARG CD  NE   sing N N 27  
ARG CD  HD2  sing N N 28  
ARG CD  HD3  sing N N 29  
ARG NE  CZ   sing N N 30  
ARG NE  HE   sing N N 31  
ARG CZ  NH1  sing N N 32  
ARG CZ  NH2  doub N N 33  
ARG NH1 HH11 sing N N 34  
ARG NH1 HH12 sing N N 35  
ARG NH2 HH21 sing N N 36  
ARG NH2 HH22 sing N N 37  
ARG OXT HXT  sing N N 38  
ASN N   CA   sing N N 39  
ASN N   H    sing N N 40  
ASN N   H2   sing N N 41  
ASN CA  C    sing N N 42  
ASN CA  CB   sing N N 43  
ASN CA  HA   sing N N 44  
ASN C   O    doub N N 45  
ASN C   OXT  sing N N 46  
ASN CB  CG   sing N N 47  
ASN CB  HB2  sing N N 48  
ASN CB  HB3  sing N N 49  
ASN CG  OD1  doub N N 50  
ASN CG  ND2  sing N N 51  
ASN ND2 HD21 sing N N 52  
ASN ND2 HD22 sing N N 53  
ASN OXT HXT  sing N N 54  
ASP N   CA   sing N N 55  
ASP N   H    sing N N 56  
ASP N   H2   sing N N 57  
ASP CA  C    sing N N 58  
ASP CA  CB   sing N N 59  
ASP CA  HA   sing N N 60  
ASP C   O    doub N N 61  
ASP C   OXT  sing N N 62  
ASP CB  CG   sing N N 63  
ASP CB  HB2  sing N N 64  
ASP CB  HB3  sing N N 65  
ASP CG  OD1  doub N N 66  
ASP CG  OD2  sing N N 67  
ASP OD2 HD2  sing N N 68  
ASP OXT HXT  sing N N 69  
GLN N   CA   sing N N 70  
GLN N   H    sing N N 71  
GLN N   H2   sing N N 72  
GLN CA  C    sing N N 73  
GLN CA  CB   sing N N 74  
GLN CA  HA   sing N N 75  
GLN C   O    doub N N 76  
GLN C   OXT  sing N N 77  
GLN CB  CG   sing N N 78  
GLN CB  HB2  sing N N 79  
GLN CB  HB3  sing N N 80  
GLN CG  CD   sing N N 81  
GLN CG  HG2  sing N N 82  
GLN CG  HG3  sing N N 83  
GLN CD  OE1  doub N N 84  
GLN CD  NE2  sing N N 85  
GLN NE2 HE21 sing N N 86  
GLN NE2 HE22 sing N N 87  
GLN OXT HXT  sing N N 88  
GLU N   CA   sing N N 89  
GLU N   H    sing N N 90  
GLU N   H2   sing N N 91  
GLU CA  C    sing N N 92  
GLU CA  CB   sing N N 93  
GLU CA  HA   sing N N 94  
GLU C   O    doub N N 95  
GLU C   OXT  sing N N 96  
GLU CB  CG   sing N N 97  
GLU CB  HB2  sing N N 98  
GLU CB  HB3  sing N N 99  
GLU CG  CD   sing N N 100 
GLU CG  HG2  sing N N 101 
GLU CG  HG3  sing N N 102 
GLU CD  OE1  doub N N 103 
GLU CD  OE2  sing N N 104 
GLU OE2 HE2  sing N N 105 
GLU OXT HXT  sing N N 106 
GLY N   CA   sing N N 107 
GLY N   H    sing N N 108 
GLY N   H2   sing N N 109 
GLY CA  C    sing N N 110 
GLY CA  HA2  sing N N 111 
GLY CA  HA3  sing N N 112 
GLY C   O    doub N N 113 
GLY C   OXT  sing N N 114 
GLY OXT HXT  sing N N 115 
HIS N   CA   sing N N 116 
HIS N   H    sing N N 117 
HIS N   H2   sing N N 118 
HIS CA  C    sing N N 119 
HIS CA  CB   sing N N 120 
HIS CA  HA   sing N N 121 
HIS C   O    doub N N 122 
HIS C   OXT  sing N N 123 
HIS CB  CG   sing N N 124 
HIS CB  HB2  sing N N 125 
HIS CB  HB3  sing N N 126 
HIS CG  ND1  sing Y N 127 
HIS CG  CD2  doub Y N 128 
HIS ND1 CE1  doub Y N 129 
HIS ND1 HD1  sing N N 130 
HIS CD2 NE2  sing Y N 131 
HIS CD2 HD2  sing N N 132 
HIS CE1 NE2  sing Y N 133 
HIS CE1 HE1  sing N N 134 
HIS NE2 HE2  sing N N 135 
HIS OXT HXT  sing N N 136 
HOH O   H1   sing N N 137 
HOH O   H2   sing N N 138 
ILE N   CA   sing N N 139 
ILE N   H    sing N N 140 
ILE N   H2   sing N N 141 
ILE CA  C    sing N N 142 
ILE CA  CB   sing N N 143 
ILE CA  HA   sing N N 144 
ILE C   O    doub N N 145 
ILE C   OXT  sing N N 146 
ILE CB  CG1  sing N N 147 
ILE CB  CG2  sing N N 148 
ILE CB  HB   sing N N 149 
ILE CG1 CD1  sing N N 150 
ILE CG1 HG12 sing N N 151 
ILE CG1 HG13 sing N N 152 
ILE CG2 HG21 sing N N 153 
ILE CG2 HG22 sing N N 154 
ILE CG2 HG23 sing N N 155 
ILE CD1 HD11 sing N N 156 
ILE CD1 HD12 sing N N 157 
ILE CD1 HD13 sing N N 158 
ILE OXT HXT  sing N N 159 
LEU N   CA   sing N N 160 
LEU N   H    sing N N 161 
LEU N   H2   sing N N 162 
LEU CA  C    sing N N 163 
LEU CA  CB   sing N N 164 
LEU CA  HA   sing N N 165 
LEU C   O    doub N N 166 
LEU C   OXT  sing N N 167 
LEU CB  CG   sing N N 168 
LEU CB  HB2  sing N N 169 
LEU CB  HB3  sing N N 170 
LEU CG  CD1  sing N N 171 
LEU CG  CD2  sing N N 172 
LEU CG  HG   sing N N 173 
LEU CD1 HD11 sing N N 174 
LEU CD1 HD12 sing N N 175 
LEU CD1 HD13 sing N N 176 
LEU CD2 HD21 sing N N 177 
LEU CD2 HD22 sing N N 178 
LEU CD2 HD23 sing N N 179 
LEU OXT HXT  sing N N 180 
LYS N   CA   sing N N 181 
LYS N   H    sing N N 182 
LYS N   H2   sing N N 183 
LYS CA  C    sing N N 184 
LYS CA  CB   sing N N 185 
LYS CA  HA   sing N N 186 
LYS C   O    doub N N 187 
LYS C   OXT  sing N N 188 
LYS CB  CG   sing N N 189 
LYS CB  HB2  sing N N 190 
LYS CB  HB3  sing N N 191 
LYS CG  CD   sing N N 192 
LYS CG  HG2  sing N N 193 
LYS CG  HG3  sing N N 194 
LYS CD  CE   sing N N 195 
LYS CD  HD2  sing N N 196 
LYS CD  HD3  sing N N 197 
LYS CE  NZ   sing N N 198 
LYS CE  HE2  sing N N 199 
LYS CE  HE3  sing N N 200 
LYS NZ  HZ1  sing N N 201 
LYS NZ  HZ2  sing N N 202 
LYS NZ  HZ3  sing N N 203 
LYS OXT HXT  sing N N 204 
MET N   CA   sing N N 205 
MET N   H    sing N N 206 
MET N   H2   sing N N 207 
MET CA  C    sing N N 208 
MET CA  CB   sing N N 209 
MET CA  HA   sing N N 210 
MET C   O    doub N N 211 
MET C   OXT  sing N N 212 
MET CB  CG   sing N N 213 
MET CB  HB2  sing N N 214 
MET CB  HB3  sing N N 215 
MET CG  SD   sing N N 216 
MET CG  HG2  sing N N 217 
MET CG  HG3  sing N N 218 
MET SD  CE   sing N N 219 
MET CE  HE1  sing N N 220 
MET CE  HE2  sing N N 221 
MET CE  HE3  sing N N 222 
MET OXT HXT  sing N N 223 
MSE N   CA   sing N N 224 
MSE N   H    sing N N 225 
MSE N   H2   sing N N 226 
MSE CA  C    sing N N 227 
MSE CA  CB   sing N N 228 
MSE CA  HA   sing N N 229 
MSE C   O    doub N N 230 
MSE C   OXT  sing N N 231 
MSE OXT HXT  sing N N 232 
MSE CB  CG   sing N N 233 
MSE CB  HB2  sing N N 234 
MSE CB  HB3  sing N N 235 
MSE CG  SE   sing N N 236 
MSE CG  HG2  sing N N 237 
MSE CG  HG3  sing N N 238 
MSE SE  CE   sing N N 239 
MSE CE  HE1  sing N N 240 
MSE CE  HE2  sing N N 241 
MSE CE  HE3  sing N N 242 
PHE N   CA   sing N N 243 
PHE N   H    sing N N 244 
PHE N   H2   sing N N 245 
PHE CA  C    sing N N 246 
PHE CA  CB   sing N N 247 
PHE CA  HA   sing N N 248 
PHE C   O    doub N N 249 
PHE C   OXT  sing N N 250 
PHE CB  CG   sing N N 251 
PHE CB  HB2  sing N N 252 
PHE CB  HB3  sing N N 253 
PHE CG  CD1  doub Y N 254 
PHE CG  CD2  sing Y N 255 
PHE CD1 CE1  sing Y N 256 
PHE CD1 HD1  sing N N 257 
PHE CD2 CE2  doub Y N 258 
PHE CD2 HD2  sing N N 259 
PHE CE1 CZ   doub Y N 260 
PHE CE1 HE1  sing N N 261 
PHE CE2 CZ   sing Y N 262 
PHE CE2 HE2  sing N N 263 
PHE CZ  HZ   sing N N 264 
PHE OXT HXT  sing N N 265 
PRO N   CA   sing N N 266 
PRO N   CD   sing N N 267 
PRO N   H    sing N N 268 
PRO CA  C    sing N N 269 
PRO CA  CB   sing N N 270 
PRO CA  HA   sing N N 271 
PRO C   O    doub N N 272 
PRO C   OXT  sing N N 273 
PRO CB  CG   sing N N 274 
PRO CB  HB2  sing N N 275 
PRO CB  HB3  sing N N 276 
PRO CG  CD   sing N N 277 
PRO CG  HG2  sing N N 278 
PRO CG  HG3  sing N N 279 
PRO CD  HD2  sing N N 280 
PRO CD  HD3  sing N N 281 
PRO OXT HXT  sing N N 282 
SER N   CA   sing N N 283 
SER N   H    sing N N 284 
SER N   H2   sing N N 285 
SER CA  C    sing N N 286 
SER CA  CB   sing N N 287 
SER CA  HA   sing N N 288 
SER C   O    doub N N 289 
SER C   OXT  sing N N 290 
SER CB  OG   sing N N 291 
SER CB  HB2  sing N N 292 
SER CB  HB3  sing N N 293 
SER OG  HG   sing N N 294 
SER OXT HXT  sing N N 295 
THR N   CA   sing N N 296 
THR N   H    sing N N 297 
THR N   H2   sing N N 298 
THR CA  C    sing N N 299 
THR CA  CB   sing N N 300 
THR CA  HA   sing N N 301 
THR C   O    doub N N 302 
THR C   OXT  sing N N 303 
THR CB  OG1  sing N N 304 
THR CB  CG2  sing N N 305 
THR CB  HB   sing N N 306 
THR OG1 HG1  sing N N 307 
THR CG2 HG21 sing N N 308 
THR CG2 HG22 sing N N 309 
THR CG2 HG23 sing N N 310 
THR OXT HXT  sing N N 311 
TRP N   CA   sing N N 312 
TRP N   H    sing N N 313 
TRP N   H2   sing N N 314 
TRP CA  C    sing N N 315 
TRP CA  CB   sing N N 316 
TRP CA  HA   sing N N 317 
TRP C   O    doub N N 318 
TRP C   OXT  sing N N 319 
TRP CB  CG   sing N N 320 
TRP CB  HB2  sing N N 321 
TRP CB  HB3  sing N N 322 
TRP CG  CD1  doub Y N 323 
TRP CG  CD2  sing Y N 324 
TRP CD1 NE1  sing Y N 325 
TRP CD1 HD1  sing N N 326 
TRP CD2 CE2  doub Y N 327 
TRP CD2 CE3  sing Y N 328 
TRP NE1 CE2  sing Y N 329 
TRP NE1 HE1  sing N N 330 
TRP CE2 CZ2  sing Y N 331 
TRP CE3 CZ3  doub Y N 332 
TRP CE3 HE3  sing N N 333 
TRP CZ2 CH2  doub Y N 334 
TRP CZ2 HZ2  sing N N 335 
TRP CZ3 CH2  sing Y N 336 
TRP CZ3 HZ3  sing N N 337 
TRP CH2 HH2  sing N N 338 
TRP OXT HXT  sing N N 339 
TYR N   CA   sing N N 340 
TYR N   H    sing N N 341 
TYR N   H2   sing N N 342 
TYR CA  C    sing N N 343 
TYR CA  CB   sing N N 344 
TYR CA  HA   sing N N 345 
TYR C   O    doub N N 346 
TYR C   OXT  sing N N 347 
TYR CB  CG   sing N N 348 
TYR CB  HB2  sing N N 349 
TYR CB  HB3  sing N N 350 
TYR CG  CD1  doub Y N 351 
TYR CG  CD2  sing Y N 352 
TYR CD1 CE1  sing Y N 353 
TYR CD1 HD1  sing N N 354 
TYR CD2 CE2  doub Y N 355 
TYR CD2 HD2  sing N N 356 
TYR CE1 CZ   doub Y N 357 
TYR CE1 HE1  sing N N 358 
TYR CE2 CZ   sing Y N 359 
TYR CE2 HE2  sing N N 360 
TYR CZ  OH   sing N N 361 
TYR OH  HH   sing N N 362 
TYR OXT HXT  sing N N 363 
VAL N   CA   sing N N 364 
VAL N   H    sing N N 365 
VAL N   H2   sing N N 366 
VAL CA  C    sing N N 367 
VAL CA  CB   sing N N 368 
VAL CA  HA   sing N N 369 
VAL C   O    doub N N 370 
VAL C   OXT  sing N N 371 
VAL CB  CG1  sing N N 372 
VAL CB  CG2  sing N N 373 
VAL CB  HB   sing N N 374 
VAL CG1 HG11 sing N N 375 
VAL CG1 HG12 sing N N 376 
VAL CG1 HG13 sing N N 377 
VAL CG2 HG21 sing N N 378 
VAL CG2 HG22 sing N N 379 
VAL CG2 HG23 sing N N 380 
VAL OXT HXT  sing N N 381 
# 
_atom_sites.entry_id                    5CIV 
_atom_sites.fract_transf_matrix[1][1]   0.00014289 
_atom_sites.fract_transf_matrix[1][2]   0.00293546 
_atom_sites.fract_transf_matrix[1][3]   0.02080646 
_atom_sites.fract_transf_matrix[2][1]   -0.01041916 
_atom_sites.fract_transf_matrix[2][2]   0.01803313 
_atom_sites.fract_transf_matrix[2][3]   -0.00247263 
_atom_sites.fract_transf_matrix[3][1]   -0.01200316 
_atom_sites.fract_transf_matrix[3][2]   -0.00679247 
_atom_sites.fract_transf_matrix[3][3]   0.00104074 
_atom_sites.fract_transf_vector[1]      0.655658 
_atom_sites.fract_transf_vector[2]      0.481184 
_atom_sites.fract_transf_vector[3]      0.603741 
# 
loop_
_atom_type.symbol 
C  
N  
O  
SE 
# 
loop_
_atom_site.group_PDB 
_atom_site.id 
_atom_site.type_symbol 
_atom_site.label_atom_id 
_atom_site.label_alt_id 
_atom_site.label_comp_id 
_atom_site.label_asym_id 
_atom_site.label_entity_id 
_atom_site.label_seq_id 
_atom_site.pdbx_PDB_ins_code 
_atom_site.Cartn_x 
_atom_site.Cartn_y 
_atom_site.Cartn_z 
_atom_site.occupancy 
_atom_site.B_iso_or_equiv 
_atom_site.pdbx_formal_charge 
_atom_site.auth_seq_id 
_atom_site.auth_comp_id 
_atom_site.auth_asym_id 
_atom_site.auth_atom_id 
_atom_site.pdbx_PDB_model_num 
ATOM   1    N  N   . GLU A 1 16  ? 5.698   12.215  11.325  1.00 46.67 ? 16  GLU A N   1 
ATOM   2    C  CA  . GLU A 1 16  ? 4.535   13.096  11.264  1.00 40.93 ? 16  GLU A CA  1 
ATOM   3    C  C   . GLU A 1 16  ? 4.595   14.014  10.049  1.00 37.33 ? 16  GLU A C   1 
ATOM   4    O  O   . GLU A 1 16  ? 5.665   14.238  9.477   1.00 39.72 ? 16  GLU A O   1 
ATOM   5    C  CB  . GLU A 1 16  ? 4.422   13.933  12.542  1.00 39.92 ? 16  GLU A CB  1 
ATOM   6    C  CG  . GLU A 1 16  ? 4.110   13.127  13.792  1.00 47.83 ? 16  GLU A CG  1 
ATOM   7    C  CD  . GLU A 1 16  ? 4.018   13.990  15.037  1.00 51.92 ? 16  GLU A CD  1 
ATOM   8    O  OE1 . GLU A 1 16  ? 5.016   14.670  15.362  1.00 51.48 ? 16  GLU A OE1 1 
ATOM   9    O  OE2 . GLU A 1 16  ? 2.954   13.986  15.691  1.00 51.50 ? 16  GLU A OE2 1 
ATOM   10   N  N   . TYR A 1 17  ? 3.440   14.544  9.659   1.00 31.87 ? 17  TYR A N   1 
ATOM   11   C  CA  . TYR A 1 17  ? 3.362   15.458  8.529   1.00 26.78 ? 17  TYR A CA  1 
ATOM   12   C  C   . TYR A 1 17  ? 2.804   16.804  8.960   1.00 27.03 ? 17  TYR A C   1 
ATOM   13   O  O   . TYR A 1 17  ? 1.997   16.890  9.881   1.00 22.69 ? 17  TYR A O   1 
ATOM   14   C  CB  . TYR A 1 17  ? 2.505   14.862  7.414   1.00 20.69 ? 17  TYR A CB  1 
ATOM   15   C  CG  . TYR A 1 17  ? 3.112   13.611  6.826   1.00 20.20 ? 17  TYR A CG  1 
ATOM   16   C  CD1 . TYR A 1 17  ? 3.942   13.676  5.715   1.00 17.93 ? 17  TYR A CD1 1 
ATOM   17   C  CD2 . TYR A 1 17  ? 2.874   12.367  7.396   1.00 22.50 ? 17  TYR A CD2 1 
ATOM   18   C  CE1 . TYR A 1 17  ? 4.507   12.534  5.178   1.00 17.02 ? 17  TYR A CE1 1 
ATOM   19   C  CE2 . TYR A 1 17  ? 3.436   11.220  6.866   1.00 21.19 ? 17  TYR A CE2 1 
ATOM   20   C  CZ  . TYR A 1 17  ? 4.247   11.309  5.752   1.00 17.97 ? 17  TYR A CZ  1 
ATOM   21   O  OH  . TYR A 1 17  ? 4.814   10.172  5.220   1.00 19.35 ? 17  TYR A OH  1 
ATOM   22   N  N   . THR A 1 18  ? 3.238   17.854  8.283   1.00 24.08 ? 18  THR A N   1 
ATOM   23   C  CA  . THR A 1 18  ? 2.825   19.200  8.642   1.00 29.57 ? 18  THR A CA  1 
ATOM   24   C  C   . THR A 1 18  ? 1.469   19.548  8.042   1.00 29.70 ? 18  THR A C   1 
ATOM   25   O  O   . THR A 1 18  ? 0.786   20.450  8.521   1.00 27.10 ? 18  THR A O   1 
ATOM   26   C  CB  . THR A 1 18  ? 3.869   20.240  8.183   1.00 32.73 ? 18  THR A CB  1 
ATOM   27   O  OG1 . THR A 1 18  ? 3.532   21.530  8.708   1.00 36.83 ? 18  THR A OG1 1 
ATOM   28   C  CG2 . THR A 1 18  ? 3.925   20.300  6.662   1.00 25.82 ? 18  THR A CG2 1 
ATOM   29   N  N   . SER A 1 19  ? 1.069   18.825  7.001   1.00 18.38 ? 19  SER A N   1 
ATOM   30   C  CA  . SER A 1 19  ? -0.109  19.213  6.246   1.00 15.25 ? 19  SER A CA  1 
ATOM   31   C  C   . SER A 1 19  ? -0.537  18.105  5.308   1.00 15.06 ? 19  SER A C   1 
ATOM   32   O  O   . SER A 1 19  ? 0.252   17.210  4.991   1.00 15.98 ? 19  SER A O   1 
ATOM   33   C  CB  . SER A 1 19  ? 0.170   20.478  5.435   1.00 22.04 ? 19  SER A CB  1 
ATOM   34   O  OG  . SER A 1 19  ? 1.173   20.224  4.461   1.00 21.70 ? 19  SER A OG  1 
ATOM   35   N  N   . LYS A 1 20  ? -1.780  18.184  4.852   1.00 13.71 ? 20  LYS A N   1 
ATOM   36   C  CA  . LYS A 1 20  ? -2.260  17.314  3.794   1.00 17.08 ? 20  LYS A CA  1 
ATOM   37   C  C   . LYS A 1 20  ? -1.375  17.462  2.558   1.00 17.82 ? 20  LYS A C   1 
ATOM   38   O  O   . LYS A 1 20  ? -1.092  16.483  1.868   1.00 15.45 ? 20  LYS A O   1 
ATOM   39   C  CB  . LYS A 1 20  ? -3.716  17.633  3.458   1.00 16.70 ? 20  LYS A CB  1 
ATOM   40   C  CG  . LYS A 1 20  ? -4.266  16.804  2.325   1.00 20.56 ? 20  LYS A CG  1 
ATOM   41   C  CD  . LYS A 1 20  ? -5.785  16.847  2.274   1.00 21.61 ? 20  LYS A CD  1 
ATOM   42   C  CE  . LYS A 1 20  ? -6.304  18.255  2.051   1.00 23.86 ? 20  LYS A CE  1 
ATOM   43   N  NZ  . LYS A 1 20  ? -7.753  18.240  1.686   1.00 17.35 ? 20  LYS A NZ  1 
ATOM   44   N  N   . GLU A 1 21  ? -0.919  18.683  2.288   1.00 17.62 ? 21  GLU A N   1 
ATOM   45   C  CA  . GLU A 1 21  ? -0.073  18.940  1.128   1.00 18.48 ? 21  GLU A CA  1 
ATOM   46   C  C   . GLU A 1 21  ? 1.230   18.135  1.174   1.00 16.30 ? 21  GLU A C   1 
ATOM   47   O  O   . GLU A 1 21  ? 1.613   17.505  0.179   1.00 15.81 ? 21  GLU A O   1 
ATOM   48   C  CB  . GLU A 1 21  ? 0.237   20.436  1.024   1.00 20.39 ? 21  GLU A CB  1 
ATOM   49   C  CG  . GLU A 1 21  ? 1.369   20.779  0.063   1.00 28.01 ? 21  GLU A CG  1 
ATOM   50   C  CD  . GLU A 1 21  ? 1.666   22.270  0.022   1.00 35.41 ? 21  GLU A CD  1 
ATOM   51   O  OE1 . GLU A 1 21  ? 0.712   23.076  0.042   1.00 35.61 ? 21  GLU A OE1 1 
ATOM   52   O  OE2 . GLU A 1 21  ? 2.858   22.636  -0.015  1.00 38.63 ? 21  GLU A OE2 1 
ATOM   53   N  N   . GLU A 1 22  ? 1.905   18.153  2.317   1.00 15.13 ? 22  GLU A N   1 
ATOM   54   C  CA  . GLU A 1 22  ? 3.158   17.431  2.479   1.00 14.56 ? 22  GLU A CA  1 
ATOM   55   C  C   . GLU A 1 22  ? 2.930   15.927  2.432   1.00 14.63 ? 22  GLU A C   1 
ATOM   56   O  O   . GLU A 1 22  ? 3.760   15.182  1.893   1.00 13.88 ? 22  GLU A O   1 
ATOM   57   C  CB  . GLU A 1 22  ? 3.847   17.810  3.795   1.00 17.80 ? 22  GLU A CB  1 
ATOM   58   C  CG  . GLU A 1 22  ? 5.184   17.108  3.993   1.00 24.49 ? 22  GLU A CG  1 
ATOM   59   C  CD  . GLU A 1 22  ? 5.872   17.479  5.294   1.00 44.82 ? 22  GLU A CD  1 
ATOM   60   O  OE1 . GLU A 1 22  ? 5.282   17.244  6.370   1.00 39.79 ? 22  GLU A OE1 1 
ATOM   61   O  OE2 . GLU A 1 22  ? 7.006   18.003  5.236   1.00 51.82 ? 22  GLU A OE2 1 
ATOM   62   N  N   . LEU A 1 23  ? 1.817   15.478  3.009   1.00 11.98 ? 23  LEU A N   1 
ATOM   63   C  CA  . LEU A 1 23  ? 1.473   14.064  3.002   1.00 12.49 ? 23  LEU A CA  1 
ATOM   64   C  C   . LEU A 1 23  ? 1.315   13.569  1.563   1.00 11.83 ? 23  LEU A C   1 
ATOM   65   O  O   . LEU A 1 23  ? 1.946   12.576  1.172   1.00 10.41 ? 23  LEU A O   1 
ATOM   66   C  CB  . LEU A 1 23  ? 0.192   13.812  3.808   1.00 12.14 ? 23  LEU A CB  1 
ATOM   67   C  CG  . LEU A 1 23  ? -0.277  12.356  3.856   1.00 11.41 ? 23  LEU A CG  1 
ATOM   68   C  CD1 . LEU A 1 23  ? 0.768   11.447  4.459   1.00 14.79 ? 23  LEU A CD1 1 
ATOM   69   C  CD2 . LEU A 1 23  ? -1.593  12.264  4.642   1.00 15.44 ? 23  LEU A CD2 1 
ATOM   70   N  N   . LYS A 1 24  ? 0.509   14.264  0.766   1.00 11.07 ? 24  LYS A N   1 
ATOM   71   C  CA  . LYS A 1 24  ? 0.334   13.879  -0.632  1.00 11.25 ? 24  LYS A CA  1 
ATOM   72   C  C   . LYS A 1 24  ? 1.652   13.920  -1.403  1.00 11.42 ? 24  LYS A C   1 
ATOM   73   O  O   . LYS A 1 24  ? 1.923   13.031  -2.202  1.00 12.12 ? 24  LYS A O   1 
ATOM   74   C  CB  . LYS A 1 24  ? -0.693  14.776  -1.319  1.00 12.83 ? 24  LYS A CB  1 
ATOM   75   C  CG  . LYS A 1 24  ? -2.121  14.577  -0.827  1.00 15.51 ? 24  LYS A CG  1 
ATOM   76   C  CD  . LYS A 1 24  ? -3.075  15.513  -1.560  1.00 20.37 ? 24  LYS A CD  1 
ATOM   77   C  CE  . LYS A 1 24  ? -3.125  15.179  -3.043  1.00 30.51 ? 24  LYS A CE  1 
ATOM   78   N  NZ  . LYS A 1 24  ? -3.686  16.292  -3.856  1.00 43.69 ? 24  LYS A NZ  1 
ATOM   79   N  N   . LYS A 1 25  ? 2.466   14.947  -1.173  1.00 11.92 ? 25  LYS A N   1 
ATOM   80   C  CA  . LYS A 1 25  ? 3.727   15.107  -1.900  1.00 12.42 ? 25  LYS A CA  1 
ATOM   81   C  C   . LYS A 1 25  ? 4.657   13.936  -1.633  1.00 11.06 ? 25  LYS A C   1 
ATOM   82   O  O   . LYS A 1 25  ? 5.261   13.369  -2.560  1.00 11.27 ? 25  LYS A O   1 
ATOM   83   C  CB  . LYS A 1 25  ? 4.413   16.418  -1.499  1.00 14.08 ? 25  LYS A CB  1 
ATOM   84   C  CG  . LYS A 1 25  ? 5.803   16.610  -2.089  1.00 16.60 ? 25  LYS A CG  1 
ATOM   85   C  CD  . LYS A 1 25  ? 6.487   17.852  -1.506  1.00 20.80 ? 25  LYS A CD  1 
ATOM   86   C  CE  . LYS A 1 25  ? 7.937   17.944  -1.968  1.00 24.76 ? 25  LYS A CE  1 
ATOM   87   N  NZ  . LYS A 1 25  ? 8.683   19.050  -1.290  1.00 29.44 ? 25  LYS A NZ  1 
ATOM   88   N  N   . THR A 1 26  ? 4.766   13.576  -0.360  1.00 11.79 ? 26  THR A N   1 
ATOM   89   C  CA  . THR A 1 26  ? 5.655   12.519  0.075   1.00 11.21 ? 26  THR A CA  1 
ATOM   90   C  C   . THR A 1 26  ? 5.198   11.177  -0.484  1.00 10.54 ? 26  THR A C   1 
ATOM   91   O  O   . THR A 1 26  ? 6.010   10.406  -0.980  1.00 9.97  ? 26  THR A O   1 
ATOM   92   C  CB  . THR A 1 26  ? 5.731   12.457  1.606   1.00 13.12 ? 26  THR A CB  1 
ATOM   93   O  OG1 . THR A 1 26  ? 6.205   13.721  2.096   1.00 16.73 ? 26  THR A OG1 1 
ATOM   94   C  CG2 . THR A 1 26  ? 6.690   11.376  2.050   1.00 15.36 ? 26  THR A CG2 1 
ATOM   95   N  N   . ILE A 1 27  ? 3.894   10.918  -0.421  1.00 9.85  ? 27  ILE A N   1 
ATOM   96   C  CA  . ILE A 1 27  ? 3.340   9.678   -0.954  1.00 8.79  ? 27  ILE A CA  1 
ATOM   97   C  C   . ILE A 1 27  ? 3.605   9.565   -2.447  1.00 8.58  ? 27  ILE A C   1 
ATOM   98   O  O   . ILE A 1 27  ? 4.073   8.529   -2.924  1.00 9.47  ? 27  ILE A O   1 
ATOM   99   C  CB  . ILE A 1 27  ? 1.820   9.581   -0.714  1.00 6.99  ? 27  ILE A CB  1 
ATOM   100  C  CG1 . ILE A 1 27  ? 1.502   9.428   0.775   1.00 9.59  ? 27  ILE A CG1 1 
ATOM   101  C  CG2 . ILE A 1 27  ? 1.231   8.398   -1.481  1.00 10.10 ? 27  ILE A CG2 1 
ATOM   102  C  CD1 . ILE A 1 27  ? 0.041   9.727   1.098   1.00 9.01  ? 27  ILE A CD1 1 
ATOM   103  N  N   . HIS A 1 28  ? 3.298   10.615  -3.195  1.00 8.54  ? 28  HIS A N   1 
ATOM   104  C  CA  . HIS A 1 28  ? 3.403   10.510  -4.639  1.00 8.54  ? 28  HIS A CA  1 
ATOM   105  C  C   . HIS A 1 28  ? 4.855   10.387  -5.082  1.00 9.69  ? 28  HIS A C   1 
ATOM   106  O  O   . HIS A 1 28  ? 5.154   9.638   -6.009  1.00 9.02  ? 28  HIS A O   1 
ATOM   107  C  CB  . HIS A 1 28  ? 2.743   11.687  -5.343  1.00 9.51  ? 28  HIS A CB  1 
ATOM   108  C  CG  . HIS A 1 28  ? 2.413   11.402  -6.773  1.00 10.71 ? 28  HIS A CG  1 
ATOM   109  N  ND1 . HIS A 1 28  ? 1.708   10.274  -7.154  1.00 13.39 ? 28  HIS A ND1 1 
ATOM   110  C  CD2 . HIS A 1 28  ? 2.707   12.057  -7.919  1.00 15.94 ? 28  HIS A CD2 1 
ATOM   111  C  CE1 . HIS A 1 28  ? 1.572   10.263  -8.464  1.00 16.01 ? 28  HIS A CE1 1 
ATOM   112  N  NE2 . HIS A 1 28  ? 2.172   11.336  -8.957  1.00 16.58 ? 28  HIS A NE2 1 
ATOM   113  N  N   . ALA A 1 29  ? 5.759   11.115  -4.438  1.00 9.16  ? 29  ALA A N   1 
ATOM   114  C  CA  . ALA A 1 29  ? 7.176   10.984  -4.778  1.00 9.85  ? 29  ALA A CA  1 
ATOM   115  C  C   . ALA A 1 29  ? 7.669   9.556   -4.577  1.00 10.24 ? 29  ALA A C   1 
ATOM   116  O  O   . ALA A 1 29  ? 8.368   9.018   -5.424  1.00 9.88  ? 29  ALA A O   1 
ATOM   117  C  CB  . ALA A 1 29  ? 8.015   11.946  -3.958  1.00 12.22 ? 29  ALA A CB  1 
ATOM   118  N  N   . ALA A 1 30  ? 7.279   8.935   -3.471  1.00 8.64  ? 30  ALA A N   1 
ATOM   119  C  CA  . ALA A 1 30  ? 7.716   7.585   -3.164  1.00 7.23  ? 30  ALA A CA  1 
ATOM   120  C  C   . ALA A 1 30  ? 7.077   6.589   -4.125  1.00 10.11 ? 30  ALA A C   1 
ATOM   121  O  O   . ALA A 1 30  ? 7.725   5.623   -4.538  1.00 8.55  ? 30  ALA A O   1 
ATOM   122  C  CB  . ALA A 1 30  ? 7.384   7.230   -1.725  1.00 8.51  ? 30  ALA A CB  1 
ATOM   123  N  N   . TYR A 1 31  ? 5.817   6.827   -4.495  1.00 7.64  ? 31  TYR A N   1 
ATOM   124  C  CA  . TYR A 1 31  ? 5.150   5.975   -5.461  1.00 7.29  ? 31  TYR A CA  1 
ATOM   125  C  C   . TYR A 1 31  ? 5.916   5.996   -6.783  1.00 7.87  ? 31  TYR A C   1 
ATOM   126  O  O   . TYR A 1 31  ? 6.196   4.942   -7.371  1.00 8.03  ? 31  TYR A O   1 
ATOM   127  C  CB  . TYR A 1 31  ? 3.687   6.405   -5.696  1.00 7.28  ? 31  TYR A CB  1 
ATOM   128  C  CG  . TYR A 1 31  ? 3.194   5.796   -6.977  1.00 7.89  ? 31  TYR A CG  1 
ATOM   129  C  CD1 . TYR A 1 31  ? 2.927   4.432   -7.060  1.00 8.68  ? 31  TYR A CD1 1 
ATOM   130  C  CD2 . TYR A 1 31  ? 3.095   6.557   -8.130  1.00 10.02 ? 31  TYR A CD2 1 
ATOM   131  C  CE1 . TYR A 1 31  ? 2.546   3.853   -8.257  1.00 9.42  ? 31  TYR A CE1 1 
ATOM   132  C  CE2 . TYR A 1 31  ? 2.716   5.991   -9.331  1.00 10.36 ? 31  TYR A CE2 1 
ATOM   133  C  CZ  . TYR A 1 31  ? 2.440   4.644   -9.391  1.00 10.67 ? 31  TYR A CZ  1 
ATOM   134  O  OH  . TYR A 1 31  ? 2.075   4.095   -10.612 1.00 11.87 ? 31  TYR A OH  1 
ATOM   135  N  N   . LEU A 1 32  ? 6.241   7.189   -7.266  1.00 8.16  ? 32  LEU A N   1 
ATOM   136  C  CA  . LEU A 1 32  ? 6.904   7.298   -8.559  1.00 8.89  ? 32  LEU A CA  1 
ATOM   137  C  C   . LEU A 1 32  ? 8.279   6.632   -8.535  1.00 8.38  ? 32  LEU A C   1 
ATOM   138  O  O   . LEU A 1 32  ? 8.664   5.989   -9.508  1.00 10.24 ? 32  LEU A O   1 
ATOM   139  C  CB  . LEU A 1 32  ? 7.032   8.760   -8.978  1.00 9.25  ? 32  LEU A CB  1 
ATOM   140  C  CG  . LEU A 1 32  ? 5.711   9.441   -9.338  1.00 9.57  ? 32  LEU A CG  1 
ATOM   141  C  CD1 . LEU A 1 32  ? 5.901   10.932  -9.623  1.00 12.69 ? 32  LEU A CD1 1 
ATOM   142  C  CD2 . LEU A 1 32  ? 5.055   8.740   -10.516 1.00 11.36 ? 32  LEU A CD2 1 
ATOM   143  N  N   . LEU A 1 33  ? 9.014   6.759   -7.436  1.00 9.74  ? 33  LEU A N   1 
ATOM   144  C  CA  . LEU A 1 33  ? 10.322  6.105   -7.358  1.00 11.62 ? 33  LEU A CA  1 
ATOM   145  C  C   . LEU A 1 33  ? 10.177  4.584   -7.319  1.00 11.95 ? 33  LEU A C   1 
ATOM   146  O  O   . LEU A 1 33  ? 10.972  3.863   -7.934  1.00 12.09 ? 33  LEU A O   1 
ATOM   147  C  CB  . LEU A 1 33  ? 11.113  6.608   -6.151  1.00 10.99 ? 33  LEU A CB  1 
ATOM   148  C  CG  . LEU A 1 33  ? 11.621  8.049   -6.289  1.00 12.65 ? 33  LEU A CG  1 
ATOM   149  C  CD1 . LEU A 1 33  ? 12.098  8.568   -4.946  1.00 15.05 ? 33  LEU A CD1 1 
ATOM   150  C  CD2 . LEU A 1 33  ? 12.741  8.134   -7.314  1.00 18.68 ? 33  LEU A CD2 1 
ATOM   151  N  N   . LEU A 1 34  ? 9.155   4.089   -6.628  1.00 9.76  ? 34  LEU A N   1 
ATOM   152  C  CA  . LEU A 1 34  ? 8.912   2.650   -6.580  1.00 8.07  ? 34  LEU A CA  1 
ATOM   153  C  C   . LEU A 1 34  ? 8.533   2.111   -7.963  1.00 9.19  ? 34  LEU A C   1 
ATOM   154  O  O   . LEU A 1 34  ? 9.137   1.150   -8.468  1.00 8.97  ? 34  LEU A O   1 
ATOM   155  C  CB  . LEU A 1 34  ? 7.806   2.313   -5.571  1.00 9.21  ? 34  LEU A CB  1 
ATOM   156  C  CG  . LEU A 1 34  ? 7.295   0.870   -5.568  1.00 6.99  ? 34  LEU A CG  1 
ATOM   157  C  CD1 . LEU A 1 34  ? 8.407   -0.147  -5.312  1.00 9.71  ? 34  LEU A CD1 1 
ATOM   158  C  CD2 . LEU A 1 34  ? 6.200   0.719   -4.529  1.00 9.29  ? 34  LEU A CD2 1 
ATOM   159  N  N   . ASP A 1 35  ? 7.540   2.721   -8.589  1.00 8.74  ? 35  ASP A N   1 
ATOM   160  C  CA  . ASP A 1 35  ? 7.110   2.206   -9.880  1.00 8.75  ? 35  ASP A CA  1 
ATOM   161  C  C   . ASP A 1 35  ? 8.218   2.314   -10.922 1.00 9.61  ? 35  ASP A C   1 
ATOM   162  O  O   . ASP A 1 35  ? 8.365   1.425   -11.767 1.00 9.80  ? 35  ASP A O   1 
ATOM   163  C  CB  . ASP A 1 35  ? 5.862   2.918   -10.390 1.00 9.49  ? 35  ASP A CB  1 
ATOM   164  C  CG  . ASP A 1 35  ? 5.376   2.327   -11.705 1.00 12.31 ? 35  ASP A CG  1 
ATOM   165  O  OD1 . ASP A 1 35  ? 4.910   1.166   -11.687 1.00 12.63 ? 35  ASP A OD1 1 
ATOM   166  O  OD2 . ASP A 1 35  ? 5.501   3.001   -12.750 1.00 16.15 ? 35  ASP A OD2 1 
ATOM   167  N  N   . GLY A 1 36  ? 9.012   3.379   -10.848 1.00 9.65  ? 36  GLY A N   1 
ATOM   168  C  CA  . GLY A 1 36  ? 10.102  3.574   -11.785 1.00 11.24 ? 36  GLY A CA  1 
ATOM   169  C  C   . GLY A 1 36  ? 11.113  2.443   -11.785 1.00 10.63 ? 36  GLY A C   1 
ATOM   170  O  O   . GLY A 1 36  ? 11.769  2.192   -12.815 1.00 11.61 ? 36  GLY A O   1 
ATOM   171  N  N   . GLU A 1 37  ? 11.248  1.751   -10.654 1.00 8.82  ? 37  GLU A N   1 
ATOM   172  C  CA  . GLU A 1 37  ? 12.195  0.642   -10.575 1.00 9.91  ? 37  GLU A CA  1 
ATOM   173  C  C   . GLU A 1 37  ? 11.784  -0.541  -11.445 1.00 11.16 ? 37  GLU A C   1 
ATOM   174  O  O   . GLU A 1 37  ? 12.609  -1.395  -11.772 1.00 10.95 ? 37  GLU A O   1 
ATOM   175  C  CB  . GLU A 1 37  ? 12.358  0.148   -9.138  1.00 10.12 ? 37  GLU A CB  1 
ATOM   176  C  CG  . GLU A 1 37  ? 12.895  1.165   -8.139  1.00 10.72 ? 37  GLU A CG  1 
ATOM   177  C  CD  . GLU A 1 37  ? 14.346  1.565   -8.371  1.00 16.73 ? 37  GLU A CD  1 
ATOM   178  O  OE1 . GLU A 1 37  ? 15.022  0.982   -9.256  1.00 15.53 ? 37  GLU A OE1 1 
ATOM   179  O  OE2 . GLU A 1 37  ? 14.813  2.468   -7.651  1.00 14.65 ? 37  GLU A OE2 1 
ATOM   180  N  N   . PHE A 1 38  ? 10.515  -0.601  -11.820 1.00 9.46  ? 38  PHE A N   1 
ATOM   181  C  CA  . PHE A 1 38  ? 10.032  -1.756  -12.576 1.00 10.49 ? 38  PHE A CA  1 
ATOM   182  C  C   . PHE A 1 38  ? 10.320  -1.650  -14.075 1.00 12.96 ? 38  PHE A C   1 
ATOM   183  O  O   . PHE A 1 38  ? 10.203  -2.634  -14.811 1.00 12.86 ? 38  PHE A O   1 
ATOM   184  C  CB  . PHE A 1 38  ? 8.542   -1.960  -12.319 1.00 11.15 ? 38  PHE A CB  1 
ATOM   185  C  CG  . PHE A 1 38  ? 8.253   -2.590  -10.985 1.00 10.27 ? 38  PHE A CG  1 
ATOM   186  C  CD1 . PHE A 1 38  ? 8.224   -1.820  -9.828  1.00 10.02 ? 38  PHE A CD1 1 
ATOM   187  C  CD2 . PHE A 1 38  ? 8.035   -3.955  -10.876 1.00 10.59 ? 38  PHE A CD2 1 
ATOM   188  C  CE1 . PHE A 1 38  ? 7.972   -2.394  -8.602  1.00 10.40 ? 38  PHE A CE1 1 
ATOM   189  C  CE2 . PHE A 1 38  ? 7.778   -4.534  -9.641  1.00 10.04 ? 38  PHE A CE2 1 
ATOM   190  C  CZ  . PHE A 1 38  ? 7.753   -3.752  -8.505  1.00 10.16 ? 38  PHE A CZ  1 
ATOM   191  N  N   . GLU A 1 39  ? 10.725  -0.468  -14.519 1.00 11.04 ? 39  GLU A N   1 
ATOM   192  C  CA  . GLU A 1 39  ? 11.202  -0.320  -15.893 1.00 14.31 ? 39  GLU A CA  1 
ATOM   193  C  C   . GLU A 1 39  ? 12.388  -1.249  -16.130 1.00 14.81 ? 39  GLU A C   1 
ATOM   194  O  O   . GLU A 1 39  ? 13.355  -1.231  -15.368 1.00 15.61 ? 39  GLU A O   1 
ATOM   195  C  CB  . GLU A 1 39  ? 11.594  1.128   -16.174 1.00 15.39 ? 39  GLU A CB  1 
ATOM   196  C  CG  . GLU A 1 39  ? 10.412  2.065   -16.306 1.00 23.55 ? 39  GLU A CG  1 
ATOM   197  C  CD  . GLU A 1 39  ? 9.509   1.686   -17.464 1.00 34.28 ? 39  GLU A CD  1 
ATOM   198  O  OE1 . GLU A 1 39  ? 10.019  1.547   -18.597 1.00 41.94 ? 39  GLU A OE1 1 
ATOM   199  O  OE2 . GLU A 1 39  ? 8.290   1.515   -17.246 1.00 28.27 ? 39  GLU A OE2 1 
ATOM   200  N  N   . GLY A 1 40  ? 12.294  -2.078  -17.171 1.00 13.47 ? 40  GLY A N   1 
ATOM   201  C  CA  . GLY A 1 40  ? 13.339  -3.038  -17.470 1.00 15.44 ? 40  GLY A CA  1 
ATOM   202  C  C   . GLY A 1 40  ? 13.124  -4.418  -16.879 1.00 14.81 ? 40  GLY A C   1 
ATOM   203  O  O   . GLY A 1 40  ? 13.880  -5.343  -17.179 1.00 17.93 ? 40  GLY A O   1 
ATOM   204  N  N   . ILE A 1 41  ? 12.124  -4.559  -16.012 1.00 12.21 ? 41  ILE A N   1 
ATOM   205  C  CA  . ILE A 1 41  ? 11.740  -5.878  -15.523 1.00 12.03 ? 41  ILE A CA  1 
ATOM   206  C  C   . ILE A 1 41  ? 10.700  -6.441  -16.474 1.00 12.18 ? 41  ILE A C   1 
ATOM   207  O  O   . ILE A 1 41  ? 9.666   -5.813  -16.727 1.00 13.50 ? 41  ILE A O   1 
ATOM   208  C  CB  . ILE A 1 41  ? 11.176  -5.845  -14.085 1.00 10.28 ? 41  ILE A CB  1 
ATOM   209  C  CG1 . ILE A 1 41  ? 12.208  -5.208  -13.150 1.00 10.44 ? 41  ILE A CG1 1 
ATOM   210  C  CG2 . ILE A 1 41  ? 10.800  -7.260  -13.610 1.00 10.28 ? 41  ILE A CG2 1 
ATOM   211  C  CD1 . ILE A 1 41  ? 11.781  -5.189  -11.698 1.00 10.31 ? 41  ILE A CD1 1 
ATOM   212  N  N   . ASP A 1 42  ? 10.983  -7.624  -17.011 1.00 11.42 ? 42  ASP A N   1 
ATOM   213  C  CA  . ASP A 1 42  ? 10.126  -8.226  -18.020 1.00 13.15 ? 42  ASP A CA  1 
ATOM   214  C  C   . ASP A 1 42  ? 8.877   -8.831  -17.395 1.00 11.23 ? 42  ASP A C   1 
ATOM   215  O  O   . ASP A 1 42  ? 8.936   -9.322  -16.270 1.00 10.95 ? 42  ASP A O   1 
ATOM   216  C  CB  . ASP A 1 42  ? 10.896  -9.301  -18.784 1.00 12.39 ? 42  ASP A CB  1 
ATOM   217  C  CG  . ASP A 1 42  ? 10.233  -9.660  -20.080 1.00 15.86 ? 42  ASP A CG  1 
ATOM   218  O  OD1 . ASP A 1 42  ? 10.441  -8.906  -21.051 1.00 17.70 ? 42  ASP A OD1 1 
ATOM   219  O  OD2 . ASP A 1 42  ? 9.497   -10.676 -20.124 1.00 14.37 ? 42  ASP A OD2 1 
ATOM   220  N  N   . ASP A 1 43  ? 7.754   -8.802  -18.113 1.00 12.74 ? 43  ASP A N   1 
ATOM   221  C  CA  . ASP A 1 43  ? 6.538   -9.499  -17.667 1.00 10.30 ? 43  ASP A CA  1 
ATOM   222  C  C   . ASP A 1 43  ? 6.834   -10.935 -17.224 1.00 10.41 ? 43  ASP A C   1 
ATOM   223  O  O   . ASP A 1 43  ? 6.298   -11.419 -16.227 1.00 9.74  ? 43  ASP A O   1 
ATOM   224  C  CB  . ASP A 1 43  ? 5.471   -9.553  -18.775 1.00 11.76 ? 43  ASP A CB  1 
ATOM   225  C  CG  . ASP A 1 43  ? 4.697   -8.255  -18.935 1.00 15.87 ? 43  ASP A CG  1 
ATOM   226  O  OD1 . ASP A 1 43  ? 4.834   -7.343  -18.090 1.00 17.09 ? 43  ASP A OD1 1 
ATOM   227  O  OD2 . ASP A 1 43  ? 3.924   -8.163  -19.920 1.00 18.80 ? 43  ASP A OD2 1 
ATOM   228  N  N   . SER A 1 44  ? 7.705   -11.614 -17.958 1.00 10.21 ? 44  SER A N   1 
ATOM   229  C  CA  . SER A 1 44  ? 7.972   -13.020 -17.688 1.00 9.62  ? 44  SER A CA  1 
ATOM   230  C  C   . SER A 1 44  ? 8.690   -13.247 -16.374 1.00 10.03 ? 44  SER A C   1 
ATOM   231  O  O   . SER A 1 44  ? 8.770   -14.383 -15.916 1.00 10.58 ? 44  SER A O   1 
ATOM   232  C  CB  . SER A 1 44  ? 8.802   -13.641 -18.817 1.00 8.58  ? 44  SER A CB  1 
ATOM   233  O  OG  . SER A 1 44  ? 10.094  -13.050 -18.900 1.00 10.41 ? 44  SER A OG  1 
ATOM   234  N  N   . GLN A 1 45  ? 9.213   -12.177 -15.769 1.00 8.48  ? 45  GLN A N   1 
ATOM   235  C  CA  . GLN A 1 45  ? 9.996   -12.302 -14.536 1.00 10.01 ? 45  GLN A CA  1 
ATOM   236  C  C   . GLN A 1 45  ? 9.183   -12.082 -13.269 1.00 9.24  ? 45  GLN A C   1 
ATOM   237  O  O   . GLN A 1 45  ? 9.740   -12.121 -12.168 1.00 9.86  ? 45  GLN A O   1 
ATOM   238  C  CB  . GLN A 1 45  ? 11.165  -11.312 -14.526 1.00 10.09 ? 45  GLN A CB  1 
ATOM   239  C  CG  . GLN A 1 45  ? 12.195  -11.569 -15.605 1.00 10.05 ? 45  GLN A CG  1 
ATOM   240  C  CD  . GLN A 1 45  ? 13.308  -10.543 -15.586 1.00 12.80 ? 45  GLN A CD  1 
ATOM   241  O  OE1 . GLN A 1 45  ? 13.102  -9.387  -15.946 1.00 15.93 ? 45  GLN A OE1 1 
ATOM   242  N  NE2 . GLN A 1 45  ? 14.491  -10.960 -15.160 1.00 17.59 ? 45  GLN A NE2 1 
ATOM   243  N  N   . LYS A 1 46  ? 7.875   -11.882 -13.406 1.00 8.58  ? 46  LYS A N   1 
ATOM   244  C  CA  . LYS A 1 46  ? 7.113   -11.356 -12.269 1.00 9.17  ? 46  LYS A CA  1 
ATOM   245  C  C   . LYS A 1 46  ? 7.083   -12.292 -11.061 1.00 10.62 ? 46  LYS A C   1 
ATOM   246  O  O   . LYS A 1 46  ? 6.917   -11.825 -9.935  1.00 9.34  ? 46  LYS A O   1 
ATOM   247  C  CB  . LYS A 1 46  ? 5.684   -11.009 -12.683 1.00 9.05  ? 46  LYS A CB  1 
ATOM   248  C  CG  . LYS A 1 46  ? 4.737   -12.202 -12.797 1.00 10.87 ? 46  LYS A CG  1 
ATOM   249  C  CD  . LYS A 1 46  ? 3.277   -11.767 -12.964 1.00 13.42 ? 46  LYS A CD  1 
ATOM   250  C  CE  . LYS A 1 46  ? 2.317   -12.958 -12.990 1.00 15.53 ? 46  LYS A CE  1 
ATOM   251  N  NZ  . LYS A 1 46  ? 1.903   -13.371 -11.618 1.00 18.92 ? 46  LYS A NZ  1 
ATOM   252  N  N   . ASP A 1 47  ? 7.240   -13.599 -11.282 1.00 9.88  ? 47  ASP A N   1 
ATOM   253  C  CA  . ASP A 1 47  ? 7.144   -14.572 -10.192 1.00 9.44  ? 47  ASP A CA  1 
ATOM   254  C  C   . ASP A 1 47  ? 8.496   -15.167 -9.842  1.00 10.78 ? 47  ASP A C   1 
ATOM   255  O  O   . ASP A 1 47  ? 8.575   -16.171 -9.131  1.00 12.78 ? 47  ASP A O   1 
ATOM   256  C  CB  . ASP A 1 47  ? 6.174   -15.704 -10.551 1.00 10.44 ? 47  ASP A CB  1 
ATOM   257  C  CG  . ASP A 1 47  ? 4.773   -15.210 -10.811 1.00 14.65 ? 47  ASP A CG  1 
ATOM   258  O  OD1 . ASP A 1 47  ? 4.293   -14.349 -10.050 1.00 14.00 ? 47  ASP A OD1 1 
ATOM   259  O  OD2 . ASP A 1 47  ? 4.155   -15.686 -11.789 1.00 19.25 ? 47  ASP A OD2 1 
ATOM   260  N  N   . ASN A 1 48  ? 9.565   -14.564 -10.340 1.00 9.64  ? 48  ASN A N   1 
ATOM   261  C  CA  . ASN A 1 48  ? 10.893  -15.103 -10.084 1.00 10.41 ? 48  ASN A CA  1 
ATOM   262  C  C   . ASN A 1 48  ? 11.368  -14.686 -8.695  1.00 11.52 ? 48  ASN A C   1 
ATOM   263  O  O   . ASN A 1 48  ? 11.370  -13.501 -8.365  1.00 15.38 ? 48  ASN A O   1 
ATOM   264  C  CB  . ASN A 1 48  ? 11.890  -14.653 -11.168 1.00 14.74 ? 48  ASN A CB  1 
ATOM   265  C  CG  . ASN A 1 48  ? 11.632  -15.315 -12.531 1.00 19.96 ? 48  ASN A CG  1 
ATOM   266  O  OD1 . ASN A 1 48  ? 10.787  -16.203 -12.656 1.00 18.97 ? 48  ASN A OD1 1 
ATOM   267  N  ND2 . ASN A 1 48  ? 12.379  -14.890 -13.553 1.00 19.31 ? 48  ASN A ND2 1 
ATOM   268  N  N   . ARG A 1 49  ? 11.728  -15.668 -7.873  1.00 11.88 ? 49  ARG A N   1 
ATOM   269  C  CA  . ARG A 1 49  ? 12.137  -15.411 -6.495  1.00 13.94 ? 49  ARG A CA  1 
ATOM   270  C  C   . ARG A 1 49  ? 13.641  -15.663 -6.340  1.00 15.98 ? 49  ARG A C   1 
ATOM   271  O  O   . ARG A 1 49  ? 14.175  -16.625 -6.909  1.00 21.11 ? 49  ARG A O   1 
ATOM   272  C  CB  . ARG A 1 49  ? 11.333  -16.291 -5.524  1.00 15.74 ? 49  ARG A CB  1 
ATOM   273  C  CG  . ARG A 1 49  ? 11.229  -15.733 -4.099  1.00 18.18 ? 49  ARG A CG  1 
ATOM   274  C  CD  . ARG A 1 49  ? 10.417  -16.657 -3.175  1.00 20.51 ? 49  ARG A CD  1 
ATOM   275  N  NE  . ARG A 1 49  ? 9.062   -16.901 -3.673  1.00 22.56 ? 49  ARG A NE  1 
ATOM   276  C  CZ  . ARG A 1 49  ? 8.012   -16.128 -3.406  1.00 13.45 ? 49  ARG A CZ  1 
ATOM   277  N  NH1 . ARG A 1 49  ? 8.151   -15.056 -2.641  1.00 14.46 ? 49  ARG A NH1 1 
ATOM   278  N  NH2 . ARG A 1 49  ? 6.821   -16.425 -3.913  1.00 17.66 ? 49  ARG A NH2 1 
ATOM   279  N  N   . VAL A 1 50  ? 14.328  -14.782 -5.615  1.00 14.05 ? 50  VAL A N   1 
ATOM   280  C  CA  . VAL A 1 50  ? 15.728  -15.005 -5.254  1.00 14.31 ? 50  VAL A CA  1 
ATOM   281  C  C   . VAL A 1 50  ? 15.800  -15.115 -3.735  1.00 15.46 ? 50  VAL A C   1 
ATOM   282  O  O   . VAL A 1 50  ? 14.986  -14.520 -3.038  1.00 12.77 ? 50  VAL A O   1 
ATOM   283  C  CB  . VAL A 1 50  ? 16.662  -13.882 -5.755  1.00 14.95 ? 50  VAL A CB  1 
ATOM   284  C  CG1 . VAL A 1 50  ? 16.640  -13.808 -7.279  1.00 19.69 ? 50  VAL A CG1 1 
ATOM   285  C  CG2 . VAL A 1 50  ? 16.291  -12.533 -5.147  1.00 16.76 ? 50  VAL A CG2 1 
ATOM   286  N  N   . PRO A 1 51  ? 16.760  -15.891 -3.208  1.00 14.56 ? 51  PRO A N   1 
ATOM   287  C  CA  . PRO A 1 51  ? 16.804  -16.099 -1.752  1.00 15.82 ? 51  PRO A CA  1 
ATOM   288  C  C   . PRO A 1 51  ? 17.056  -14.828 -0.938  1.00 14.13 ? 51  PRO A C   1 
ATOM   289  O  O   . PRO A 1 51  ? 16.674  -14.761 0.225   1.00 16.93 ? 51  PRO A O   1 
ATOM   290  C  CB  . PRO A 1 51  ? 17.958  -17.097 -1.576  1.00 18.54 ? 51  PRO A CB  1 
ATOM   291  C  CG  . PRO A 1 51  ? 18.733  -17.054 -2.865  1.00 18.71 ? 51  PRO A CG  1 
ATOM   292  C  CD  . PRO A 1 51  ? 17.741  -16.722 -3.926  1.00 19.59 ? 51  PRO A CD  1 
ATOM   293  N  N   . GLU A 1 52  ? 17.671  -13.825 -1.556  1.00 13.62 ? 52  GLU A N   1 
ATOM   294  C  CA  . GLU A 1 52  ? 18.042  -12.601 -0.854  1.00 15.76 ? 52  GLU A CA  1 
ATOM   295  C  C   . GLU A 1 52  ? 16.866  -11.672 -0.558  1.00 15.77 ? 52  GLU A C   1 
ATOM   296  O  O   . GLU A 1 52  ? 16.994  -10.753 0.246   1.00 15.89 ? 52  GLU A O   1 
ATOM   297  C  CB  . GLU A 1 52  ? 19.090  -11.831 -1.664  1.00 16.23 ? 52  GLU A CB  1 
ATOM   298  C  CG  . GLU A 1 52  ? 20.441  -12.533 -1.799  1.00 17.80 ? 52  GLU A CG  1 
ATOM   299  C  CD  . GLU A 1 52  ? 20.491  -13.560 -2.923  1.00 22.16 ? 52  GLU A CD  1 
ATOM   300  O  OE1 . GLU A 1 52  ? 19.516  -13.691 -3.702  1.00 15.19 ? 52  GLU A OE1 1 
ATOM   301  O  OE2 . GLU A 1 52  ? 21.528  -14.249 -3.035  1.00 23.10 ? 52  GLU A OE2 1 
ATOM   302  N  N   . VAL A 1 53  ? 15.738  -11.896 -1.232  1.00 11.57 ? 53  VAL A N   1 
ATOM   303  C  CA  . VAL A 1 53  ? 14.589  -10.996 -1.132  1.00 12.97 ? 53  VAL A CA  1 
ATOM   304  C  C   . VAL A 1 53  ? 13.338  -11.826 -0.899  1.00 12.10 ? 53  VAL A C   1 
ATOM   305  O  O   . VAL A 1 53  ? 13.113  -12.815 -1.589  1.00 13.53 ? 53  VAL A O   1 
ATOM   306  C  CB  . VAL A 1 53  ? 14.421  -10.134 -2.413  1.00 11.77 ? 53  VAL A CB  1 
ATOM   307  C  CG1 . VAL A 1 53  ? 13.224  -9.195  -2.276  1.00 13.64 ? 53  VAL A CG1 1 
ATOM   308  C  CG2 . VAL A 1 53  ? 15.683  -9.339  -2.686  1.00 12.99 ? 53  VAL A CG2 1 
ATOM   309  N  N   . ASP A 1 54  ? 12.528  -11.444 0.086   1.00 11.22 ? 54  ASP A N   1 
ATOM   310  C  CA  . ASP A 1 54  ? 11.427  -12.319 0.473   1.00 10.34 ? 54  ASP A CA  1 
ATOM   311  C  C   . ASP A 1 54  ? 10.242  -12.290 -0.501  1.00 13.37 ? 54  ASP A C   1 
ATOM   312  O  O   . ASP A 1 54  ? 9.445   -13.220 -0.521  1.00 21.67 ? 54  ASP A O   1 
ATOM   313  C  CB  . ASP A 1 54  ? 10.951  -12.017 1.917   1.00 11.60 ? 54  ASP A CB  1 
ATOM   314  C  CG  . ASP A 1 54  ? 10.581  -10.550 2.167   1.00 16.25 ? 54  ASP A CG  1 
ATOM   315  O  OD1 . ASP A 1 54  ? 10.592  -9.710  1.243   1.00 18.41 ? 54  ASP A OD1 1 
ATOM   316  O  OD2 . ASP A 1 54  ? 10.256  -10.241 3.339   1.00 21.08 ? 54  ASP A OD2 1 
ATOM   317  N  N   . ARG A 1 55  ? 10.153  -11.255 -1.332  1.00 10.42 ? 55  ARG A N   1 
ATOM   318  C  CA  . ARG A 1 55  ? 9.043   -11.109 -2.268  1.00 11.46 ? 55  ARG A CA  1 
ATOM   319  C  C   . ARG A 1 55  ? 9.478   -11.218 -3.720  1.00 9.07  ? 55  ARG A C   1 
ATOM   320  O  O   . ARG A 1 55  ? 10.614  -10.881 -4.050  1.00 10.06 ? 55  ARG A O   1 
ATOM   321  C  CB  . ARG A 1 55  ? 8.364   -9.755  -2.081  1.00 13.13 ? 55  ARG A CB  1 
ATOM   322  C  CG  . ARG A 1 55  ? 7.952   -9.421  -0.658  1.00 17.41 ? 55  ARG A CG  1 
ATOM   323  C  CD  . ARG A 1 55  ? 6.536   -9.848  -0.409  1.00 17.34 ? 55  ARG A CD  1 
ATOM   324  N  NE  . ARG A 1 55  ? 6.398   -11.299 -0.405  1.00 16.81 ? 55  ARG A NE  1 
ATOM   325  C  CZ  . ARG A 1 55  ? 6.663   -12.071 0.646   1.00 21.71 ? 55  ARG A CZ  1 
ATOM   326  N  NH1 . ARG A 1 55  ? 6.489   -13.386 0.561   1.00 20.66 ? 55  ARG A NH1 1 
ATOM   327  N  NH2 . ARG A 1 55  ? 7.101   -11.533 1.780   1.00 21.68 ? 55  ARG A NH2 1 
ATOM   328  N  N   . THR A 1 56  ? 8.551   -11.647 -4.577  1.00 8.58  ? 56  THR A N   1 
ATOM   329  C  CA  . THR A 1 56  ? 8.698   -11.528 -6.035  1.00 9.45  ? 56  THR A CA  1 
ATOM   330  C  C   . THR A 1 56  ? 8.245   -10.142 -6.484  1.00 9.58  ? 56  THR A C   1 
ATOM   331  O  O   . THR A 1 56  ? 7.560   -9.450  -5.737  1.00 8.44  ? 56  THR A O   1 
ATOM   332  C  CB  . THR A 1 56  ? 7.852   -12.570 -6.770  1.00 10.83 ? 56  THR A CB  1 
ATOM   333  O  OG1 . THR A 1 56  ? 6.470   -12.352 -6.444  1.00 9.36  ? 56  THR A OG1 1 
ATOM   334  C  CG2 . THR A 1 56  ? 8.235   -13.985 -6.352  1.00 11.61 ? 56  THR A CG2 1 
ATOM   335  N  N   . PRO A 1 57  ? 8.595   -9.728  -7.711  1.00 7.76  ? 57  PRO A N   1 
ATOM   336  C  CA  . PRO A 1 57  ? 8.084   -8.448  -8.216  1.00 7.01  ? 57  PRO A CA  1 
ATOM   337  C  C   . PRO A 1 57  ? 6.553   -8.378  -8.201  1.00 9.53  ? 57  PRO A C   1 
ATOM   338  O  O   . PRO A 1 57  ? 6.000   -7.340  -7.825  1.00 8.46  ? 57  PRO A O   1 
ATOM   339  C  CB  . PRO A 1 57  ? 8.640   -8.398  -9.645  1.00 7.58  ? 57  PRO A CB  1 
ATOM   340  C  CG  . PRO A 1 57  ? 9.954   -9.141  -9.524  1.00 8.39  ? 57  PRO A CG  1 
ATOM   341  C  CD  . PRO A 1 57  ? 9.630   -10.293 -8.603  1.00 9.52  ? 57  PRO A CD  1 
ATOM   342  N  N   . ALA A 1 58  ? 5.883   -9.471  -8.549  1.00 8.30  ? 58  ALA A N   1 
ATOM   343  C  CA  . ALA A 1 58  ? 4.428   -9.498  -8.521  1.00 7.33  ? 58  ALA A CA  1 
ATOM   344  C  C   . ALA A 1 58  ? 3.896   -9.277  -7.115  1.00 8.91  ? 58  ALA A C   1 
ATOM   345  O  O   . ALA A 1 58  ? 2.949   -8.520  -6.915  1.00 9.12  ? 58  ALA A O   1 
ATOM   346  C  CB  . ALA A 1 58  ? 3.899   -10.823 -9.074  1.00 9.54  ? 58  ALA A CB  1 
ATOM   347  N  N   . GLU A 1 59  ? 4.500   -9.943  -6.142  1.00 7.95  ? 59  GLU A N   1 
ATOM   348  C  CA  . GLU A 1 59  ? 4.047   -9.815  -4.758  1.00 7.75  ? 59  GLU A CA  1 
ATOM   349  C  C   . GLU A 1 59  ? 4.284   -8.412  -4.217  1.00 7.96  ? 59  GLU A C   1 
ATOM   350  O  O   . GLU A 1 59  ? 3.506   -7.901  -3.387  1.00 8.30  ? 59  GLU A O   1 
ATOM   351  C  CB  . GLU A 1 59  ? 4.749   -10.835 -3.866  1.00 7.57  ? 59  GLU A CB  1 
ATOM   352  C  CG  . GLU A 1 59  ? 4.235   -12.261 -4.055  1.00 10.79 ? 59  GLU A CG  1 
ATOM   353  C  CD  . GLU A 1 59  ? 5.122   -13.291 -3.379  1.00 12.31 ? 59  GLU A CD  1 
ATOM   354  O  OE1 . GLU A 1 59  ? 6.203   -12.915 -2.887  1.00 12.50 ? 59  GLU A OE1 1 
ATOM   355  O  OE2 . GLU A 1 59  ? 4.723   -14.474 -3.345  1.00 14.00 ? 59  GLU A OE2 1 
ATOM   356  N  N   . ILE A 1 60  ? 5.363   -7.783  -4.669  1.00 8.21  ? 60  ILE A N   1 
ATOM   357  C  CA  . ILE A 1 60  ? 5.690   -6.441  -4.216  1.00 7.39  ? 60  ILE A CA  1 
ATOM   358  C  C   . ILE A 1 60  ? 4.566   -5.462  -4.572  1.00 8.96  ? 60  ILE A C   1 
ATOM   359  O  O   . ILE A 1 60  ? 4.191   -4.610  -3.755  1.00 10.40 ? 60  ILE A O   1 
ATOM   360  C  CB  . ILE A 1 60  ? 7.044   -5.989  -4.793  1.00 8.91  ? 60  ILE A CB  1 
ATOM   361  C  CG1 . ILE A 1 60  ? 8.165   -6.705  -4.028  1.00 10.29 ? 60  ILE A CG1 1 
ATOM   362  C  CG2 . ILE A 1 60  ? 7.203   -4.474  -4.707  1.00 11.83 ? 60  ILE A CG2 1 
ATOM   363  C  CD1 . ILE A 1 60  ? 9.552   -6.488  -4.584  1.00 12.87 ? 60  ILE A CD1 1 
ATOM   364  N  N   . ILE A 1 61  ? 3.995   -5.594  -5.761  1.00 7.37  ? 61  ILE A N   1 
ATOM   365  C  CA  . ILE A 1 61  ? 2.902   -4.716  -6.152  1.00 7.36  ? 61  ILE A CA  1 
ATOM   366  C  C   . ILE A 1 61  ? 1.575   -5.173  -5.541  1.00 8.58  ? 61  ILE A C   1 
ATOM   367  O  O   . ILE A 1 61  ? 0.804   -4.346  -5.034  1.00 8.14  ? 61  ILE A O   1 
ATOM   368  C  CB  . ILE A 1 61  ? 2.788   -4.628  -7.689  1.00 8.16  ? 61  ILE A CB  1 
ATOM   369  C  CG1 . ILE A 1 61  ? 4.074   -4.009  -8.247  1.00 8.10  ? 61  ILE A CG1 1 
ATOM   370  C  CG2 . ILE A 1 61  ? 1.552   -3.805  -8.078  1.00 9.15  ? 61  ILE A CG2 1 
ATOM   371  C  CD1 . ILE A 1 61  ? 4.138   -3.935  -9.757  1.00 11.45 ? 61  ILE A CD1 1 
ATOM   372  N  N   . ALA A 1 62  ? 1.313   -6.476  -5.549  1.00 8.99  ? 62  ALA A N   1 
ATOM   373  C  CA  . ALA A 1 62  ? 0.068   -6.995  -4.983  1.00 7.96  ? 62  ALA A CA  1 
ATOM   374  C  C   . ALA A 1 62  ? -0.089  -6.626  -3.513  1.00 7.86  ? 62  ALA A C   1 
ATOM   375  O  O   . ALA A 1 62  ? -1.192  -6.373  -3.049  1.00 8.59  ? 62  ALA A O   1 
ATOM   376  C  CB  . ALA A 1 62  ? 0.002   -8.504  -5.149  1.00 11.03 ? 62  ALA A CB  1 
ATOM   377  N  N   . TYR A 1 63  ? 1.014   -6.604  -2.774  1.00 7.00  ? 63  TYR A N   1 
ATOM   378  C  CA  . TYR A 1 63  ? 0.983   -6.173  -1.383  1.00 9.36  ? 63  TYR A CA  1 
ATOM   379  C  C   . TYR A 1 63  ? 0.450   -4.743  -1.245  1.00 9.58  ? 63  TYR A C   1 
ATOM   380  O  O   . TYR A 1 63  ? -0.376  -4.478  -0.355  1.00 8.20  ? 63  TYR A O   1 
ATOM   381  C  CB  . TYR A 1 63  ? 2.383   -6.283  -0.790  1.00 8.65  ? 63  TYR A CB  1 
ATOM   382  C  CG  . TYR A 1 63  ? 2.500   -5.937  0.671   1.00 8.19  ? 63  TYR A CG  1 
ATOM   383  C  CD1 . TYR A 1 63  ? 2.731   -4.629  1.080   1.00 8.02  ? 63  TYR A CD1 1 
ATOM   384  C  CD2 . TYR A 1 63  ? 2.423   -6.922  1.642   1.00 10.96 ? 63  TYR A CD2 1 
ATOM   385  C  CE1 . TYR A 1 63  ? 2.853   -4.310  2.433   1.00 10.18 ? 63  TYR A CE1 1 
ATOM   386  C  CE2 . TYR A 1 63  ? 2.555   -6.608  2.995   1.00 9.98  ? 63  TYR A CE2 1 
ATOM   387  C  CZ  . TYR A 1 63  ? 2.777   -5.303  3.372   1.00 9.69  ? 63  TYR A CZ  1 
ATOM   388  O  OH  . TYR A 1 63  ? 2.905   -4.987  4.705   1.00 13.59 ? 63  TYR A OH  1 
ATOM   389  N  N   . GLN A 1 64  ? 0.921   -3.825  -2.094  1.00 7.91  ? 64  GLN A N   1 
ATOM   390  C  CA  . GLN A 1 64  ? 0.421   -2.455  -2.061  1.00 7.85  ? 64  GLN A CA  1 
ATOM   391  C  C   . GLN A 1 64  ? -1.050  -2.391  -2.419  1.00 8.70  ? 64  GLN A C   1 
ATOM   392  O  O   . GLN A 1 64  ? -1.822  -1.693  -1.757  1.00 8.81  ? 64  GLN A O   1 
ATOM   393  C  CB  . GLN A 1 64  ? 1.188   -1.539  -3.017  1.00 7.75  ? 64  GLN A CB  1 
ATOM   394  C  CG  . GLN A 1 64  ? 2.695   -1.741  -3.070  1.00 9.22  ? 64  GLN A CG  1 
ATOM   395  C  CD  . GLN A 1 64  ? 3.364   -1.710  -1.712  1.00 8.48  ? 64  GLN A CD  1 
ATOM   396  O  OE1 . GLN A 1 64  ? 3.020   -0.891  -0.848  1.00 9.65  ? 64  GLN A OE1 1 
ATOM   397  N  NE2 . GLN A 1 64  ? 4.326   -2.600  -1.507  1.00 10.52 ? 64  GLN A NE2 1 
ATOM   398  N  N   . LEU A 1 65  ? -1.440  -3.081  -3.487  1.00 8.32  ? 65  LEU A N   1 
ATOM   399  C  CA  . LEU A 1 65  ? -2.840  -3.091  -3.905  1.00 9.64  ? 65  LEU A CA  1 
ATOM   400  C  C   . LEU A 1 65  ? -3.742  -3.555  -2.778  1.00 10.11 ? 65  LEU A C   1 
ATOM   401  O  O   . LEU A 1 65  ? -4.793  -2.953  -2.527  1.00 11.33 ? 65  LEU A O   1 
ATOM   402  C  CB  . LEU A 1 65  ? -3.033  -3.987  -5.128  1.00 9.40  ? 65  LEU A CB  1 
ATOM   403  C  CG  . LEU A 1 65  ? -2.365  -3.495  -6.414  1.00 10.41 ? 65  LEU A CG  1 
ATOM   404  C  CD1 . LEU A 1 65  ? -2.459  -4.514  -7.545  1.00 10.98 ? 65  LEU A CD1 1 
ATOM   405  C  CD2 . LEU A 1 65  ? -2.984  -2.169  -6.865  1.00 11.17 ? 65  LEU A CD2 1 
ATOM   406  N  N   . GLY A 1 66  ? -3.321  -4.606  -2.082  1.00 8.74  ? 66  GLY A N   1 
ATOM   407  C  CA  . GLY A 1 66  ? -4.112  -5.150  -0.995  1.00 8.23  ? 66  GLY A CA  1 
ATOM   408  C  C   . GLY A 1 66  ? -4.321  -4.132  0.110   1.00 9.56  ? 66  GLY A C   1 
ATOM   409  O  O   . GLY A 1 66  ? -5.455  -3.880  0.509   1.00 9.79  ? 66  GLY A O   1 
ATOM   410  N  N   . TRP A 1 67  ? -3.248  -3.529  0.614   1.00 7.48  ? 67  TRP A N   1 
ATOM   411  C  CA  . TRP A 1 67  ? -3.386  -2.594  1.728   1.00 7.33  ? 67  TRP A CA  1 
ATOM   412  C  C   . TRP A 1 67  ? -4.070  -1.291  1.322   1.00 7.77  ? 67  TRP A C   1 
ATOM   413  O  O   . TRP A 1 67  ? -4.893  -0.783  2.083   1.00 8.79  ? 67  TRP A O   1 
ATOM   414  C  CB  . TRP A 1 67  ? -2.021  -2.302  2.372   1.00 7.35  ? 67  TRP A CB  1 
ATOM   415  C  CG  . TRP A 1 67  ? -1.612  -3.342  3.356   1.00 9.46  ? 67  TRP A CG  1 
ATOM   416  C  CD1 . TRP A 1 67  ? -0.557  -4.200  3.249   1.00 10.99 ? 67  TRP A CD1 1 
ATOM   417  C  CD2 . TRP A 1 67  ? -2.262  -3.658  4.593   1.00 8.40  ? 67  TRP A CD2 1 
ATOM   418  N  NE1 . TRP A 1 67  ? -0.495  -5.016  4.355   1.00 11.26 ? 67  TRP A NE1 1 
ATOM   419  C  CE2 . TRP A 1 67  ? -1.537  -4.704  5.194   1.00 11.81 ? 67  TRP A CE2 1 
ATOM   420  C  CE3 . TRP A 1 67  ? -3.374  -3.131  5.269   1.00 9.60  ? 67  TRP A CE3 1 
ATOM   421  C  CZ2 . TRP A 1 67  ? -1.890  -5.249  6.429   1.00 12.22 ? 67  TRP A CZ2 1 
ATOM   422  C  CZ3 . TRP A 1 67  ? -3.722  -3.672  6.496   1.00 11.09 ? 67  TRP A CZ3 1 
ATOM   423  C  CH2 . TRP A 1 67  ? -2.988  -4.725  7.058   1.00 11.85 ? 67  TRP A CH2 1 
ATOM   424  N  N   . LEU A 1 68  ? -3.756  -0.749  0.146   1.00 6.59  ? 68  LEU A N   1 
ATOM   425  C  CA  . LEU A 1 68  ? -4.372  0.510   -0.261  1.00 7.76  ? 68  LEU A CA  1 
ATOM   426  C  C   . LEU A 1 68  ? -5.883  0.340   -0.347  1.00 8.59  ? 68  LEU A C   1 
ATOM   427  O  O   . LEU A 1 68  ? -6.636  1.184   0.142   1.00 8.65  ? 68  LEU A O   1 
ATOM   428  C  CB  . LEU A 1 68  ? -3.810  0.993   -1.595  1.00 7.06  ? 68  LEU A CB  1 
ATOM   429  C  CG  . LEU A 1 68  ? -2.327  1.381   -1.520  1.00 7.99  ? 68  LEU A CG  1 
ATOM   430  C  CD1 . LEU A 1 68  ? -1.747  1.476   -2.929  1.00 13.18 ? 68  LEU A CD1 1 
ATOM   431  C  CD2 . LEU A 1 68  ? -2.087  2.683   -0.748  1.00 9.62  ? 68  LEU A CD2 1 
ATOM   432  N  N   . HIS A 1 69  ? -6.331  -0.755  -0.951  1.00 8.60  ? 69  HIS A N   1 
ATOM   433  C  CA  . HIS A 1 69  ? -7.763  -0.977  -1.075  1.00 9.11  ? 69  HIS A CA  1 
ATOM   434  C  C   . HIS A 1 69  ? -8.397  -1.279  0.273   1.00 10.99 ? 69  HIS A C   1 
ATOM   435  O  O   . HIS A 1 69  ? -9.509  -0.828  0.551   1.00 11.70 ? 69  HIS A O   1 
ATOM   436  C  CB  . HIS A 1 69  ? -8.039  -2.083  -2.090  1.00 11.09 ? 69  HIS A CB  1 
ATOM   437  C  CG  . HIS A 1 69  ? -7.923  -1.615  -3.508  1.00 12.69 ? 69  HIS A CG  1 
ATOM   438  N  ND1 . HIS A 1 69  ? -8.748  -0.639  -4.031  1.00 18.27 ? 69  HIS A ND1 1 
ATOM   439  C  CD2 . HIS A 1 69  ? -7.058  -1.943  -4.490  1.00 15.91 ? 69  HIS A CD2 1 
ATOM   440  C  CE1 . HIS A 1 69  ? -8.408  -0.407  -5.284  1.00 23.18 ? 69  HIS A CE1 1 
ATOM   441  N  NE2 . HIS A 1 69  ? -7.384  -1.184  -5.592  1.00 21.81 ? 69  HIS A NE2 1 
ATOM   442  N  N   . LEU A 1 70  ? -7.695  -1.999  1.139   1.00 9.94  ? 70  LEU A N   1 
ATOM   443  C  CA  . LEU A 1 70  ? -8.231  -2.297  2.469   1.00 11.43 ? 70  LEU A CA  1 
ATOM   444  C  C   . LEU A 1 70  ? -8.472  -1.023  3.275   1.00 10.49 ? 70  LEU A C   1 
ATOM   445  O  O   . LEU A 1 70  ? -9.542  -0.840  3.861   1.00 10.88 ? 70  LEU A O   1 
ATOM   446  C  CB  . LEU A 1 70  ? -7.285  -3.223  3.230   1.00 14.15 ? 70  LEU A CB  1 
ATOM   447  C  CG  . LEU A 1 70  ? -7.891  -4.247  4.178   1.00 25.30 ? 70  LEU A CG  1 
ATOM   448  C  CD1 . LEU A 1 70  ? -8.964  -5.070  3.468   1.00 15.52 ? 70  LEU A CD1 1 
ATOM   449  C  CD2 . LEU A 1 70  ? -6.786  -5.146  4.726   1.00 16.34 ? 70  LEU A CD2 1 
ATOM   450  N  N   . VAL A 1 71  ? -7.483  -0.130  3.309   1.00 9.33  ? 71  VAL A N   1 
ATOM   451  C  CA  . VAL A 1 71  ? -7.591  1.066   4.140   1.00 10.68 ? 71  VAL A CA  1 
ATOM   452  C  C   . VAL A 1 71  ? -8.647  2.022   3.572   1.00 11.34 ? 71  VAL A C   1 
ATOM   453  O  O   . VAL A 1 71  ? -9.475  2.543   4.322   1.00 11.17 ? 71  VAL A O   1 
ATOM   454  C  CB  . VAL A 1 71  ? -6.231  1.775   4.293   1.00 10.44 ? 71  VAL A CB  1 
ATOM   455  C  CG1 . VAL A 1 71  ? -6.383  3.063   5.086   1.00 11.35 ? 71  VAL A CG1 1 
ATOM   456  C  CG2 . VAL A 1 71  ? -5.259  0.854   5.010   1.00 10.61 ? 71  VAL A CG2 1 
HETATM 457  N  N   . MSE A 1 72  ? -8.649  2.239   2.259   1.00 10.37 ? 72  MSE A N   1 
HETATM 458  C  CA  . MSE A 1 72  ? -9.704  3.061   1.659   1.00 11.82 ? 72  MSE A CA  1 
HETATM 459  C  C   . MSE A 1 72  ? -11.066 2.459   1.932   1.00 13.44 ? 72  MSE A C   1 
HETATM 460  O  O   . MSE A 1 72  ? -12.050 3.186   2.127   1.00 13.70 ? 72  MSE A O   1 
HETATM 461  C  CB  . MSE A 1 72  ? -9.508  3.202   0.150   1.00 13.15 ? 72  MSE A CB  1 
HETATM 462  C  CG  . MSE A 1 72  ? -8.393  4.147   -0.222  1.00 11.90 ? 72  MSE A CG  1 
HETATM 463  SE SE  . MSE A 1 72  ? -8.373  4.573   -2.111  0.67 11.27 ? 72  MSE A SE  1 
HETATM 464  C  CE  . MSE A 1 72  ? -7.695  2.880   -2.780  1.00 16.44 ? 72  MSE A CE  1 
ATOM   465  N  N   . GLY A 1 73  ? -11.131 1.134   1.914   1.00 10.72 ? 73  GLY A N   1 
ATOM   466  C  CA  . GLY A 1 73  ? -12.359 0.427   2.225   1.00 10.55 ? 73  GLY A CA  1 
ATOM   467  C  C   . GLY A 1 73  ? -12.852 0.698   3.636   1.00 10.19 ? 73  GLY A C   1 
ATOM   468  O  O   . GLY A 1 73  ? -14.057 0.884   3.839   1.00 10.66 ? 73  GLY A O   1 
ATOM   469  N  N   . TRP A 1 74  ? -11.952 0.721   4.617   1.00 8.18  ? 74  TRP A N   1 
ATOM   470  C  CA  . TRP A 1 74  ? -12.381 0.988   5.980   1.00 10.76 ? 74  TRP A CA  1 
ATOM   471  C  C   . TRP A 1 74  ? -13.085 2.331   6.042   1.00 10.82 ? 74  TRP A C   1 
ATOM   472  O  O   . TRP A 1 74  ? -14.160 2.451   6.632   1.00 10.40 ? 74  TRP A O   1 
ATOM   473  C  CB  . TRP A 1 74  ? -11.210 1.016   6.963   1.00 11.28 ? 74  TRP A CB  1 
ATOM   474  C  CG  . TRP A 1 74  ? -10.395 -0.240  7.082   1.00 10.99 ? 74  TRP A CG  1 
ATOM   475  C  CD1 . TRP A 1 74  ? -10.783 -1.524  6.830   1.00 10.54 ? 74  TRP A CD1 1 
ATOM   476  C  CD2 . TRP A 1 74  ? -9.025  -0.301  7.490   1.00 8.58  ? 74  TRP A CD2 1 
ATOM   477  N  NE1 . TRP A 1 74  ? -9.720  -2.391  7.054   1.00 10.29 ? 74  TRP A NE1 1 
ATOM   478  C  CE2 . TRP A 1 74  ? -8.639  -1.658  7.464   1.00 8.30  ? 74  TRP A CE2 1 
ATOM   479  C  CE3 . TRP A 1 74  ? -8.095  0.663   7.887   1.00 9.55  ? 74  TRP A CE3 1 
ATOM   480  C  CZ2 . TRP A 1 74  ? -7.350  -2.074  7.820   1.00 8.96  ? 74  TRP A CZ2 1 
ATOM   481  C  CZ3 . TRP A 1 74  ? -6.815  0.254   8.243   1.00 10.05 ? 74  TRP A CZ3 1 
ATOM   482  C  CH2 . TRP A 1 74  ? -6.457  -1.106  8.207   1.00 10.73 ? 74  TRP A CH2 1 
ATOM   483  N  N   . ASP A 1 75  ? -12.474 3.350   5.447   1.00 9.63  ? 75  ASP A N   1 
ATOM   484  C  CA  . ASP A 1 75  ? -13.007 4.700   5.562   1.00 9.96  ? 75  ASP A CA  1 
ATOM   485  C  C   . ASP A 1 75  ? -14.296 4.847   4.771   1.00 11.11 ? 75  ASP A C   1 
ATOM   486  O  O   . ASP A 1 75  ? -15.265 5.406   5.280   1.00 10.44 ? 75  ASP A O   1 
ATOM   487  C  CB  . ASP A 1 75  ? -11.987 5.740   5.089   1.00 10.07 ? 75  ASP A CB  1 
ATOM   488  C  CG  . ASP A 1 75  ? -12.230 7.098   5.706   1.00 10.04 ? 75  ASP A CG  1 
ATOM   489  O  OD1 . ASP A 1 75  ? -12.299 7.158   6.938   1.00 11.22 ? 75  ASP A OD1 1 
ATOM   490  O  OD2 . ASP A 1 75  ? -12.393 8.100   4.971   1.00 12.01 ? 75  ASP A OD2 1 
ATOM   491  N  N   . ARG A 1 76  ? -14.310 4.338   3.545   1.00 9.58  ? 76  ARG A N   1 
ATOM   492  C  CA  . ARG A 1 76  ? -15.503 4.401   2.703   1.00 12.97 ? 76  ARG A CA  1 
ATOM   493  C  C   . ARG A 1 76  ? -16.661 3.684   3.385   1.00 11.38 ? 76  ARG A C   1 
ATOM   494  O  O   . ARG A 1 76  ? -17.780 4.210   3.470   1.00 12.52 ? 76  ARG A O   1 
ATOM   495  C  CB  . ARG A 1 76  ? -15.230 3.786   1.327   1.00 13.06 ? 76  ARG A CB  1 
ATOM   496  C  CG  . ARG A 1 76  ? -16.271 4.100   0.270   1.00 21.65 ? 76  ARG A CG  1 
ATOM   497  C  CD  . ARG A 1 76  ? -16.008 3.323   -1.026  1.00 24.55 ? 76  ARG A CD  1 
ATOM   498  N  NE  . ARG A 1 76  ? -14.708 3.627   -1.627  1.00 29.20 ? 76  ARG A NE  1 
ATOM   499  C  CZ  . ARG A 1 76  ? -13.692 2.768   -1.699  1.00 30.79 ? 76  ARG A CZ  1 
ATOM   500  N  NH1 . ARG A 1 76  ? -13.819 1.541   -1.209  1.00 24.56 ? 76  ARG A NH1 1 
ATOM   501  N  NH2 . ARG A 1 76  ? -12.550 3.133   -2.267  1.00 23.83 ? 76  ARG A NH2 1 
ATOM   502  N  N   . ASP A 1 77  ? -16.392 2.486   3.889   1.00 9.49  ? 77  ASP A N   1 
ATOM   503  C  CA  . ASP A 1 77  ? -17.430 1.703   4.548   1.00 8.66  ? 77  ASP A CA  1 
ATOM   504  C  C   . ASP A 1 77  ? -17.930 2.410   5.799   1.00 11.38 ? 77  ASP A C   1 
ATOM   505  O  O   . ASP A 1 77  ? -19.146 2.472   6.029   1.00 12.26 ? 77  ASP A O   1 
ATOM   506  C  CB  . ASP A 1 77  ? -16.932 0.298   4.902   1.00 10.79 ? 77  ASP A CB  1 
ATOM   507  C  CG  . ASP A 1 77  ? -16.815 -0.607  3.684   1.00 12.55 ? 77  ASP A CG  1 
ATOM   508  O  OD1 . ASP A 1 77  ? -17.187 -0.180  2.566   1.00 15.26 ? 77  ASP A OD1 1 
ATOM   509  O  OD2 . ASP A 1 77  ? -16.367 -1.763  3.859   1.00 14.92 ? 77  ASP A OD2 1 
ATOM   510  N  N   . GLU A 1 78  ? -17.031 2.959   6.608   1.00 9.85  ? 78  GLU A N   1 
ATOM   511  C  CA  . GLU A 1 78  ? -17.490 3.593   7.835   1.00 10.69 ? 78  GLU A CA  1 
ATOM   512  C  C   . GLU A 1 78  ? -18.410 4.768   7.519   1.00 12.11 ? 78  GLU A C   1 
ATOM   513  O  O   . GLU A 1 78  ? -19.478 4.898   8.117   1.00 13.93 ? 78  GLU A O   1 
ATOM   514  C  CB  . GLU A 1 78  ? -16.325 4.065   8.699   1.00 10.45 ? 78  GLU A CB  1 
ATOM   515  C  CG  . GLU A 1 78  ? -16.808 4.795   9.953   1.00 11.18 ? 78  GLU A CG  1 
ATOM   516  C  CD  . GLU A 1 78  ? -15.706 5.061   10.958  1.00 11.64 ? 78  GLU A CD  1 
ATOM   517  O  OE1 . GLU A 1 78  ? -14.890 4.146   11.208  1.00 12.68 ? 78  GLU A OE1 1 
ATOM   518  O  OE2 . GLU A 1 78  ? -15.655 6.187   11.495  1.00 15.54 ? 78  GLU A OE2 1 
ATOM   519  N  N   . LEU A 1 79  ? -18.017 5.606   6.564   1.00 11.46 ? 79  LEU A N   1 
ATOM   520  C  CA  . LEU A 1 79  ? -18.823 6.782   6.255   1.00 14.93 ? 79  LEU A CA  1 
ATOM   521  C  C   . LEU A 1 79  ? -20.145 6.386   5.586   1.00 15.08 ? 79  LEU A C   1 
ATOM   522  O  O   . LEU A 1 79  ? -21.147 7.094   5.715   1.00 18.88 ? 79  LEU A O   1 
ATOM   523  C  CB  . LEU A 1 79  ? -18.031 7.760   5.378   1.00 16.12 ? 79  LEU A CB  1 
ATOM   524  C  CG  . LEU A 1 79  ? -16.885 8.499   6.087   1.00 22.81 ? 79  LEU A CG  1 
ATOM   525  C  CD1 . LEU A 1 79  ? -16.311 9.603   5.208   1.00 30.45 ? 79  LEU A CD1 1 
ATOM   526  C  CD2 . LEU A 1 79  ? -17.322 9.056   7.435   1.00 26.01 ? 79  LEU A CD2 1 
ATOM   527  N  N   . ALA A 1 80  ? -20.165 5.249   4.902   1.00 11.50 ? 80  ALA A N   1 
ATOM   528  C  CA  . ALA A 1 80  ? -21.381 4.824   4.205   1.00 12.35 ? 80  ALA A CA  1 
ATOM   529  C  C   . ALA A 1 80  ? -22.332 4.017   5.087   1.00 12.67 ? 80  ALA A C   1 
ATOM   530  O  O   . ALA A 1 80  ? -23.441 3.695   4.670   1.00 14.28 ? 80  ALA A O   1 
ATOM   531  C  CB  . ALA A 1 80  ? -21.029 4.023   2.961   1.00 14.87 ? 80  ALA A CB  1 
ATOM   532  N  N   . GLY A 1 81  ? -21.918 3.708   6.312   1.00 11.47 ? 81  GLY A N   1 
ATOM   533  C  CA  . GLY A 1 81  ? -22.766 2.928   7.193   1.00 12.46 ? 81  GLY A CA  1 
ATOM   534  C  C   . GLY A 1 81  ? -22.627 1.426   7.043   1.00 13.15 ? 81  GLY A C   1 
ATOM   535  O  O   . GLY A 1 81  ? -23.550 0.675   7.359   1.00 13.65 ? 81  GLY A O   1 
ATOM   536  N  N   . LYS A 1 82  ? -21.474 0.983   6.553   1.00 14.38 ? 82  LYS A N   1 
ATOM   537  C  CA  . LYS A 1 82  ? -21.135 -0.432  6.545   1.00 13.73 ? 82  LYS A CA  1 
ATOM   538  C  C   . LYS A 1 82  ? -20.126 -0.649  7.672   1.00 16.41 ? 82  LYS A C   1 
ATOM   539  O  O   . LYS A 1 82  ? -18.990 -0.202  7.574   1.00 23.10 ? 82  LYS A O   1 
ATOM   540  C  CB  . LYS A 1 82  ? -20.554 -0.857  5.191   1.00 14.61 ? 82  LYS A CB  1 
ATOM   541  C  CG  . LYS A 1 82  ? -21.515 -0.714  3.994   1.00 16.40 ? 82  LYS A CG  1 
ATOM   542  C  CD  . LYS A 1 82  ? -20.745 -0.644  2.660   1.00 15.78 ? 82  LYS A CD  1 
ATOM   543  C  CE  . LYS A 1 82  ? -20.055 -1.965  2.348   1.00 16.84 ? 82  LYS A CE  1 
ATOM   544  N  NZ  . LYS A 1 82  ? -19.116 -1.859  1.189   1.00 18.95 ? 82  LYS A NZ  1 
ATOM   545  N  N   . PRO A 1 83  ? -20.556 -1.289  8.773   1.00 34.35 ? 83  PRO A N   1 
ATOM   546  C  CA  . PRO A 1 83  ? -19.603 -1.612  9.844   1.00 31.23 ? 83  PRO A CA  1 
ATOM   547  C  C   . PRO A 1 83  ? -18.302 -2.273  9.381   1.00 20.50 ? 83  PRO A C   1 
ATOM   548  O  O   . PRO A 1 83  ? -18.271 -3.138  8.509   1.00 23.88 ? 83  PRO A O   1 
ATOM   549  C  CB  . PRO A 1 83  ? -20.418 -2.538  10.740  1.00 35.55 ? 83  PRO A CB  1 
ATOM   550  C  CG  . PRO A 1 83  ? -21.782 -1.908  10.661  1.00 28.17 ? 83  PRO A CG  1 
ATOM   551  C  CD  . PRO A 1 83  ? -21.948 -1.451  9.228   1.00 32.06 ? 83  PRO A CD  1 
ATOM   552  N  N   . VAL A 1 84  ? -17.223 -1.779  9.968   1.00 20.11 ? 84  VAL A N   1 
ATOM   553  C  CA  . VAL A 1 84  ? -15.876 -2.138  9.553   1.00 14.02 ? 84  VAL A CA  1 
ATOM   554  C  C   . VAL A 1 84  ? -15.292 -3.228  10.447  1.00 15.10 ? 84  VAL A C   1 
ATOM   555  O  O   . VAL A 1 84  ? -15.275 -3.094  11.668  1.00 22.20 ? 84  VAL A O   1 
ATOM   556  C  CB  . VAL A 1 84  ? -14.970 -0.906  9.569   1.00 14.76 ? 84  VAL A CB  1 
ATOM   557  C  CG1 . VAL A 1 84  ? -13.545 -1.280  9.248   1.00 15.90 ? 84  VAL A CG1 1 
ATOM   558  C  CG2 . VAL A 1 84  ? -15.496 0.125   8.570   1.00 16.39 ? 84  VAL A CG2 1 
ATOM   559  N  N   . ILE A 1 85  ? -14.809 -4.296  9.826   1.00 17.58 ? 85  ILE A N   1 
ATOM   560  C  CA  . ILE A 1 85  ? -14.086 -5.335  10.552  1.00 17.35 ? 85  ILE A CA  1 
ATOM   561  C  C   . ILE A 1 85  ? -12.619 -5.279  10.149  1.00 14.23 ? 85  ILE A C   1 
ATOM   562  O  O   . ILE A 1 85  ? -12.277 -5.458  8.990   1.00 17.71 ? 85  ILE A O   1 
ATOM   563  C  CB  . ILE A 1 85  ? -14.660 -6.729  10.276  1.00 20.88 ? 85  ILE A CB  1 
ATOM   564  C  CG1 . ILE A 1 85  ? -16.122 -6.801  10.731  1.00 23.39 ? 85  ILE A CG1 1 
ATOM   565  C  CG2 . ILE A 1 85  ? -13.837 -7.787  10.997  1.00 23.35 ? 85  ILE A CG2 1 
ATOM   566  C  CD1 . ILE A 1 85  ? -16.840 -8.050  10.267  1.00 23.90 ? 85  ILE A CD1 1 
HETATM 567  N  N   . MSE A 1 86  ? -11.760 -5.012  11.121  1.00 16.45 ? 86  MSE A N   1 
HETATM 568  C  CA  . MSE A 1 86  ? -10.352 -4.807  10.813  1.00 16.16 ? 86  MSE A CA  1 
HETATM 569  C  C   . MSE A 1 86  ? -9.490  -5.957  11.293  1.00 14.46 ? 86  MSE A C   1 
HETATM 570  O  O   . MSE A 1 86  ? -9.737  -6.507  12.370  1.00 14.87 ? 86  MSE A O   1 
HETATM 571  C  CB  . MSE A 1 86  ? -9.867  -3.500  11.419  1.00 19.47 ? 86  MSE A CB  1 
HETATM 572  C  CG  . MSE A 1 86  ? -10.404 -2.281  10.693  1.00 16.60 ? 86  MSE A CG  1 
HETATM 573  SE SE  . MSE A 1 86  ? -10.195 -0.817  11.891  1.00 31.08 ? 86  MSE A SE  1 
HETATM 574  C  CE  . MSE A 1 86  ? -8.265  -0.602  11.633  1.00 7.66  ? 86  MSE A CE  1 
ATOM   575  N  N   . PRO A 1 87  ? -8.466  -6.313  10.502  1.00 13.11 ? 87  PRO A N   1 
ATOM   576  C  CA  . PRO A 1 87  ? -8.125  -5.651  9.233   1.00 13.32 ? 87  PRO A CA  1 
ATOM   577  C  C   . PRO A 1 87  ? -9.040  -6.043  8.068   1.00 14.99 ? 87  PRO A C   1 
ATOM   578  O  O   . PRO A 1 87  ? -9.232  -5.247  7.151   1.00 16.31 ? 87  PRO A O   1 
ATOM   579  C  CB  . PRO A 1 87  ? -6.685  -6.114  8.975   1.00 15.58 ? 87  PRO A CB  1 
ATOM   580  C  CG  . PRO A 1 87  ? -6.567  -7.418  9.707   1.00 14.66 ? 87  PRO A CG  1 
ATOM   581  C  CD  . PRO A 1 87  ? -7.435  -7.283  10.918  1.00 13.23 ? 87  PRO A CD  1 
ATOM   582  N  N   . ALA A 1 88  ? -9.602  -7.243  8.117   1.00 14.94 ? 88  ALA A N   1 
ATOM   583  C  CA  . ALA A 1 88  ? -10.469 -7.733  7.048   1.00 18.39 ? 88  ALA A CA  1 
ATOM   584  C  C   . ALA A 1 88  ? -11.407 -8.782  7.631   1.00 23.13 ? 88  ALA A C   1 
ATOM   585  O  O   . ALA A 1 88  ? -11.049 -9.432  8.607   1.00 22.58 ? 88  ALA A O   1 
ATOM   586  C  CB  . ALA A 1 88  ? -9.644  -8.303  5.907   1.00 20.78 ? 88  ALA A CB  1 
ATOM   587  N  N   . PRO A 1 89  ? -12.616 -8.933  7.055   1.00 20.81 ? 89  PRO A N   1 
ATOM   588  C  CA  . PRO A 1 89  ? -13.659 -9.826  7.582   1.00 26.84 ? 89  PRO A CA  1 
ATOM   589  C  C   . PRO A 1 89  ? -13.189 -11.207 8.064   1.00 30.96 ? 89  PRO A C   1 
ATOM   590  O  O   . PRO A 1 89  ? -13.608 -11.643 9.140   1.00 36.13 ? 89  PRO A O   1 
ATOM   591  C  CB  . PRO A 1 89  ? -14.603 -9.976  6.387   1.00 26.12 ? 89  PRO A CB  1 
ATOM   592  C  CG  . PRO A 1 89  ? -14.524 -8.649  5.716   1.00 28.46 ? 89  PRO A CG  1 
ATOM   593  C  CD  . PRO A 1 89  ? -13.100 -8.169  5.887   1.00 24.31 ? 89  PRO A CD  1 
ATOM   594  N  N   . GLY A 1 90  ? -12.340 -11.879 7.296   1.00 25.05 ? 90  GLY A N   1 
ATOM   595  C  CA  . GLY A 1 90  ? -11.907 -13.222 7.655   1.00 24.20 ? 90  GLY A CA  1 
ATOM   596  C  C   . GLY A 1 90  ? -10.461 -13.358 8.110   1.00 17.69 ? 90  GLY A C   1 
ATOM   597  O  O   . GLY A 1 90  ? -9.918  -14.466 8.137   1.00 19.91 ? 90  GLY A O   1 
ATOM   598  N  N   . TYR A 1 91  ? -9.837  -12.235 8.457   1.00 15.62 ? 91  TYR A N   1 
ATOM   599  C  CA  . TYR A 1 91  ? -8.453  -12.219 8.935   1.00 14.25 ? 91  TYR A CA  1 
ATOM   600  C  C   . TYR A 1 91  ? -8.317  -11.289 10.126  1.00 13.71 ? 91  TYR A C   1 
ATOM   601  O  O   . TYR A 1 91  ? -8.586  -10.098 10.016  1.00 16.18 ? 91  TYR A O   1 
ATOM   602  C  CB  . TYR A 1 91  ? -7.482  -11.776 7.824   1.00 15.59 ? 91  TYR A CB  1 
ATOM   603  C  CG  . TYR A 1 91  ? -7.498  -12.686 6.628   1.00 14.21 ? 91  TYR A CG  1 
ATOM   604  C  CD1 . TYR A 1 91  ? -8.324  -12.424 5.547   1.00 17.67 ? 91  TYR A CD1 1 
ATOM   605  C  CD2 . TYR A 1 91  ? -6.706  -13.821 6.589   1.00 17.70 ? 91  TYR A CD2 1 
ATOM   606  C  CE1 . TYR A 1 91  ? -8.355  -13.265 4.451   1.00 19.18 ? 91  TYR A CE1 1 
ATOM   607  C  CE2 . TYR A 1 91  ? -6.733  -14.668 5.505   1.00 20.77 ? 91  TYR A CE2 1 
ATOM   608  C  CZ  . TYR A 1 91  ? -7.559  -14.384 4.439   1.00 15.56 ? 91  TYR A CZ  1 
ATOM   609  O  OH  . TYR A 1 91  ? -7.587  -15.231 3.359   1.00 22.17 ? 91  TYR A OH  1 
ATOM   610  N  N   . LYS A 1 92  ? -7.900  -11.826 11.266  1.00 13.22 ? 92  LYS A N   1 
ATOM   611  C  CA  . LYS A 1 92  ? -7.613  -11.000 12.433  1.00 14.16 ? 92  LYS A CA  1 
ATOM   612  C  C   . LYS A 1 92  ? -6.227  -10.388 12.285  1.00 11.85 ? 92  LYS A C   1 
ATOM   613  O  O   . LYS A 1 92  ? -5.465  -10.783 11.403  1.00 11.43 ? 92  LYS A O   1 
ATOM   614  C  CB  . LYS A 1 92  ? -7.687  -11.815 13.728  1.00 18.03 ? 92  LYS A CB  1 
ATOM   615  C  CG  . LYS A 1 92  ? -8.989  -12.585 13.916  1.00 20.91 ? 92  LYS A CG  1 
ATOM   616  C  CD  . LYS A 1 92  ? -9.941  -11.835 14.818  1.00 22.21 ? 92  LYS A CD  1 
ATOM   617  C  CE  . LYS A 1 92  ? -11.159 -12.681 15.148  1.00 24.60 ? 92  LYS A CE  1 
ATOM   618  N  NZ  . LYS A 1 92  ? -12.169 -11.933 15.951  1.00 37.90 ? 92  LYS A NZ  1 
ATOM   619  N  N   . TRP A 1 93  ? -5.901  -9.437  13.155  1.00 11.43 ? 93  TRP A N   1 
ATOM   620  C  CA  . TRP A 1 93  ? -4.583  -8.805  13.140  1.00 10.77 ? 93  TRP A CA  1 
ATOM   621  C  C   . TRP A 1 93  ? -3.470  -9.828  13.348  1.00 14.12 ? 93  TRP A C   1 
ATOM   622  O  O   . TRP A 1 93  ? -2.349  -9.618  12.895  1.00 15.42 ? 93  TRP A O   1 
ATOM   623  C  CB  . TRP A 1 93  ? -4.491  -7.697  14.191  1.00 13.16 ? 93  TRP A CB  1 
ATOM   624  C  CG  . TRP A 1 93  ? -5.113  -6.400  13.736  1.00 10.95 ? 93  TRP A CG  1 
ATOM   625  C  CD1 . TRP A 1 93  ? -6.231  -5.802  14.239  1.00 12.39 ? 93  TRP A CD1 1 
ATOM   626  C  CD2 . TRP A 1 93  ? -4.643  -5.551  12.678  1.00 9.38  ? 93  TRP A CD2 1 
ATOM   627  N  NE1 . TRP A 1 93  ? -6.488  -4.630  13.564  1.00 13.84 ? 93  TRP A NE1 1 
ATOM   628  C  CE2 . TRP A 1 93  ? -5.524  -4.451  12.605  1.00 12.89 ? 93  TRP A CE2 1 
ATOM   629  C  CE3 . TRP A 1 93  ? -3.558  -5.611  11.789  1.00 12.11 ? 93  TRP A CE3 1 
ATOM   630  C  CZ2 . TRP A 1 93  ? -5.361  -3.422  11.674  1.00 11.81 ? 93  TRP A CZ2 1 
ATOM   631  C  CZ3 . TRP A 1 93  ? -3.392  -4.581  10.868  1.00 11.22 ? 93  TRP A CZ3 1 
ATOM   632  C  CH2 . TRP A 1 93  ? -4.297  -3.504  10.818  1.00 11.97 ? 93  TRP A CH2 1 
ATOM   633  N  N   . ASN A 1 94  ? -3.780  -10.940 14.015  1.00 15.24 ? 94  ASN A N   1 
ATOM   634  C  CA  . ASN A 1 94  ? -2.795  -12.003 14.237  1.00 14.16 ? 94  ASN A CA  1 
ATOM   635  C  C   . ASN A 1 94  ? -2.651  -12.954 13.055  1.00 16.86 ? 94  ASN A C   1 
ATOM   636  O  O   . ASN A 1 94  ? -1.872  -13.915 13.108  1.00 19.16 ? 94  ASN A O   1 
ATOM   637  C  CB  . ASN A 1 94  ? -3.158  -12.796 15.501  1.00 14.44 ? 94  ASN A CB  1 
ATOM   638  C  CG  . ASN A 1 94  ? -2.866  -12.026 16.758  1.00 18.01 ? 94  ASN A CG  1 
ATOM   639  O  OD1 . ASN A 1 94  ? -1.917  -11.244 16.802  1.00 21.06 ? 94  ASN A OD1 1 
ATOM   640  N  ND2 . ASN A 1 94  ? -3.693  -12.215 17.785  1.00 16.14 ? 94  ASN A ND2 1 
ATOM   641  N  N   . GLN A 1 95  ? -3.396  -12.683 11.984  1.00 13.14 ? 95  GLN A N   1 
ATOM   642  C  CA  . GLN A 1 95  ? -3.347  -13.518 10.788  1.00 12.79 ? 95  GLN A CA  1 
ATOM   643  C  C   . GLN A 1 95  ? -2.853  -12.750 9.556   1.00 12.38 ? 95  GLN A C   1 
ATOM   644  O  O   . GLN A 1 95  ? -3.350  -12.957 8.453   1.00 14.27 ? 95  GLN A O   1 
ATOM   645  C  CB  . GLN A 1 95  ? -4.723  -14.114 10.501  1.00 13.19 ? 95  GLN A CB  1 
ATOM   646  C  CG  . GLN A 1 95  ? -5.245  -14.986 11.624  1.00 13.94 ? 95  GLN A CG  1 
ATOM   647  C  CD  . GLN A 1 95  ? -6.661  -15.436 11.372  1.00 15.47 ? 95  GLN A CD  1 
ATOM   648  O  OE1 . GLN A 1 95  ? -7.596  -14.646 11.446  1.00 14.84 ? 95  GLN A OE1 1 
ATOM   649  N  NE2 . GLN A 1 95  ? -6.827  -16.710 11.052  1.00 20.17 ? 95  GLN A NE2 1 
ATOM   650  N  N   . LEU A 1 96  ? -1.872  -11.873 9.749   1.00 15.64 ? 96  LEU A N   1 
ATOM   651  C  CA  . LEU A 1 96  ? -1.361  -11.067 8.640   1.00 13.56 ? 96  LEU A CA  1 
ATOM   652  C  C   . LEU A 1 96  ? -0.728  -11.916 7.543   1.00 19.15 ? 96  LEU A C   1 
ATOM   653  O  O   . LEU A 1 96  ? -0.834  -11.586 6.365   1.00 16.40 ? 96  LEU A O   1 
ATOM   654  C  CB  . LEU A 1 96  ? -0.348  -10.039 9.144   1.00 14.36 ? 96  LEU A CB  1 
ATOM   655  C  CG  . LEU A 1 96  ? -0.915  -8.913  10.008  1.00 17.76 ? 96  LEU A CG  1 
ATOM   656  C  CD1 . LEU A 1 96  ? 0.192   -7.981  10.480  1.00 25.52 ? 96  LEU A CD1 1 
ATOM   657  C  CD2 . LEU A 1 96  ? -1.994  -8.132  9.269   1.00 19.26 ? 96  LEU A CD2 1 
ATOM   658  N  N   . GLY A 1 97  ? -0.079  -13.009 7.928   1.00 19.80 ? 97  GLY A N   1 
ATOM   659  C  CA  . GLY A 1 97  ? 0.528   -13.905 6.960   1.00 21.02 ? 97  GLY A CA  1 
ATOM   660  C  C   . GLY A 1 97  ? -0.483  -14.399 5.948   1.00 18.95 ? 97  GLY A C   1 
ATOM   661  O  O   . GLY A 1 97  ? -0.243  -14.362 4.734   1.00 19.87 ? 97  GLY A O   1 
ATOM   662  N  N   . GLY A 1 98  ? -1.632  -14.849 6.447   1.00 18.73 ? 98  GLY A N   1 
ATOM   663  C  CA  . GLY A 1 98  ? -2.717  -15.298 5.596   1.00 16.88 ? 98  GLY A CA  1 
ATOM   664  C  C   . GLY A 1 98  ? -3.323  -14.169 4.777   1.00 12.88 ? 98  GLY A C   1 
ATOM   665  O  O   . GLY A 1 98  ? -3.693  -14.365 3.616   1.00 16.62 ? 98  GLY A O   1 
ATOM   666  N  N   . LEU A 1 99  ? -3.431  -12.995 5.395   1.00 14.97 ? 99  LEU A N   1 
ATOM   667  C  CA  . LEU A 1 99  ? -3.983  -11.834 4.705   1.00 13.52 ? 99  LEU A CA  1 
ATOM   668  C  C   . LEU A 1 99  ? -3.117  -11.509 3.493   1.00 13.87 ? 99  LEU A C   1 
ATOM   669  O  O   . LEU A 1 99  ? -3.634  -11.308 2.399   1.00 14.92 ? 99  LEU A O   1 
ATOM   670  C  CB  . LEU A 1 99  ? -4.082  -10.628 5.638   1.00 15.21 ? 99  LEU A CB  1 
ATOM   671  C  CG  . LEU A 1 99  ? -4.666  -9.358  5.008   1.00 12.48 ? 99  LEU A CG  1 
ATOM   672  C  CD1 . LEU A 1 99  ? -6.105  -9.581  4.558   1.00 15.64 ? 99  LEU A CD1 1 
ATOM   673  C  CD2 . LEU A 1 99  ? -4.576  -8.206  5.988   1.00 14.73 ? 99  LEU A CD2 1 
ATOM   674  N  N   . TYR A 1 100 ? -1.798  -11.488 3.690   1.00 16.88 ? 100 TYR A N   1 
ATOM   675  C  CA  . TYR A 1 100 ? -0.879  -11.174 2.592   1.00 18.19 ? 100 TYR A CA  1 
ATOM   676  C  C   . TYR A 1 100 ? -0.999  -12.192 1.476   1.00 17.67 ? 100 TYR A C   1 
ATOM   677  O  O   . TYR A 1 100 ? -0.992  -11.831 0.304   1.00 15.17 ? 100 TYR A O   1 
ATOM   678  C  CB  . TYR A 1 100 ? 0.572   -11.112 3.071   1.00 15.01 ? 100 TYR A CB  1 
ATOM   679  C  CG  . TYR A 1 100 ? 0.822   -10.074 4.130   1.00 15.24 ? 100 TYR A CG  1 
ATOM   680  C  CD1 . TYR A 1 100 ? -0.069  -9.026  4.323   1.00 18.46 ? 100 TYR A CD1 1 
ATOM   681  C  CD2 . TYR A 1 100 ? 1.935   -10.146 4.953   1.00 17.15 ? 100 TYR A CD2 1 
ATOM   682  C  CE1 . TYR A 1 100 ? 0.146   -8.087  5.298   1.00 16.01 ? 100 TYR A CE1 1 
ATOM   683  C  CE2 . TYR A 1 100 ? 2.160   -9.208  5.927   1.00 20.97 ? 100 TYR A CE2 1 
ATOM   684  C  CZ  . TYR A 1 100 ? 1.260   -8.173  6.096   1.00 16.00 ? 100 TYR A CZ  1 
ATOM   685  O  OH  . TYR A 1 100 ? 1.502   -7.242  7.077   1.00 25.78 ? 100 TYR A OH  1 
ATOM   686  N  N   . GLN A 1 101 ? -1.114  -13.468 1.827   1.00 16.82 ? 101 GLN A N   1 
ATOM   687  C  CA  . GLN A 1 101 ? -1.280  -14.491 0.806   1.00 16.91 ? 101 GLN A CA  1 
ATOM   688  C  C   . GLN A 1 101 ? -2.567  -14.273 0.018   1.00 16.39 ? 101 GLN A C   1 
ATOM   689  O  O   . GLN A 1 101 ? -2.617  -14.541 -1.179  1.00 18.17 ? 101 GLN A O   1 
ATOM   690  C  CB  . GLN A 1 101 ? -1.254  -15.895 1.423   1.00 23.41 ? 101 GLN A CB  1 
ATOM   691  C  CG  . GLN A 1 101 ? 0.139   -16.352 1.859   1.00 25.28 ? 101 GLN A CG  1 
ATOM   692  C  CD  . GLN A 1 101 ? 1.159   -16.320 0.726   1.00 27.64 ? 101 GLN A CD  1 
ATOM   693  O  OE1 . GLN A 1 101 ? 0.883   -16.761 -0.390  1.00 33.50 ? 101 GLN A OE1 1 
ATOM   694  N  NE2 . GLN A 1 101 ? 2.345   -15.788 1.011   1.00 20.71 ? 101 GLN A NE2 1 
ATOM   695  N  N   . SER A 1 102 ? -3.609  -13.771 0.681   1.00 16.32 ? 102 SER A N   1 
ATOM   696  C  CA  . SER A 1 102 ? -4.852  -13.497 -0.023  1.00 17.55 ? 102 SER A CA  1 
ATOM   697  C  C   . SER A 1 102 ? -4.644  -12.342 -1.010  1.00 13.55 ? 102 SER A C   1 
ATOM   698  O  O   . SER A 1 102 ? -5.243  -12.335 -2.080  1.00 14.33 ? 102 SER A O   1 
ATOM   699  C  CB  . SER A 1 102 ? -6.001  -13.190 0.951   1.00 17.23 ? 102 SER A CB  1 
ATOM   700  O  OG  . SER A 1 102 ? -5.908  -11.893 1.518   1.00 19.27 ? 102 SER A OG  1 
ATOM   701  N  N   . PHE A 1 103 ? -3.785  -11.384 -0.654  1.00 12.61 ? 103 PHE A N   1 
ATOM   702  C  CA  . PHE A 1 103 ? -3.447  -10.306 -1.586  1.00 12.10 ? 103 PHE A CA  1 
ATOM   703  C  C   . PHE A 1 103 ? -2.775  -10.865 -2.839  1.00 15.11 ? 103 PHE A C   1 
ATOM   704  O  O   . PHE A 1 103 ? -3.136  -10.524 -3.964  1.00 14.87 ? 103 PHE A O   1 
ATOM   705  C  CB  . PHE A 1 103 ? -2.503  -9.277  -0.959  1.00 11.53 ? 103 PHE A CB  1 
ATOM   706  C  CG  . PHE A 1 103 ? -3.085  -8.464  0.177   1.00 11.47 ? 103 PHE A CG  1 
ATOM   707  C  CD1 . PHE A 1 103 ? -4.455  -8.385  0.405   1.00 12.26 ? 103 PHE A CD1 1 
ATOM   708  C  CD2 . PHE A 1 103 ? -2.234  -7.748  1.006   1.00 12.64 ? 103 PHE A CD2 1 
ATOM   709  C  CE1 . PHE A 1 103 ? -4.948  -7.611  1.464   1.00 12.57 ? 103 PHE A CE1 1 
ATOM   710  C  CE2 . PHE A 1 103 ? -2.721  -6.978  2.055   1.00 12.58 ? 103 PHE A CE2 1 
ATOM   711  C  CZ  . PHE A 1 103 ? -4.071  -6.908  2.281   1.00 12.22 ? 103 PHE A CZ  1 
ATOM   712  N  N   . TYR A 1 104 ? -1.769  -11.708 -2.629  1.00 14.72 ? 104 TYR A N   1 
ATOM   713  C  CA  . TYR A 1 104 ? -1.016  -12.283 -3.740  1.00 13.43 ? 104 TYR A CA  1 
ATOM   714  C  C   . TYR A 1 104 ? -1.931  -13.125 -4.625  1.00 17.25 ? 104 TYR A C   1 
ATOM   715  O  O   . TYR A 1 104 ? -1.847  -13.072 -5.854  1.00 19.76 ? 104 TYR A O   1 
ATOM   716  C  CB  . TYR A 1 104 ? 0.158   -13.128 -3.222  1.00 13.92 ? 104 TYR A CB  1 
ATOM   717  C  CG  . TYR A 1 104 ? 1.048   -12.423 -2.217  1.00 13.82 ? 104 TYR A CG  1 
ATOM   718  C  CD1 . TYR A 1 104 ? 1.207   -11.042 -2.240  1.00 13.06 ? 104 TYR A CD1 1 
ATOM   719  C  CD2 . TYR A 1 104 ? 1.719   -13.141 -1.231  1.00 16.03 ? 104 TYR A CD2 1 
ATOM   720  C  CE1 . TYR A 1 104 ? 2.010   -10.404 -1.318  1.00 13.10 ? 104 TYR A CE1 1 
ATOM   721  C  CE2 . TYR A 1 104 ? 2.524   -12.510 -0.306  1.00 15.28 ? 104 TYR A CE2 1 
ATOM   722  C  CZ  . TYR A 1 104 ? 2.667   -11.139 -0.348  1.00 14.62 ? 104 TYR A CZ  1 
ATOM   723  O  OH  . TYR A 1 104 ? 3.462   -10.503 0.579   1.00 17.98 ? 104 TYR A OH  1 
ATOM   724  N  N   . ALA A 1 105 ? -2.819  -13.895 -4.002  1.00 17.01 ? 105 ALA A N   1 
ATOM   725  C  CA  . ALA A 1 105 ? -3.738  -14.735 -4.757  1.00 18.65 ? 105 ALA A CA  1 
ATOM   726  C  C   . ALA A 1 105 ? -4.691  -13.909 -5.610  1.00 16.62 ? 105 ALA A C   1 
ATOM   727  O  O   . ALA A 1 105 ? -5.003  -14.283 -6.739  1.00 20.99 ? 105 ALA A O   1 
ATOM   728  C  CB  . ALA A 1 105 ? -4.524  -15.636 -3.819  1.00 21.28 ? 105 ALA A CB  1 
ATOM   729  N  N   . ALA A 1 106 ? -5.145  -12.781 -5.062  1.00 17.43 ? 106 ALA A N   1 
ATOM   730  C  CA  . ALA A 1 106 ? -6.149  -11.950 -5.720  1.00 15.14 ? 106 ALA A CA  1 
ATOM   731  C  C   . ALA A 1 106 ? -5.648  -11.353 -7.034  1.00 16.64 ? 106 ALA A C   1 
ATOM   732  O  O   . ALA A 1 106 ? -6.426  -11.140 -7.965  1.00 19.38 ? 106 ALA A O   1 
ATOM   733  C  CB  . ALA A 1 106 ? -6.602  -10.840 -4.779  1.00 20.83 ? 106 ALA A CB  1 
ATOM   734  N  N   . TYR A 1 107 ? -4.344  -11.094 -7.116  1.00 16.97 ? 107 TYR A N   1 
ATOM   735  C  CA  . TYR A 1 107 ? -3.777  -10.433 -8.286  1.00 15.75 ? 107 TYR A CA  1 
ATOM   736  C  C   . TYR A 1 107 ? -2.813  -11.315 -9.083  1.00 17.64 ? 107 TYR A C   1 
ATOM   737  O  O   . TYR A 1 107 ? -2.158  -10.836 -10.008 1.00 16.37 ? 107 TYR A O   1 
ATOM   738  C  CB  . TYR A 1 107 ? -3.060  -9.148  -7.853  1.00 17.09 ? 107 TYR A CB  1 
ATOM   739  C  CG  . TYR A 1 107 ? -3.968  -8.197  -7.124  1.00 13.19 ? 107 TYR A CG  1 
ATOM   740  C  CD1 . TYR A 1 107 ? -4.940  -7.478  -7.812  1.00 16.56 ? 107 TYR A CD1 1 
ATOM   741  C  CD2 . TYR A 1 107 ? -3.874  -8.022  -5.748  1.00 13.72 ? 107 TYR A CD2 1 
ATOM   742  C  CE1 . TYR A 1 107 ? -5.786  -6.610  -7.153  1.00 16.27 ? 107 TYR A CE1 1 
ATOM   743  C  CE2 . TYR A 1 107 ? -4.727  -7.155  -5.079  1.00 14.96 ? 107 TYR A CE2 1 
ATOM   744  C  CZ  . TYR A 1 107 ? -5.674  -6.449  -5.789  1.00 15.42 ? 107 TYR A CZ  1 
ATOM   745  O  OH  . TYR A 1 107 ? -6.522  -5.583  -5.125  1.00 23.05 ? 107 TYR A OH  1 
ATOM   746  N  N   . ALA A 1 108 ? -2.745  -12.602 -8.748  1.00 18.77 ? 108 ALA A N   1 
ATOM   747  C  CA  . ALA A 1 108 ? -1.746  -13.495 -9.340  1.00 18.51 ? 108 ALA A CA  1 
ATOM   748  C  C   . ALA A 1 108 ? -1.893  -13.691 -10.853 1.00 20.35 ? 108 ALA A C   1 
ATOM   749  O  O   . ALA A 1 108 ? -0.941  -14.093 -11.526 1.00 19.17 ? 108 ALA A O   1 
ATOM   750  C  CB  . ALA A 1 108 ? -1.787  -14.849 -8.645  1.00 20.23 ? 108 ALA A CB  1 
ATOM   751  N  N   . ASP A 1 109 ? -3.075  -13.404 -11.383 1.00 20.74 ? 109 ASP A N   1 
ATOM   752  C  CA  . ASP A 1 109 ? -3.344  -13.611 -12.800 1.00 22.37 ? 109 ASP A CA  1 
ATOM   753  C  C   . ASP A 1 109 ? -2.879  -12.457 -13.694 1.00 17.28 ? 109 ASP A C   1 
ATOM   754  O  O   . ASP A 1 109 ? -2.755  -12.618 -14.912 1.00 24.19 ? 109 ASP A O   1 
ATOM   755  C  CB  . ASP A 1 109 ? -4.842  -13.851 -13.018 1.00 27.51 ? 109 ASP A CB  1 
ATOM   756  C  CG  . ASP A 1 109 ? -5.694  -12.675 -12.580 1.00 33.70 ? 109 ASP A CG  1 
ATOM   757  O  OD1 . ASP A 1 109 ? -5.528  -12.200 -11.433 1.00 35.98 ? 109 ASP A OD1 1 
ATOM   758  O  OD2 . ASP A 1 109 ? -6.532  -12.222 -13.387 1.00 46.91 ? 109 ASP A OD2 1 
ATOM   759  N  N   . LEU A 1 110 ? -2.633  -11.294 -13.099 1.00 17.11 ? 110 LEU A N   1 
ATOM   760  C  CA  . LEU A 1 110 ? -2.296  -10.110 -13.886 1.00 14.41 ? 110 LEU A CA  1 
ATOM   761  C  C   . LEU A 1 110 ? -0.846  -10.138 -14.332 1.00 14.10 ? 110 LEU A C   1 
ATOM   762  O  O   . LEU A 1 110 ? 0.032   -10.550 -13.576 1.00 14.07 ? 110 LEU A O   1 
ATOM   763  C  CB  . LEU A 1 110 ? -2.570  -8.832  -13.084 1.00 17.32 ? 110 LEU A CB  1 
ATOM   764  C  CG  . LEU A 1 110 ? -4.012  -8.574  -12.632 1.00 21.22 ? 110 LEU A CG  1 
ATOM   765  C  CD1 . LEU A 1 110 ? -4.101  -7.258  -11.877 1.00 21.03 ? 110 LEU A CD1 1 
ATOM   766  C  CD2 . LEU A 1 110 ? -4.975  -8.588  -13.817 1.00 25.20 ? 110 LEU A CD2 1 
ATOM   767  N  N   . SER A 1 111 ? -0.591  -9.689  -15.557 1.00 11.64 ? 111 SER A N   1 
ATOM   768  C  CA  . SER A 1 111 ? 0.778   -9.487  -16.006 1.00 12.38 ? 111 SER A CA  1 
ATOM   769  C  C   . SER A 1 111 ? 1.421   -8.367  -15.195 1.00 10.23 ? 111 SER A C   1 
ATOM   770  O  O   . SER A 1 111 ? 0.724   -7.556  -14.569 1.00 10.68 ? 111 SER A O   1 
ATOM   771  C  CB  . SER A 1 111 ? 0.836   -9.153  -17.499 1.00 14.61 ? 111 SER A CB  1 
ATOM   772  O  OG  . SER A 1 111 ? 0.369   -7.832  -17.754 1.00 13.74 ? 111 SER A OG  1 
ATOM   773  N  N   . LEU A 1 112 ? 2.742   -8.319  -15.200 1.00 11.27 ? 112 LEU A N   1 
ATOM   774  C  CA  . LEU A 1 112 ? 3.427   -7.247  -14.501 1.00 10.59 ? 112 LEU A CA  1 
ATOM   775  C  C   . LEU A 1 112 ? 3.001   -5.879  -15.036 1.00 10.09 ? 112 LEU A C   1 
ATOM   776  O  O   . LEU A 1 112 ? 2.838   -4.929  -14.262 1.00 10.00 ? 112 LEU A O   1 
ATOM   777  C  CB  . LEU A 1 112 ? 4.933   -7.425  -14.627 1.00 12.10 ? 112 LEU A CB  1 
ATOM   778  C  CG  . LEU A 1 112 ? 5.799   -6.503  -13.776 1.00 12.07 ? 112 LEU A CG  1 
ATOM   779  C  CD1 . LEU A 1 112 ? 5.384   -6.605  -12.324 1.00 13.59 ? 112 LEU A CD1 1 
ATOM   780  C  CD2 . LEU A 1 112 ? 7.257   -6.879  -13.917 1.00 14.17 ? 112 LEU A CD2 1 
ATOM   781  N  N   . THR A 1 113 ? 2.786   -5.788  -16.344 1.00 10.76 ? 113 THR A N   1 
ATOM   782  C  CA  . THR A 1 113 ? 2.347   -4.541  -16.956 1.00 11.50 ? 113 THR A CA  1 
ATOM   783  C  C   . THR A 1 113 ? 0.948   -4.158  -16.457 1.00 11.47 ? 113 THR A C   1 
ATOM   784  O  O   . THR A 1 113 ? 0.684   -2.993  -16.130 1.00 11.63 ? 113 THR A O   1 
ATOM   785  C  CB  . THR A 1 113 ? 2.384   -4.660  -18.496 1.00 14.94 ? 113 THR A CB  1 
ATOM   786  O  OG1 . THR A 1 113 ? 3.748   -4.807  -18.919 1.00 17.83 ? 113 THR A OG1 1 
ATOM   787  C  CG2 . THR A 1 113 ? 1.797   -3.430  -19.157 1.00 15.80 ? 113 THR A CG2 1 
ATOM   788  N  N   . GLU A 1 114 ? 0.058   -5.139  -16.370 1.00 11.46 ? 114 GLU A N   1 
ATOM   789  C  CA  . GLU A 1 114 ? -1.286  -4.917  -15.859 1.00 10.93 ? 114 GLU A CA  1 
ATOM   790  C  C   . GLU A 1 114 ? -1.271  -4.541  -14.377 1.00 10.92 ? 114 GLU A C   1 
ATOM   791  O  O   . GLU A 1 114 ? -2.054  -3.692  -13.935 1.00 11.68 ? 114 GLU A O   1 
ATOM   792  C  CB  . GLU A 1 114 ? -2.154  -6.166  -16.068 1.00 14.54 ? 114 GLU A CB  1 
ATOM   793  C  CG  . GLU A 1 114 ? -2.485  -6.437  -17.535 1.00 16.37 ? 114 GLU A CG  1 
ATOM   794  C  CD  . GLU A 1 114 ? -3.151  -7.789  -17.766 1.00 24.04 ? 114 GLU A CD  1 
ATOM   795  O  OE1 . GLU A 1 114 ? -2.877  -8.748  -17.014 1.00 19.77 ? 114 GLU A OE1 1 
ATOM   796  O  OE2 . GLU A 1 114 ? -3.963  -7.889  -18.710 1.00 35.14 ? 114 GLU A OE2 1 
ATOM   797  N  N   . LEU A 1 115 ? -0.395  -5.184  -13.606 1.00 9.65  ? 115 LEU A N   1 
ATOM   798  C  CA  . LEU A 1 115 ? -0.236  -4.857  -12.192 1.00 9.77  ? 115 LEU A CA  1 
ATOM   799  C  C   . LEU A 1 115 ? 0.179   -3.404  -12.013 1.00 9.04  ? 115 LEU A C   1 
ATOM   800  O  O   . LEU A 1 115 ? -0.336  -2.696  -11.146 1.00 8.97  ? 115 LEU A O   1 
ATOM   801  C  CB  . LEU A 1 115 ? 0.814   -5.760  -11.533 1.00 9.83  ? 115 LEU A CB  1 
ATOM   802  C  CG  . LEU A 1 115 ? 0.399   -7.165  -11.106 1.00 15.70 ? 115 LEU A CG  1 
ATOM   803  C  CD1 . LEU A 1 115 ? 1.634   -7.938  -10.650 1.00 12.66 ? 115 LEU A CD1 1 
ATOM   804  C  CD2 . LEU A 1 115 ? -0.646  -7.103  -9.986  1.00 15.23 ? 115 LEU A CD2 1 
ATOM   805  N  N   . ARG A 1 116 ? 1.130   -2.961  -12.829 1.00 8.01  ? 116 ARG A N   1 
ATOM   806  C  CA  . ARG A 1 116 ? 1.609   -1.590  -12.727 1.00 7.83  ? 116 ARG A CA  1 
ATOM   807  C  C   . ARG A 1 116 ? 0.503   -0.609  -13.098 1.00 9.16  ? 116 ARG A C   1 
ATOM   808  O  O   . ARG A 1 116 ? 0.403   0.461   -12.490 1.00 8.81  ? 116 ARG A O   1 
ATOM   809  C  CB  . ARG A 1 116 ? 2.846   -1.382  -13.606 1.00 9.42  ? 116 ARG A CB  1 
ATOM   810  C  CG  . ARG A 1 116 ? 4.069   -2.125  -13.074 1.00 10.62 ? 116 ARG A CG  1 
ATOM   811  C  CD  . ARG A 1 116 ? 5.289   -1.906  -13.938 1.00 10.60 ? 116 ARG A CD  1 
ATOM   812  N  NE  . ARG A 1 116 ? 5.708   -0.507  -13.923 1.00 10.81 ? 116 ARG A NE  1 
ATOM   813  C  CZ  . ARG A 1 116 ? 6.559   0.025   -14.793 1.00 12.70 ? 116 ARG A CZ  1 
ATOM   814  N  NH1 . ARG A 1 116 ? 7.092   -0.726  -15.753 1.00 12.35 ? 116 ARG A NH1 1 
ATOM   815  N  NH2 . ARG A 1 116 ? 6.870   1.312   -14.711 1.00 12.40 ? 116 ARG A NH2 1 
ATOM   816  N  N   . ARG A 1 117 ? -0.352  -0.958  -14.060 1.00 8.87  ? 117 ARG A N   1 
ATOM   817  C  CA  . ARG A 1 117 ? -1.433  -0.043  -14.406 1.00 8.96  ? 117 ARG A CA  1 
ATOM   818  C  C   . ARG A 1 117 ? -2.459  0.022   -13.269 1.00 10.39 ? 117 ARG A C   1 
ATOM   819  O  O   . ARG A 1 117 ? -2.929  1.105   -12.914 1.00 10.20 ? 117 ARG A O   1 
ATOM   820  C  CB  . ARG A 1 117 ? -2.105  -0.458  -15.717 1.00 12.09 ? 117 ARG A CB  1 
ATOM   821  C  CG  . ARG A 1 117 ? -3.304  0.394   -16.020 1.00 20.94 ? 117 ARG A CG  1 
ATOM   822  C  CD  . ARG A 1 117 ? -3.929  0.013   -17.361 1.00 36.63 ? 117 ARG A CD  1 
ATOM   823  N  NE  . ARG A 1 117 ? -3.343  -1.220  -17.889 1.00 48.51 ? 117 ARG A NE  1 
ATOM   824  C  CZ  . ARG A 1 117 ? -3.807  -2.452  -17.725 1.00 46.23 ? 117 ARG A CZ  1 
ATOM   825  N  NH1 . ARG A 1 117 ? -4.914  -2.653  -17.051 1.00 45.35 ? 117 ARG A NH1 1 
ATOM   826  N  NH2 . ARG A 1 117 ? -3.160  -3.462  -18.288 1.00 46.69 ? 117 ARG A NH2 1 
ATOM   827  N  N   . LEU A 1 118 ? -2.792  -1.121  -12.674 1.00 8.80  ? 118 LEU A N   1 
ATOM   828  C  CA  . LEU A 1 118 ? -3.740  -1.134  -11.564 1.00 9.61  ? 118 LEU A CA  1 
ATOM   829  C  C   . LEU A 1 118 ? -3.183  -0.359  -10.365 1.00 9.91  ? 118 LEU A C   1 
ATOM   830  O  O   . LEU A 1 118 ? -3.907  0.366   -9.689  1.00 10.08 ? 118 LEU A O   1 
ATOM   831  C  CB  . LEU A 1 118 ? -4.087  -2.565  -11.163 1.00 10.12 ? 118 LEU A CB  1 
ATOM   832  C  CG  . LEU A 1 118 ? -5.160  -2.732  -10.086 1.00 15.75 ? 118 LEU A CG  1 
ATOM   833  C  CD1 . LEU A 1 118 ? -6.403  -1.900  -10.393 1.00 16.62 ? 118 LEU A CD1 1 
ATOM   834  C  CD2 . LEU A 1 118 ? -5.511  -4.200  -9.954  1.00 16.41 ? 118 LEU A CD2 1 
ATOM   835  N  N   . PHE A 1 119 ? -1.890  -0.519  -10.105 1.00 8.29  ? 119 PHE A N   1 
ATOM   836  C  CA  . PHE A 1 119 ? -1.226  0.184   -9.006  1.00 9.41  ? 119 PHE A CA  1 
ATOM   837  C  C   . PHE A 1 119 ? -1.256  1.699   -9.254  1.00 8.19  ? 119 PHE A C   1 
ATOM   838  O  O   . PHE A 1 119 ? -1.548  2.481   -8.336  1.00 8.58  ? 119 PHE A O   1 
ATOM   839  C  CB  . PHE A 1 119 ? 0.208   -0.347  -8.859  1.00 7.78  ? 119 PHE A CB  1 
ATOM   840  C  CG  . PHE A 1 119 ? 0.973   0.177   -7.652  1.00 7.38  ? 119 PHE A CG  1 
ATOM   841  C  CD1 . PHE A 1 119 ? 0.350   0.754   -6.561  1.00 9.18  ? 119 PHE A CD1 1 
ATOM   842  C  CD2 . PHE A 1 119 ? 2.355   0.074   -7.644  1.00 9.96  ? 119 PHE A CD2 1 
ATOM   843  C  CE1 . PHE A 1 119 ? 1.109   1.221   -5.474  1.00 9.12  ? 119 PHE A CE1 1 
ATOM   844  C  CE2 . PHE A 1 119 ? 3.109   0.531   -6.569  1.00 9.40  ? 119 PHE A CE2 1 
ATOM   845  C  CZ  . PHE A 1 119 ? 2.484   1.109   -5.484  1.00 8.08  ? 119 PHE A CZ  1 
ATOM   846  N  N   . ARG A 1 120 ? -1.003  2.112   -10.492 1.00 8.06  ? 120 ARG A N   1 
ATOM   847  C  CA  . ARG A 1 120 ? -1.054  3.525   -10.837 1.00 9.66  ? 120 ARG A CA  1 
ATOM   848  C  C   . ARG A 1 120 ? -2.448  4.112   -10.583 1.00 11.66 ? 120 ARG A C   1 
ATOM   849  O  O   . ARG A 1 120 ? -2.592  5.172   -9.963  1.00 10.49 ? 120 ARG A O   1 
ATOM   850  C  CB  . ARG A 1 120 ? -0.648  3.720   -12.297 1.00 10.98 ? 120 ARG A CB  1 
ATOM   851  C  CG  . ARG A 1 120 ? -0.472  5.173   -12.699 1.00 16.78 ? 120 ARG A CG  1 
ATOM   852  C  CD  . ARG A 1 120 ? -0.315  5.290   -14.199 1.00 23.88 ? 120 ARG A CD  1 
ATOM   853  N  NE  . ARG A 1 120 ? -1.490  4.762   -14.888 1.00 34.82 ? 120 ARG A NE  1 
ATOM   854  C  CZ  . ARG A 1 120 ? -1.487  4.321   -16.144 1.00 44.19 ? 120 ARG A CZ  1 
ATOM   855  N  NH1 . ARG A 1 120 ? -0.363  4.334   -16.852 1.00 45.48 ? 120 ARG A NH1 1 
ATOM   856  N  NH2 . ARG A 1 120 ? -2.606  3.860   -16.688 1.00 43.56 ? 120 ARG A NH2 1 
ATOM   857  N  N   . ASP A 1 121 ? -3.479  3.412   -11.035 1.00 9.44  ? 121 ASP A N   1 
ATOM   858  C  CA  . ASP A 1 121 ? -4.843  3.881   -10.838 1.00 10.56 ? 121 ASP A CA  1 
ATOM   859  C  C   . ASP A 1 121 ? -5.224  3.882   -9.360  1.00 10.11 ? 121 ASP A C   1 
ATOM   860  O  O   . ASP A 1 121 ? -5.932  4.774   -8.892  1.00 10.91 ? 121 ASP A O   1 
ATOM   861  C  CB  . ASP A 1 121 ? -5.823  3.028   -11.646 1.00 11.06 ? 121 ASP A CB  1 
ATOM   862  C  CG  . ASP A 1 121 ? -5.642  3.198   -13.153 1.00 16.46 ? 121 ASP A CG  1 
ATOM   863  O  OD1 . ASP A 1 121 ? -5.019  4.197   -13.584 1.00 20.05 ? 121 ASP A OD1 1 
ATOM   864  O  OD2 . ASP A 1 121 ? -6.117  2.324   -13.904 1.00 23.46 ? 121 ASP A OD2 1 
ATOM   865  N  N   . THR A 1 122 ? -4.734  2.896   -8.622  1.00 8.33  ? 122 THR A N   1 
ATOM   866  C  CA  . THR A 1 122 ? -5.060  2.761   -7.209  1.00 9.99  ? 122 THR A CA  1 
ATOM   867  C  C   . THR A 1 122 ? -4.367  3.851   -6.389  1.00 8.00  ? 122 THR A C   1 
ATOM   868  O  O   . THR A 1 122 ? -4.961  4.414   -5.466  1.00 8.47  ? 122 THR A O   1 
ATOM   869  C  CB  . THR A 1 122 ? -4.668  1.372   -6.681  1.00 8.82  ? 122 THR A CB  1 
ATOM   870  O  OG1 . THR A 1 122 ? -5.427  0.382   -7.375  1.00 11.62 ? 122 THR A OG1 1 
ATOM   871  C  CG2 . THR A 1 122 ? -4.985  1.251   -5.209  1.00 11.47 ? 122 THR A CG2 1 
ATOM   872  N  N   . GLU A 1 123 ? -3.129  4.186   -6.739  1.00 8.40  ? 123 GLU A N   1 
ATOM   873  C  CA  . GLU A 1 123 ? -2.429  5.251   -6.025  1.00 8.59  ? 123 GLU A CA  1 
ATOM   874  C  C   . GLU A 1 123 ? -3.106  6.607   -6.314  1.00 8.33  ? 123 GLU A C   1 
ATOM   875  O  O   . GLU A 1 123 ? -3.166  7.479   -5.440  1.00 9.34  ? 123 GLU A O   1 
ATOM   876  C  CB  . GLU A 1 123 ? -0.947  5.258   -6.408  1.00 9.24  ? 123 GLU A CB  1 
ATOM   877  C  CG  . GLU A 1 123 ? -0.076  6.148   -5.520  1.00 12.35 ? 123 GLU A CG  1 
ATOM   878  C  CD  . GLU A 1 123 ? 0.132   7.518   -6.121  1.00 12.91 ? 123 GLU A CD  1 
ATOM   879  O  OE1 . GLU A 1 123 ? -0.422  7.785   -7.214  1.00 13.57 ? 123 GLU A OE1 1 
ATOM   880  O  OE2 . GLU A 1 123 ? 0.855   8.331   -5.499  1.00 12.66 ? 123 GLU A OE2 1 
ATOM   881  N  N   . ARG A 1 124 ? -3.656  6.766   -7.516  1.00 9.33  ? 124 ARG A N   1 
ATOM   882  C  CA  . ARG A 1 124 ? -4.412  7.973   -7.828  1.00 9.90  ? 124 ARG A CA  1 
ATOM   883  C  C   . ARG A 1 124 ? -5.691  8.028   -6.981  1.00 10.10 ? 124 ARG A C   1 
ATOM   884  O  O   . ARG A 1 124 ? -6.052  9.084   -6.449  1.00 9.59  ? 124 ARG A O   1 
ATOM   885  C  CB  . ARG A 1 124 ? -4.755  8.017   -9.319  1.00 11.87 ? 124 ARG A CB  1 
ATOM   886  C  CG  . ARG A 1 124 ? -5.525  9.257   -9.730  1.00 16.57 ? 124 ARG A CG  1 
ATOM   887  C  CD  . ARG A 1 124 ? -4.723  10.515  -9.460  1.00 26.84 ? 124 ARG A CD  1 
ATOM   888  N  NE  . ARG A 1 124 ? -5.480  11.725  -9.777  1.00 43.62 ? 124 ARG A NE  1 
ATOM   889  C  CZ  . ARG A 1 124 ? -5.810  12.641  -8.875  1.00 48.54 ? 124 ARG A CZ  1 
ATOM   890  N  NH1 . ARG A 1 124 ? -5.449  12.471  -7.607  1.00 42.11 ? 124 ARG A NH1 1 
ATOM   891  N  NH2 . ARG A 1 124 ? -6.499  13.723  -9.226  1.00 47.84 ? 124 ARG A NH2 1 
ATOM   892  N  N   . GLN A 1 125 ? -6.357  6.890   -6.833  1.00 9.28  ? 125 GLN A N   1 
ATOM   893  C  CA  . GLN A 1 125 ? -7.550  6.801   -5.990  1.00 10.19 ? 125 GLN A CA  1 
ATOM   894  C  C   . GLN A 1 125 ? -7.217  7.178   -4.553  1.00 11.10 ? 125 GLN A C   1 
ATOM   895  O  O   . GLN A 1 125 ? -7.979  7.869   -3.878  1.00 8.72  ? 125 GLN A O   1 
ATOM   896  C  CB  . GLN A 1 125 ? -8.144  5.391   -6.027  1.00 11.34 ? 125 GLN A CB  1 
ATOM   897  C  CG  . GLN A 1 125 ? -8.768  4.995   -7.358  1.00 14.04 ? 125 GLN A CG  1 
ATOM   898  C  CD  . GLN A 1 125 ? -9.461  3.649   -7.282  1.00 25.53 ? 125 GLN A CD  1 
ATOM   899  O  OE1 . GLN A 1 125 ? -8.900  2.677   -6.782  1.00 23.81 ? 125 GLN A OE1 1 
ATOM   900  N  NE2 . GLN A 1 125 ? -10.693 3.588   -7.776  1.00 42.56 ? 125 GLN A NE2 1 
ATOM   901  N  N   . TRP A 1 126 ? -6.061  6.720   -4.094  1.00 8.41  ? 126 TRP A N   1 
ATOM   902  C  CA  . TRP A 1 126 ? -5.569  7.024   -2.755  1.00 7.91  ? 126 TRP A CA  1 
ATOM   903  C  C   . TRP A 1 126 ? -5.394  8.533   -2.550  1.00 8.12  ? 126 TRP A C   1 
ATOM   904  O  O   . TRP A 1 126 ? -5.870  9.086   -1.560  1.00 8.84  ? 126 TRP A O   1 
ATOM   905  C  CB  . TRP A 1 126 ? -4.245  6.291   -2.553  1.00 8.63  ? 126 TRP A CB  1 
ATOM   906  C  CG  . TRP A 1 126 ? -3.597  6.302   -1.196  1.00 6.42  ? 126 TRP A CG  1 
ATOM   907  C  CD1 . TRP A 1 126 ? -2.495  7.023   -0.822  1.00 9.04  ? 126 TRP A CD1 1 
ATOM   908  C  CD2 . TRP A 1 126 ? -3.928  5.468   -0.084  1.00 7.95  ? 126 TRP A CD2 1 
ATOM   909  N  NE1 . TRP A 1 126 ? -2.151  6.717   0.468   1.00 8.80  ? 126 TRP A NE1 1 
ATOM   910  C  CE2 . TRP A 1 126 ? -3.012  5.763   0.945   1.00 6.55  ? 126 TRP A CE2 1 
ATOM   911  C  CE3 . TRP A 1 126 ? -4.912  4.499   0.142   1.00 8.82  ? 126 TRP A CE3 1 
ATOM   912  C  CZ2 . TRP A 1 126 ? -3.047  5.121   2.177   1.00 7.36  ? 126 TRP A CZ2 1 
ATOM   913  C  CZ3 . TRP A 1 126 ? -4.952  3.870   1.364   1.00 8.37  ? 126 TRP A CZ3 1 
ATOM   914  C  CH2 . TRP A 1 126 ? -4.020  4.183   2.371   1.00 7.44  ? 126 TRP A CH2 1 
ATOM   915  N  N   . LEU A 1 127 ? -4.715  9.202   -3.473  1.00 8.57  ? 127 LEU A N   1 
ATOM   916  C  CA  . LEU A 1 127 ? -4.513  10.645  -3.366  1.00 8.84  ? 127 LEU A CA  1 
ATOM   917  C  C   . LEU A 1 127 ? -5.835  11.390  -3.493  1.00 11.05 ? 127 LEU A C   1 
ATOM   918  O  O   . LEU A 1 127 ? -6.054  12.373  -2.788  1.00 11.00 ? 127 LEU A O   1 
ATOM   919  C  CB  . LEU A 1 127 ? -3.522  11.132  -4.426  1.00 11.17 ? 127 LEU A CB  1 
ATOM   920  C  CG  . LEU A 1 127 ? -2.126  10.548  -4.270  1.00 12.52 ? 127 LEU A CG  1 
ATOM   921  C  CD1 . LEU A 1 127 ? -1.232  11.003  -5.410  1.00 18.33 ? 127 LEU A CD1 1 
ATOM   922  C  CD2 . LEU A 1 127 ? -1.535  10.923  -2.930  1.00 16.16 ? 127 LEU A CD2 1 
ATOM   923  N  N   . ASP A 1 128 ? -6.721  10.911  -4.368  1.00 10.42 ? 128 ASP A N   1 
ATOM   924  C  CA  . ASP A 1 128 ? -8.062  11.498  -4.501  1.00 11.30 ? 128 ASP A CA  1 
ATOM   925  C  C   . ASP A 1 128 ? -8.851  11.425  -3.203  1.00 11.90 ? 128 ASP A C   1 
ATOM   926  O  O   . ASP A 1 128 ? -9.530  12.388  -2.827  1.00 12.93 ? 128 ASP A O   1 
ATOM   927  C  CB  . ASP A 1 128 ? -8.877  10.813  -5.608  1.00 13.82 ? 128 ASP A CB  1 
ATOM   928  C  CG  . ASP A 1 128 ? -8.462  11.233  -7.003  1.00 23.04 ? 128 ASP A CG  1 
ATOM   929  O  OD1 . ASP A 1 128 ? -7.779  12.264  -7.122  1.00 22.56 ? 128 ASP A OD1 1 
ATOM   930  O  OD2 . ASP A 1 128 ? -8.813  10.519  -7.971  1.00 22.84 ? 128 ASP A OD2 1 
ATOM   931  N  N   . TRP A 1 129 ? -8.768  10.282  -2.526  1.00 9.20  ? 129 TRP A N   1 
ATOM   932  C  CA  . TRP A 1 129 ? -9.443  10.085  -1.258  1.00 9.50  ? 129 TRP A CA  1 
ATOM   933  C  C   . TRP A 1 129 ? -8.870  11.042  -0.213  1.00 10.66 ? 129 TRP A C   1 
ATOM   934  O  O   . TRP A 1 129 ? -9.617  11.710  0.509   1.00 11.37 ? 129 TRP A O   1 
ATOM   935  C  CB  . TRP A 1 129 ? -9.309  8.620   -0.821  1.00 8.54  ? 129 TRP A CB  1 
ATOM   936  C  CG  . TRP A 1 129 ? -9.576  8.358   0.634   1.00 10.46 ? 129 TRP A CG  1 
ATOM   937  C  CD1 . TRP A 1 129 ? -10.728 8.618   1.314   1.00 9.87  ? 129 TRP A CD1 1 
ATOM   938  C  CD2 . TRP A 1 129 ? -8.680  7.755   1.579   1.00 8.18  ? 129 TRP A CD2 1 
ATOM   939  N  NE1 . TRP A 1 129 ? -10.603 8.223   2.626   1.00 11.84 ? 129 TRP A NE1 1 
ATOM   940  C  CE2 . TRP A 1 129 ? -9.354  7.684   2.813   1.00 9.87  ? 129 TRP A CE2 1 
ATOM   941  C  CE3 . TRP A 1 129 ? -7.375  7.260   1.494   1.00 10.31 ? 129 TRP A CE3 1 
ATOM   942  C  CZ2 . TRP A 1 129 ? -8.767  7.155   3.961   1.00 9.73  ? 129 TRP A CZ2 1 
ATOM   943  C  CZ3 . TRP A 1 129 ? -6.790  6.736   2.628   1.00 10.02 ? 129 TRP A CZ3 1 
ATOM   944  C  CH2 . TRP A 1 129 ? -7.487  6.675   3.845   1.00 10.90 ? 129 TRP A CH2 1 
ATOM   945  N  N   . ILE A 1 130 ? -7.548  11.147  -0.163  1.00 8.79  ? 130 ILE A N   1 
ATOM   946  C  CA  . ILE A 1 130 ? -6.896  12.039  0.788   1.00 11.01 ? 130 ILE A CA  1 
ATOM   947  C  C   . ILE A 1 130 ? -7.322  13.482  0.525   1.00 11.45 ? 130 ILE A C   1 
ATOM   948  O  O   . ILE A 1 130 ? -7.522  14.257  1.461   1.00 12.48 ? 130 ILE A O   1 
ATOM   949  C  CB  . ILE A 1 130 ? -5.357  11.902  0.713   1.00 10.73 ? 130 ILE A CB  1 
ATOM   950  C  CG1 . ILE A 1 130 ? -4.935  10.529  1.227   1.00 11.48 ? 130 ILE A CG1 1 
ATOM   951  C  CG2 . ILE A 1 130 ? -4.648  13.003  1.509   1.00 12.59 ? 130 ILE A CG2 1 
ATOM   952  C  CD1 . ILE A 1 130 ? -3.463  10.212  1.000   1.00 12.48 ? 130 ILE A CD1 1 
ATOM   953  N  N   . ASP A 1 131 ? -7.495  13.847  -0.739  1.00 12.32 ? 131 ASP A N   1 
ATOM   954  C  CA  . ASP A 1 131 ? -7.925  15.210  -1.055  1.00 13.43 ? 131 ASP A CA  1 
ATOM   955  C  C   . ASP A 1 131 ? -9.294  15.553  -0.457  1.00 15.02 ? 131 ASP A C   1 
ATOM   956  O  O   . ASP A 1 131 ? -9.569  16.727  -0.201  1.00 16.72 ? 131 ASP A O   1 
ATOM   957  C  CB  . ASP A 1 131 ? -7.940  15.434  -2.570  1.00 16.97 ? 131 ASP A CB  1 
ATOM   958  C  CG  . ASP A 1 131 ? -6.672  16.098  -3.067  1.00 24.21 ? 131 ASP A CG  1 
ATOM   959  O  OD1 . ASP A 1 131 ? -6.111  16.938  -2.331  1.00 35.10 ? 131 ASP A OD1 1 
ATOM   960  O  OD2 . ASP A 1 131 ? -6.243  15.793  -4.199  1.00 45.82 ? 131 ASP A OD2 1 
ATOM   961  N  N   . THR A 1 132 ? -10.138 14.551  -0.217  1.00 12.10 ? 132 THR A N   1 
ATOM   962  C  CA  . THR A 1 132 ? -11.438 14.804  0.401   1.00 13.35 ? 132 THR A CA  1 
ATOM   963  C  C   . THR A 1 132 ? -11.383 14.987  1.920   1.00 15.06 ? 132 THR A C   1 
ATOM   964  O  O   . THR A 1 132 ? -12.394 15.334  2.540   1.00 20.29 ? 132 THR A O   1 
ATOM   965  C  CB  . THR A 1 132 ? -12.441 13.668  0.124   1.00 13.96 ? 132 THR A CB  1 
ATOM   966  O  OG1 . THR A 1 132 ? -12.053 12.487  0.836   1.00 14.71 ? 132 THR A OG1 1 
ATOM   967  C  CG2 . THR A 1 132 ? -12.542 13.372  -1.362  1.00 16.32 ? 132 THR A CG2 1 
ATOM   968  N  N   . LEU A 1 133 ? -10.229 14.734  2.523   1.00 11.52 ? 133 LEU A N   1 
ATOM   969  C  CA  . LEU A 1 133 ? -10.114 14.786  3.976   1.00 12.24 ? 133 LEU A CA  1 
ATOM   970  C  C   . LEU A 1 133 ? -9.693  16.171  4.426   1.00 13.41 ? 133 LEU A C   1 
ATOM   971  O  O   . LEU A 1 133 ? -8.812  16.786  3.830   1.00 14.53 ? 133 LEU A O   1 
ATOM   972  C  CB  . LEU A 1 133 ? -9.105  13.751  4.470   1.00 12.09 ? 133 LEU A CB  1 
ATOM   973  C  CG  . LEU A 1 133 ? -9.366  12.314  4.019   1.00 12.65 ? 133 LEU A CG  1 
ATOM   974  C  CD1 . LEU A 1 133 ? -8.226  11.410  4.483   1.00 12.97 ? 133 LEU A CD1 1 
ATOM   975  C  CD2 . LEU A 1 133 ? -10.714 11.814  4.502   1.00 11.21 ? 133 LEU A CD2 1 
ATOM   976  N  N   . SER A 1 134 ? -10.312 16.657  5.495   1.00 14.34 ? 134 SER A N   1 
ATOM   977  C  CA  . SER A 1 134 ? -9.879  17.918  6.076   1.00 14.03 ? 134 SER A CA  1 
ATOM   978  C  C   . SER A 1 134 ? -8.611  17.708  6.893   1.00 13.44 ? 134 SER A C   1 
ATOM   979  O  O   . SER A 1 134 ? -8.279  16.585  7.251   1.00 12.28 ? 134 SER A O   1 
ATOM   980  C  CB  . SER A 1 134 ? -10.970 18.510  6.959   1.00 14.22 ? 134 SER A CB  1 
ATOM   981  O  OG  . SER A 1 134 ? -11.107 17.753  8.146   1.00 16.22 ? 134 SER A OG  1 
ATOM   982  N  N   . GLU A 1 135 ? -7.907  18.791  7.215   1.00 15.71 ? 135 GLU A N   1 
ATOM   983  C  CA  . GLU A 1 135 ? -6.733  18.671  8.068   1.00 16.00 ? 135 GLU A CA  1 
ATOM   984  C  C   . GLU A 1 135 ? -7.114  18.108  9.441   1.00 12.61 ? 135 GLU A C   1 
ATOM   985  O  O   . GLU A 1 135 ? -6.379  17.311  10.023  1.00 13.87 ? 135 GLU A O   1 
ATOM   986  C  CB  . GLU A 1 135 ? -6.027  20.022  8.234   1.00 18.51 ? 135 GLU A CB  1 
ATOM   987  C  CG  . GLU A 1 135 ? -5.759  20.778  6.935   1.00 23.45 ? 135 GLU A CG  1 
ATOM   988  C  CD  . GLU A 1 135 ? -4.526  20.291  6.173   1.00 25.39 ? 135 GLU A CD  1 
ATOM   989  O  OE1 . GLU A 1 135 ? -3.711  19.541  6.750   1.00 25.12 ? 135 GLU A OE1 1 
ATOM   990  O  OE2 . GLU A 1 135 ? -4.375  20.667  4.991   1.00 31.03 ? 135 GLU A OE2 1 
ATOM   991  N  N   . GLU A 1 136 ? -8.278  18.511  9.953   1.00 16.14 ? 136 GLU A N   1 
ATOM   992  C  CA  . GLU A 1 136 ? -8.756  17.976  11.221  1.00 19.19 ? 136 GLU A CA  1 
ATOM   993  C  C   . GLU A 1 136 ? -9.009  16.469  11.129  1.00 19.91 ? 136 GLU A C   1 
ATOM   994  O  O   . GLU A 1 136 ? -8.624  15.721  12.030  1.00 18.63 ? 136 GLU A O   1 
ATOM   995  C  CB  . GLU A 1 136 ? -10.023 18.714  11.675  1.00 24.74 ? 136 GLU A CB  1 
ATOM   996  C  CG  . GLU A 1 136 ? -10.540 18.271  13.038  1.00 29.26 ? 136 GLU A CG  1 
ATOM   997  C  CD  . GLU A 1 136 ? -11.698 19.122  13.547  1.00 37.45 ? 136 GLU A CD  1 
ATOM   998  O  OE1 . GLU A 1 136 ? -12.437 19.695  12.715  1.00 29.13 ? 136 GLU A OE1 1 
ATOM   999  O  OE2 . GLU A 1 136 ? -11.874 19.207  14.783  1.00 37.68 ? 136 GLU A OE2 1 
ATOM   1000 N  N   . ASP A 1 137 ? -9.628  16.018  10.034  1.00 14.28 ? 137 ASP A N   1 
ATOM   1001 C  CA  . ASP A 1 137 ? -9.847  14.587  9.819   1.00 15.20 ? 137 ASP A CA  1 
ATOM   1002 C  C   . ASP A 1 137 ? -8.545  13.820  9.859   1.00 12.14 ? 137 ASP A C   1 
ATOM   1003 O  O   . ASP A 1 137 ? -8.463  12.717  10.398  1.00 13.91 ? 137 ASP A O   1 
ATOM   1004 C  CB  . ASP A 1 137 ? -10.483 14.301  8.455   1.00 16.83 ? 137 ASP A CB  1 
ATOM   1005 C  CG  . ASP A 1 137 ? -11.889 14.822  8.321   1.00 24.60 ? 137 ASP A CG  1 
ATOM   1006 O  OD1 . ASP A 1 137 ? -12.574 15.015  9.346   1.00 21.46 ? 137 ASP A OD1 1 
ATOM   1007 O  OD2 . ASP A 1 137 ? -12.306 15.025  7.154   1.00 23.17 ? 137 ASP A OD2 1 
ATOM   1008 N  N   . LEU A 1 138 ? -7.537  14.402  9.220   1.00 12.15 ? 138 LEU A N   1 
ATOM   1009 C  CA  . LEU A 1 138 ? -6.258  13.733  9.051   1.00 12.89 ? 138 LEU A CA  1 
ATOM   1010 C  C   . LEU A 1 138 ? -5.448  13.669  10.328  1.00 12.35 ? 138 LEU A C   1 
ATOM   1011 O  O   . LEU A 1 138 ? -4.810  12.660  10.614  1.00 11.67 ? 138 LEU A O   1 
ATOM   1012 C  CB  . LEU A 1 138 ? -5.428  14.441  7.971   1.00 13.87 ? 138 LEU A CB  1 
ATOM   1013 C  CG  . LEU A 1 138 ? -5.731  13.996  6.545   1.00 13.60 ? 138 LEU A CG  1 
ATOM   1014 C  CD1 . LEU A 1 138 ? -5.112  14.961  5.545   1.00 17.09 ? 138 LEU A CD1 1 
ATOM   1015 C  CD2 . LEU A 1 138 ? -5.205  12.578  6.337   1.00 12.07 ? 138 LEU A CD2 1 
ATOM   1016 N  N   . PHE A 1 139 ? -5.470  14.750  11.102  1.00 13.14 ? 139 PHE A N   1 
ATOM   1017 C  CA  . PHE A 1 139 ? -4.446  14.915  12.122  1.00 14.00 ? 139 PHE A CA  1 
ATOM   1018 C  C   . PHE A 1 139 ? -4.950  14.948  13.568  1.00 13.98 ? 139 PHE A C   1 
ATOM   1019 O  O   . PHE A 1 139 ? -4.150  15.074  14.494  1.00 16.51 ? 139 PHE A O   1 
ATOM   1020 C  CB  . PHE A 1 139 ? -3.626  16.175  11.809  1.00 14.15 ? 139 PHE A CB  1 
ATOM   1021 C  CG  . PHE A 1 139 ? -2.877  16.083  10.501  1.00 12.36 ? 139 PHE A CG  1 
ATOM   1022 C  CD1 . PHE A 1 139 ? -1.846  15.167  10.348  1.00 14.39 ? 139 PHE A CD1 1 
ATOM   1023 C  CD2 . PHE A 1 139 ? -3.209  16.897  9.433   1.00 15.90 ? 139 PHE A CD2 1 
ATOM   1024 C  CE1 . PHE A 1 139 ? -1.154  15.069  9.137   1.00 18.02 ? 139 PHE A CE1 1 
ATOM   1025 C  CE2 . PHE A 1 139 ? -2.523  16.804  8.229   1.00 17.52 ? 139 PHE A CE2 1 
ATOM   1026 C  CZ  . PHE A 1 139 ? -1.497  15.888  8.087   1.00 18.52 ? 139 PHE A CZ  1 
ATOM   1027 N  N   . THR A 1 140 ? -6.256  14.809  13.778  1.00 14.41 ? 140 THR A N   1 
ATOM   1028 C  CA  . THR A 1 140 ? -6.753  14.654  15.153  1.00 12.78 ? 140 THR A CA  1 
ATOM   1029 C  C   . THR A 1 140 ? -7.368  13.278  15.337  1.00 13.02 ? 140 THR A C   1 
ATOM   1030 O  O   . THR A 1 140 ? -8.010  12.755  14.433  1.00 15.08 ? 140 THR A O   1 
ATOM   1031 C  CB  . THR A 1 140 ? -7.780  15.730  15.536  1.00 16.85 ? 140 THR A CB  1 
ATOM   1032 O  OG1 . THR A 1 140 ? -8.956  15.591  14.735  1.00 17.86 ? 140 THR A OG1 1 
ATOM   1033 C  CG2 . THR A 1 140 ? -7.193  17.118  15.346  1.00 17.60 ? 140 THR A CG2 1 
ATOM   1034 N  N   . GLN A 1 141 ? -7.176  12.686  16.511  1.00 15.00 ? 141 GLN A N   1 
ATOM   1035 C  CA  . GLN A 1 141 ? -7.648  11.328  16.745  1.00 15.10 ? 141 GLN A CA  1 
ATOM   1036 C  C   . GLN A 1 141 ? -9.133  11.313  17.114  1.00 14.55 ? 141 GLN A C   1 
ATOM   1037 O  O   . GLN A 1 141 ? -9.678  12.333  17.575  1.00 15.59 ? 141 GLN A O   1 
ATOM   1038 C  CB  . GLN A 1 141 ? -6.797  10.650  17.827  1.00 15.13 ? 141 GLN A CB  1 
ATOM   1039 C  CG  . GLN A 1 141 ? -7.158  9.206   18.188  1.00 17.40 ? 141 GLN A CG  1 
ATOM   1040 C  CD  . GLN A 1 141 ? -7.064  8.235   17.018  1.00 14.51 ? 141 GLN A CD  1 
ATOM   1041 O  OE1 . GLN A 1 141 ? -7.733  8.406   16.008  1.00 16.22 ? 141 GLN A OE1 1 
ATOM   1042 N  NE2 . GLN A 1 141 ? -6.258  7.185   17.174  1.00 17.52 ? 141 GLN A NE2 1 
ATOM   1043 N  N   . SER A 1 142 ? -9.773  10.178  16.834  1.00 12.97 ? 142 SER A N   1 
ATOM   1044 C  CA  . SER A 1 142 ? -11.144 9.847   17.232  1.00 12.96 ? 142 SER A CA  1 
ATOM   1045 C  C   . SER A 1 142 ? -12.203 10.529  16.376  1.00 12.97 ? 142 SER A C   1 
ATOM   1046 O  O   . SER A 1 142 ? -13.383 10.543  16.735  1.00 14.49 ? 142 SER A O   1 
ATOM   1047 C  CB  . SER A 1 142 ? -11.374 10.167  18.715  1.00 16.11 ? 142 SER A CB  1 
ATOM   1048 O  OG  . SER A 1 142 ? -10.558 9.349   19.531  1.00 19.99 ? 142 SER A OG  1 
ATOM   1049 N  N   . VAL A 1 143 ? -11.796 11.048  15.220  1.00 13.55 ? 143 VAL A N   1 
ATOM   1050 C  CA  . VAL A 1 143 ? -12.755 11.537  14.239  1.00 14.07 ? 143 VAL A CA  1 
ATOM   1051 C  C   . VAL A 1 143 ? -13.508 10.347  13.656  1.00 15.51 ? 143 VAL A C   1 
ATOM   1052 O  O   . VAL A 1 143 ? -14.743 10.331  13.623  1.00 15.11 ? 143 VAL A O   1 
ATOM   1053 C  CB  . VAL A 1 143 ? -12.069 12.329  13.117  1.00 15.29 ? 143 VAL A CB  1 
ATOM   1054 C  CG1 . VAL A 1 143 ? -13.073 12.678  12.007  1.00 16.09 ? 143 VAL A CG1 1 
ATOM   1055 C  CG2 . VAL A 1 143 ? -11.416 13.588  13.683  1.00 16.85 ? 143 VAL A CG2 1 
ATOM   1056 N  N   . ARG A 1 144 ? -12.740 9.355   13.204  1.00 14.19 ? 144 ARG A N   1 
ATOM   1057 C  CA  . ARG A 1 144 ? -13.277 8.078   12.747  1.00 13.01 ? 144 ARG A CA  1 
ATOM   1058 C  C   . ARG A 1 144 ? -13.269 7.070   13.880  1.00 11.05 ? 144 ARG A C   1 
ATOM   1059 O  O   . ARG A 1 144 ? -12.487 7.202   14.823  1.00 15.80 ? 144 ARG A O   1 
ATOM   1060 C  CB  . ARG A 1 144 ? -12.454 7.518   11.585  1.00 12.97 ? 144 ARG A CB  1 
ATOM   1061 C  CG  . ARG A 1 144 ? -12.277 8.460   10.432  1.00 12.82 ? 144 ARG A CG  1 
ATOM   1062 C  CD  . ARG A 1 144 ? -13.591 8.688   9.722   1.00 14.01 ? 144 ARG A CD  1 
ATOM   1063 N  NE  . ARG A 1 144 ? -13.331 9.118   8.358   1.00 16.00 ? 144 ARG A NE  1 
ATOM   1064 C  CZ  . ARG A 1 144 ? -13.510 10.348  7.893   1.00 17.95 ? 144 ARG A CZ  1 
ATOM   1065 N  NH1 . ARG A 1 144 ? -13.993 11.306  8.670   1.00 18.78 ? 144 ARG A NH1 1 
ATOM   1066 N  NH2 . ARG A 1 144 ? -13.205 10.615  6.633   1.00 18.18 ? 144 ARG A NH2 1 
ATOM   1067 N  N   . LYS A 1 145 ? -14.125 6.061   13.786  1.00 11.67 ? 145 LYS A N   1 
ATOM   1068 C  CA  . LYS A 1 145 ? -14.062 4.925   14.698  1.00 11.20 ? 145 LYS A CA  1 
ATOM   1069 C  C   . LYS A 1 145 ? -12.896 3.999   14.355  1.00 12.81 ? 145 LYS A C   1 
ATOM   1070 O  O   . LYS A 1 145 ? -12.236 3.480   15.251  1.00 11.92 ? 145 LYS A O   1 
ATOM   1071 C  CB  . LYS A 1 145 ? -15.372 4.127   14.677  1.00 12.82 ? 145 LYS A CB  1 
ATOM   1072 C  CG  . LYS A 1 145 ? -16.537 4.837   15.347  1.00 18.26 ? 145 LYS A CG  1 
ATOM   1073 C  CD  . LYS A 1 145 ? -17.798 3.984   15.313  1.00 19.07 ? 145 LYS A CD  1 
ATOM   1074 C  CE  . LYS A 1 145 ? -19.032 4.792   15.709  1.00 29.50 ? 145 LYS A CE  1 
ATOM   1075 N  NZ  . LYS A 1 145 ? -18.990 5.257   17.127  1.00 34.76 ? 145 LYS A NZ  1 
ATOM   1076 N  N   . TRP A 1 146 ? -12.629 3.796   13.065  1.00 11.30 ? 146 TRP A N   1 
ATOM   1077 C  CA  . TRP A 1 146 ? -11.696 2.737   12.677  1.00 10.76 ? 146 TRP A CA  1 
ATOM   1078 C  C   . TRP A 1 146 ? -10.244 3.038   13.065  1.00 9.95  ? 146 TRP A C   1 
ATOM   1079 O  O   . TRP A 1 146 ? -9.445  2.110   13.209  1.00 11.59 ? 146 TRP A O   1 
ATOM   1080 C  CB  . TRP A 1 146 ? -11.801 2.429   11.172  1.00 8.85  ? 146 TRP A CB  1 
ATOM   1081 C  CG  . TRP A 1 146 ? -11.340 3.497   10.207  1.00 9.97  ? 146 TRP A CG  1 
ATOM   1082 C  CD1 . TRP A 1 146 ? -12.129 4.381   9.516   1.00 10.22 ? 146 TRP A CD1 1 
ATOM   1083 C  CD2 . TRP A 1 146 ? -9.990  3.757   9.779   1.00 8.54  ? 146 TRP A CD2 1 
ATOM   1084 N  NE1 . TRP A 1 146 ? -11.357 5.179   8.708   1.00 10.93 ? 146 TRP A NE1 1 
ATOM   1085 C  CE2 . TRP A 1 146 ? -10.041 4.819   8.856   1.00 10.92 ? 146 TRP A CE2 1 
ATOM   1086 C  CE3 . TRP A 1 146 ? -8.742  3.201   10.101  1.00 10.44 ? 146 TRP A CE3 1 
ATOM   1087 C  CZ2 . TRP A 1 146 ? -8.902  5.341   8.249   1.00 9.31  ? 146 TRP A CZ2 1 
ATOM   1088 C  CZ3 . TRP A 1 146 ? -7.606  3.725   9.494   1.00 11.05 ? 146 TRP A CZ3 1 
ATOM   1089 C  CH2 . TRP A 1 146 ? -7.697  4.780   8.578   1.00 9.56  ? 146 TRP A CH2 1 
ATOM   1090 N  N   . THR A 1 147 ? -9.905  4.306   13.274  1.00 10.85 ? 147 THR A N   1 
ATOM   1091 C  CA  . THR A 1 147 ? -8.530  4.657   13.635  1.00 9.62  ? 147 THR A CA  1 
ATOM   1092 C  C   . THR A 1 147 ? -8.215  4.363   15.101  1.00 12.35 ? 147 THR A C   1 
ATOM   1093 O  O   . THR A 1 147 ? -7.056  4.401   15.503  1.00 12.33 ? 147 THR A O   1 
ATOM   1094 C  CB  . THR A 1 147 ? -8.233  6.133   13.380  1.00 10.52 ? 147 THR A CB  1 
ATOM   1095 O  OG1 . THR A 1 147 ? -9.187  6.928   14.093  1.00 11.27 ? 147 THR A OG1 1 
ATOM   1096 C  CG2 . THR A 1 147 ? -8.307  6.468   11.897  1.00 10.23 ? 147 THR A CG2 1 
ATOM   1097 N  N   . GLY A 1 148 ? -9.245  4.071   15.889  1.00 11.88 ? 148 GLY A N   1 
ATOM   1098 C  CA  . GLY A 1 148 ? -9.077  3.844   17.315  1.00 14.87 ? 148 GLY A CA  1 
ATOM   1099 C  C   . GLY A 1 148 ? -8.960  5.143   18.086  1.00 14.56 ? 148 GLY A C   1 
ATOM   1100 O  O   . GLY A 1 148 ? -9.228  6.219   17.554  1.00 18.05 ? 148 GLY A O   1 
ATOM   1101 N  N   . ASP A 1 149 ? -8.533  5.054   19.343  1.00 20.84 ? 149 ASP A N   1 
ATOM   1102 C  CA  . ASP A 1 149 ? -8.454  6.240   20.187  1.00 21.81 ? 149 ASP A CA  1 
ATOM   1103 C  C   . ASP A 1 149 ? -7.047  6.507   20.710  1.00 19.86 ? 149 ASP A C   1 
ATOM   1104 O  O   . ASP A 1 149 ? -6.850  7.394   21.545  1.00 22.35 ? 149 ASP A O   1 
ATOM   1105 C  CB  . ASP A 1 149 ? -9.416  6.117   21.376  1.00 27.16 ? 149 ASP A CB  1 
ATOM   1106 C  CG  . ASP A 1 149 ? -10.875 6.059   20.952  1.00 37.33 ? 149 ASP A CG  1 
ATOM   1107 O  OD1 . ASP A 1 149 ? -11.364 7.027   20.324  1.00 34.78 ? 149 ASP A OD1 1 
ATOM   1108 O  OD2 . ASP A 1 149 ? -11.539 5.046   21.263  1.00 37.96 ? 149 ASP A OD2 1 
ATOM   1109 N  N   . LYS A 1 150 ? -6.065  5.746   20.237  1.00 18.39 ? 150 LYS A N   1 
ATOM   1110 C  CA  . LYS A 1 150 ? -4.723  5.891   20.777  1.00 20.81 ? 150 LYS A CA  1 
ATOM   1111 C  C   . LYS A 1 150 ? -4.066  7.158   20.267  1.00 20.52 ? 150 LYS A C   1 
ATOM   1112 O  O   . LYS A 1 150 ? -4.198  7.504   19.092  1.00 19.70 ? 150 LYS A O   1 
ATOM   1113 C  CB  . LYS A 1 150 ? -3.857  4.684   20.428  1.00 23.13 ? 150 LYS A CB  1 
ATOM   1114 C  CG  . LYS A 1 150 ? -4.319  3.403   21.072  1.00 23.18 ? 150 LYS A CG  1 
ATOM   1115 C  CD  . LYS A 1 150 ? -3.378  2.272   20.732  1.00 33.46 ? 150 LYS A CD  1 
ATOM   1116 C  CE  . LYS A 1 150 ? -3.434  1.164   21.765  1.00 40.66 ? 150 LYS A CE  1 
ATOM   1117 N  NZ  . LYS A 1 150 ? -2.514  0.052   21.394  1.00 38.25 ? 150 LYS A NZ  1 
ATOM   1118 N  N   . PRO A 1 151 ? -3.366  7.864   21.161  1.00 25.08 ? 151 PRO A N   1 
ATOM   1119 C  CA  . PRO A 1 151 ? -2.546  9.001   20.746  1.00 26.91 ? 151 PRO A CA  1 
ATOM   1120 C  C   . PRO A 1 151 ? -1.574  8.598   19.641  1.00 19.67 ? 151 PRO A C   1 
ATOM   1121 O  O   . PRO A 1 151 ? -1.092  7.457   19.627  1.00 23.26 ? 151 PRO A O   1 
ATOM   1122 C  CB  . PRO A 1 151 ? -1.802  9.382   22.030  1.00 32.64 ? 151 PRO A CB  1 
ATOM   1123 C  CG  . PRO A 1 151 ? -2.710  8.937   23.124  1.00 31.80 ? 151 PRO A CG  1 
ATOM   1124 C  CD  . PRO A 1 151 ? -3.352  7.673   22.622  1.00 28.62 ? 151 PRO A CD  1 
ATOM   1125 N  N   . ASN A 1 152 ? -1.310  9.528   18.732  1.00 20.35 ? 152 ASN A N   1 
ATOM   1126 C  CA  . ASN A 1 152 ? -0.367  9.331   17.638  1.00 25.73 ? 152 ASN A CA  1 
ATOM   1127 C  C   . ASN A 1 152 ? -0.871  8.351   16.587  1.00 16.41 ? 152 ASN A C   1 
ATOM   1128 O  O   . ASN A 1 152 ? -0.123  7.982   15.687  1.00 17.54 ? 152 ASN A O   1 
ATOM   1129 C  CB  . ASN A 1 152 ? 0.997   8.865   18.163  1.00 24.40 ? 152 ASN A CB  1 
ATOM   1130 C  CG  . ASN A 1 152 ? 1.553   9.783   19.230  1.00 33.09 ? 152 ASN A CG  1 
ATOM   1131 O  OD1 . ASN A 1 152 ? 1.485   11.008  19.112  1.00 35.40 ? 152 ASN A OD1 1 
ATOM   1132 N  ND2 . ASN A 1 152 ? 2.105   9.195   20.283  1.00 33.20 ? 152 ASN A ND2 1 
ATOM   1133 N  N   . TRP A 1 153 ? -2.140  7.952   16.662  1.00 14.77 ? 153 TRP A N   1 
ATOM   1134 C  CA  . TRP A 1 153 ? -2.705  7.152   15.568  1.00 14.68 ? 153 TRP A CA  1 
ATOM   1135 C  C   . TRP A 1 153 ? -3.945  7.756   14.871  1.00 9.73  ? 153 TRP A C   1 
ATOM   1136 O  O   . TRP A 1 153 ? -4.918  7.035   14.610  1.00 13.71 ? 153 TRP A O   1 
ATOM   1137 C  CB  . TRP A 1 153 ? -3.016  5.743   16.073  1.00 14.14 ? 153 TRP A CB  1 
ATOM   1138 C  CG  . TRP A 1 153 ? -1.764  4.912   16.138  1.00 11.99 ? 153 TRP A CG  1 
ATOM   1139 C  CD1 . TRP A 1 153 ? -0.908  4.785   17.198  1.00 16.72 ? 153 TRP A CD1 1 
ATOM   1140 C  CD2 . TRP A 1 153 ? -1.199  4.146   15.069  1.00 12.51 ? 153 TRP A CD2 1 
ATOM   1141 N  NE1 . TRP A 1 153 ? 0.140   3.965   16.855  1.00 16.73 ? 153 TRP A NE1 1 
ATOM   1142 C  CE2 . TRP A 1 153 ? -0.016  3.558   15.558  1.00 15.38 ? 153 TRP A CE2 1 
ATOM   1143 C  CE3 . TRP A 1 153 ? -1.596  3.881   13.752  1.00 14.11 ? 153 TRP A CE3 1 
ATOM   1144 C  CZ2 . TRP A 1 153 ? 0.787   2.729   14.767  1.00 13.92 ? 153 TRP A CZ2 1 
ATOM   1145 C  CZ3 . TRP A 1 153 ? -0.798  3.052   12.970  1.00 15.97 ? 153 TRP A CZ3 1 
ATOM   1146 C  CH2 . TRP A 1 153 ? 0.381   2.486   13.481  1.00 14.57 ? 153 TRP A CH2 1 
ATOM   1147 N  N   . PRO A 1 154 ? -3.880  9.047   14.499  1.00 12.34 ? 154 PRO A N   1 
ATOM   1148 C  CA  . PRO A 1 154 ? -4.962  9.572   13.668  1.00 11.93 ? 154 PRO A CA  1 
ATOM   1149 C  C   . PRO A 1 154 ? -4.868  9.017   12.250  1.00 11.04 ? 154 PRO A C   1 
ATOM   1150 O  O   . PRO A 1 154 ? -3.932  8.269   11.945  1.00 11.46 ? 154 PRO A O   1 
ATOM   1151 C  CB  . PRO A 1 154 ? -4.701  11.068  13.671  1.00 12.57 ? 154 PRO A CB  1 
ATOM   1152 C  CG  . PRO A 1 154 ? -3.212  11.152  13.674  1.00 13.57 ? 154 PRO A CG  1 
ATOM   1153 C  CD  . PRO A 1 154 ? -2.760  10.004  14.562  1.00 11.33 ? 154 PRO A CD  1 
HETATM 1154 N  N   . MSE A 1 155 ? -5.815  9.392   11.395  1.00 9.04  ? 155 MSE A N   1 
HETATM 1155 C  CA  . MSE A 1 155 ? -5.839  8.929   10.008  1.00 8.90  ? 155 MSE A CA  1 
HETATM 1156 C  C   . MSE A 1 155 ? -4.479  9.036   9.327   1.00 9.64  ? 155 MSE A C   1 
HETATM 1157 O  O   . MSE A 1 155 ? -4.068  8.102   8.654   1.00 10.13 ? 155 MSE A O   1 
HETATM 1158 C  CB  . MSE A 1 155 ? -6.863  9.712   9.187   1.00 9.28  ? 155 MSE A CB  1 
HETATM 1159 C  CG  . MSE A 1 155 ? -8.329  9.497   9.571   1.00 11.21 ? 155 MSE A CG  1 
HETATM 1160 SE SE  . MSE A 1 155 ? -9.515  10.400  8.312   0.64 10.57 ? 155 MSE A SE  1 
HETATM 1161 C  CE  . MSE A 1 155 ? -9.379  9.089   6.896   1.00 16.23 ? 155 MSE A CE  1 
ATOM   1162 N  N   . ALA A 1 156 ? -3.786  10.157  9.506   1.00 8.28  ? 156 ALA A N   1 
ATOM   1163 C  CA  . ALA A 1 156 ? -2.529  10.374  8.792   1.00 9.33  ? 156 ALA A CA  1 
ATOM   1164 C  C   . ALA A 1 156 ? -1.500  9.293   9.078   1.00 10.30 ? 156 ALA A C   1 
ATOM   1165 O  O   . ALA A 1 156 ? -0.728  8.935   8.193   1.00 9.49  ? 156 ALA A O   1 
ATOM   1166 C  CB  . ALA A 1 156 ? -1.955  11.730  9.128   1.00 13.59 ? 156 ALA A CB  1 
ATOM   1167 N  N   . ARG A 1 157 ? -1.476  8.766   10.299  1.00 7.93  ? 157 ARG A N   1 
ATOM   1168 C  CA  . ARG A 1 157 ? -0.500  7.730   10.630  1.00 9.77  ? 157 ARG A CA  1 
ATOM   1169 C  C   . ARG A 1 157 ? -0.841  6.423   9.919   1.00 9.68  ? 157 ARG A C   1 
ATOM   1170 O  O   . ARG A 1 157 ? 0.029   5.775   9.344   1.00 9.63  ? 157 ARG A O   1 
ATOM   1171 C  CB  . ARG A 1 157 ? -0.434  7.512   12.143  1.00 12.92 ? 157 ARG A CB  1 
ATOM   1172 C  CG  . ARG A 1 157 ? 0.493   6.374   12.560  1.00 16.82 ? 157 ARG A CG  1 
ATOM   1173 C  CD  . ARG A 1 157 ? 1.710   6.916   13.279  1.00 22.76 ? 157 ARG A CD  1 
ATOM   1174 N  NE  . ARG A 1 157 ? 2.633   5.873   13.731  1.00 20.44 ? 157 ARG A NE  1 
ATOM   1175 C  CZ  . ARG A 1 157 ? 2.881   5.595   15.008  1.00 20.87 ? 157 ARG A CZ  1 
ATOM   1176 N  NH1 . ARG A 1 157 ? 2.263   6.263   15.970  1.00 19.23 ? 157 ARG A NH1 1 
ATOM   1177 N  NH2 . ARG A 1 157 ? 3.750   4.644   15.328  1.00 17.66 ? 157 ARG A NH2 1 
ATOM   1178 N  N   . TRP A 1 158 ? -2.110  6.032   9.963   1.00 8.13  ? 158 TRP A N   1 
ATOM   1179 C  CA  . TRP A 1 158 ? -2.571  4.848   9.255   1.00 7.83  ? 158 TRP A CA  1 
ATOM   1180 C  C   . TRP A 1 158 ? -2.328  4.973   7.755   1.00 6.85  ? 158 TRP A C   1 
ATOM   1181 O  O   . TRP A 1 158 ? -2.022  3.991   7.086   1.00 8.22  ? 158 TRP A O   1 
ATOM   1182 C  CB  . TRP A 1 158 ? -4.059  4.614   9.500   1.00 9.18  ? 158 TRP A CB  1 
ATOM   1183 C  CG  . TRP A 1 158 ? -4.439  4.200   10.904  1.00 7.22  ? 158 TRP A CG  1 
ATOM   1184 C  CD1 . TRP A 1 158 ? -4.833  5.016   11.932  1.00 9.89  ? 158 TRP A CD1 1 
ATOM   1185 C  CD2 . TRP A 1 158 ? -4.517  2.863   11.395  1.00 9.57  ? 158 TRP A CD2 1 
ATOM   1186 N  NE1 . TRP A 1 158 ? -5.132  4.255   13.038  1.00 9.74  ? 158 TRP A NE1 1 
ATOM   1187 C  CE2 . TRP A 1 158 ? -4.954  2.932   12.733  1.00 7.99  ? 158 TRP A CE2 1 
ATOM   1188 C  CE3 . TRP A 1 158 ? -4.259  1.608   10.831  1.00 8.58  ? 158 TRP A CE3 1 
ATOM   1189 C  CZ2 . TRP A 1 158 ? -5.141  1.785   13.513  1.00 9.28  ? 158 TRP A CZ2 1 
ATOM   1190 C  CZ3 . TRP A 1 158 ? -4.438  0.479   11.604  1.00 10.19 ? 158 TRP A CZ3 1 
ATOM   1191 C  CH2 . TRP A 1 158 ? -4.879  0.576   12.933  1.00 11.34 ? 158 TRP A CH2 1 
ATOM   1192 N  N   . ILE A 1 159 ? -2.470  6.183   7.232   1.00 6.88  ? 159 ILE A N   1 
ATOM   1193 C  CA  . ILE A 1 159 ? -2.224  6.426   5.815   1.00 7.04  ? 159 ILE A CA  1 
ATOM   1194 C  C   . ILE A 1 159 ? -0.723  6.288   5.520   1.00 7.73  ? 159 ILE A C   1 
ATOM   1195 O  O   . ILE A 1 159 ? -0.333  5.582   4.576   1.00 8.08  ? 159 ILE A O   1 
ATOM   1196 C  CB  . ILE A 1 159 ? -2.763  7.807   5.395   1.00 7.21  ? 159 ILE A CB  1 
ATOM   1197 C  CG1 . ILE A 1 159 ? -4.293  7.757   5.309   1.00 9.98  ? 159 ILE A CG1 1 
ATOM   1198 C  CG2 . ILE A 1 159 ? -2.158  8.248   4.049   1.00 9.06  ? 159 ILE A CG2 1 
ATOM   1199 C  CD1 . ILE A 1 159 ? -4.929  9.124   5.235   1.00 10.41 ? 159 ILE A CD1 1 
ATOM   1200 N  N   . HIS A 1 160 ? 0.115   6.911   6.349   1.00 7.91  ? 160 HIS A N   1 
ATOM   1201 C  CA  . HIS A 1 160 ? 1.564   6.835   6.193   1.00 8.45  ? 160 HIS A CA  1 
ATOM   1202 C  C   . HIS A 1 160 ? 2.086   5.398   6.168   1.00 7.63  ? 160 HIS A C   1 
ATOM   1203 O  O   . HIS A 1 160 ? 2.855   5.012   5.262   1.00 8.79  ? 160 HIS A O   1 
ATOM   1204 C  CB  . HIS A 1 160 ? 2.245   7.608   7.324   1.00 9.49  ? 160 HIS A CB  1 
ATOM   1205 C  CG  . HIS A 1 160 ? 3.720   7.361   7.418   1.00 12.98 ? 160 HIS A CG  1 
ATOM   1206 N  ND1 . HIS A 1 160 ? 4.633   8.023   6.627   1.00 15.33 ? 160 HIS A ND1 1 
ATOM   1207 C  CD2 . HIS A 1 160 ? 4.437   6.527   8.207   1.00 15.58 ? 160 HIS A CD2 1 
ATOM   1208 C  CE1 . HIS A 1 160 ? 5.851   7.607   6.927   1.00 13.49 ? 160 HIS A CE1 1 
ATOM   1209 N  NE2 . HIS A 1 160 ? 5.761   6.703   7.887   1.00 17.33 ? 160 HIS A NE2 1 
ATOM   1210 N  N   . ILE A 1 161 ? 1.681   4.597   7.147   1.00 9.39  ? 161 ILE A N   1 
ATOM   1211 C  CA  . ILE A 1 161 ? 2.239   3.263   7.275   1.00 8.51  ? 161 ILE A CA  1 
ATOM   1212 C  C   . ILE A 1 161 ? 1.747   2.329   6.170   1.00 7.87  ? 161 ILE A C   1 
ATOM   1213 O  O   . ILE A 1 161 ? 2.248   1.217   6.026   1.00 8.65  ? 161 ILE A O   1 
ATOM   1214 C  CB  . ILE A 1 161 ? 1.927   2.620   8.648   1.00 8.47  ? 161 ILE A CB  1 
ATOM   1215 C  CG1 . ILE A 1 161 ? 0.421   2.493   8.895   1.00 8.99  ? 161 ILE A CG1 1 
ATOM   1216 C  CG2 . ILE A 1 161 ? 2.598   3.393   9.785   1.00 13.15 ? 161 ILE A CG2 1 
ATOM   1217 C  CD1 . ILE A 1 161 ? 0.035   1.294   9.779   1.00 11.77 ? 161 ILE A CD1 1 
ATOM   1218 N  N   . ASN A 1 162 ? 0.777   2.783   5.378   1.00 7.36  ? 162 ASN A N   1 
ATOM   1219 C  CA  . ASN A 1 162 ? 0.267   1.958   4.288   1.00 7.73  ? 162 ASN A CA  1 
ATOM   1220 C  C   . ASN A 1 162 ? 0.513   2.532   2.903   1.00 6.83  ? 162 ASN A C   1 
ATOM   1221 O  O   . ASN A 1 162 ? 0.029   1.989   1.900   1.00 7.99  ? 162 ASN A O   1 
ATOM   1222 C  CB  . ASN A 1 162 ? -1.225  1.698   4.494   1.00 8.55  ? 162 ASN A CB  1 
ATOM   1223 C  CG  . ASN A 1 162 ? -1.461  0.633   5.530   1.00 7.19  ? 162 ASN A CG  1 
ATOM   1224 O  OD1 . ASN A 1 162 ? -1.112  -0.528  5.314   1.00 10.03 ? 162 ASN A OD1 1 
ATOM   1225 N  ND2 . ASN A 1 162 ? -2.010  1.021   6.676   1.00 8.81  ? 162 ASN A ND2 1 
ATOM   1226 N  N   . SER A 1 163 ? 1.290   3.603   2.833   1.00 6.39  ? 163 SER A N   1 
ATOM   1227 C  CA  . SER A 1 163 ? 1.629   4.147   1.522   1.00 6.85  ? 163 SER A CA  1 
ATOM   1228 C  C   . SER A 1 163 ? 3.065   4.679   1.522   1.00 8.51  ? 163 SER A C   1 
ATOM   1229 O  O   . SER A 1 163 ? 3.967   3.962   1.106   1.00 9.05  ? 163 SER A O   1 
ATOM   1230 C  CB  . SER A 1 163 ? 0.620   5.219   1.081   1.00 7.86  ? 163 SER A CB  1 
ATOM   1231 O  OG  . SER A 1 163 ? 0.484   6.271   2.022   1.00 7.38  ? 163 SER A OG  1 
ATOM   1232 N  N   . ALA A 1 164 ? 3.285   5.902   2.009   1.00 8.22  ? 164 ALA A N   1 
ATOM   1233 C  CA  . ALA A 1 164 ? 4.624   6.502   2.001   1.00 10.03 ? 164 ALA A CA  1 
ATOM   1234 C  C   . ALA A 1 164 ? 5.690   5.562   2.554   1.00 10.24 ? 164 ALA A C   1 
ATOM   1235 O  O   . ALA A 1 164 ? 6.753   5.389   1.932   1.00 9.62  ? 164 ALA A O   1 
ATOM   1236 C  CB  . ALA A 1 164 ? 4.627   7.803   2.790   1.00 11.12 ? 164 ALA A CB  1 
ATOM   1237 N  N   . ALA A 1 165 ? 5.428   4.940   3.698   1.00 8.43  ? 165 ALA A N   1 
ATOM   1238 C  CA  . ALA A 1 165 ? 6.445   4.077   4.284   1.00 7.93  ? 165 ALA A CA  1 
ATOM   1239 C  C   . ALA A 1 165 ? 6.712   2.789   3.467   1.00 9.58  ? 165 ALA A C   1 
ATOM   1240 O  O   . ALA A 1 165 ? 7.862   2.552   3.073   1.00 8.70  ? 165 ALA A O   1 
ATOM   1241 C  CB  . ALA A 1 165 ? 6.096   3.748   5.754   1.00 8.81  ? 165 ALA A CB  1 
ATOM   1242 N  N   . PRO A 1 166 ? 5.685   1.964   3.188   1.00 8.53  ? 166 PRO A N   1 
ATOM   1243 C  CA  . PRO A 1 166 ? 5.999   0.779   2.379   1.00 10.00 ? 166 PRO A CA  1 
ATOM   1244 C  C   . PRO A 1 166 ? 6.462   1.094   0.953   1.00 9.81  ? 166 PRO A C   1 
ATOM   1245 O  O   . PRO A 1 166 ? 7.206   0.296   0.382   1.00 9.09  ? 166 PRO A O   1 
ATOM   1246 C  CB  . PRO A 1 166 ? 4.670   -0.005  2.358   1.00 8.90  ? 166 PRO A CB  1 
ATOM   1247 C  CG  . PRO A 1 166 ? 3.618   1.003   2.684   1.00 9.24  ? 166 PRO A CG  1 
ATOM   1248 C  CD  . PRO A 1 166 ? 4.283   1.945   3.655   1.00 8.89  ? 166 PRO A CD  1 
ATOM   1249 N  N   . PHE A 1 167 ? 6.055   2.215   0.367   1.00 6.32  ? 167 PHE A N   1 
ATOM   1250 C  CA  . PHE A 1 167 ? 6.548   2.512   -0.977  1.00 7.16  ? 167 PHE A CA  1 
ATOM   1251 C  C   . PHE A 1 167 ? 8.073   2.659   -0.936  1.00 8.19  ? 167 PHE A C   1 
ATOM   1252 O  O   . PHE A 1 167 ? 8.763   2.269   -1.880  1.00 8.66  ? 167 PHE A O   1 
ATOM   1253 C  CB  . PHE A 1 167 ? 5.921   3.784   -1.571  1.00 7.90  ? 167 PHE A CB  1 
ATOM   1254 C  CG  . PHE A 1 167 ? 4.428   3.689   -1.847  1.00 6.00  ? 167 PHE A CG  1 
ATOM   1255 C  CD1 . PHE A 1 167 ? 3.722   2.488   -1.744  1.00 7.18  ? 167 PHE A CD1 1 
ATOM   1256 C  CD2 . PHE A 1 167 ? 3.736   4.827   -2.214  1.00 7.16  ? 167 PHE A CD2 1 
ATOM   1257 C  CE1 . PHE A 1 167 ? 2.351   2.440   -2.002  1.00 6.74  ? 167 PHE A CE1 1 
ATOM   1258 C  CE2 . PHE A 1 167 ? 2.367   4.780   -2.463  1.00 7.32  ? 167 PHE A CE2 1 
ATOM   1259 C  CZ  . PHE A 1 167 ? 1.684   3.589   -2.360  1.00 8.72  ? 167 PHE A CZ  1 
ATOM   1260 N  N   . LYS A 1 168 ? 8.605   3.217   0.149   1.00 7.61  ? 168 LYS A N   1 
ATOM   1261 C  CA  . LYS A 1 168 ? 10.056  3.310   0.299   1.00 9.25  ? 168 LYS A CA  1 
ATOM   1262 C  C   . LYS A 1 168 ? 10.687  1.943   0.596   1.00 8.92  ? 168 LYS A C   1 
ATOM   1263 O  O   . LYS A 1 168 ? 11.673  1.549   -0.028  1.00 8.82  ? 168 LYS A O   1 
ATOM   1264 C  CB  . LYS A 1 168 ? 10.407  4.309   1.405   1.00 11.28 ? 168 LYS A CB  1 
ATOM   1265 C  CG  . LYS A 1 168 ? 11.909  4.532   1.565   1.00 16.25 ? 168 LYS A CG  1 
ATOM   1266 C  CD  . LYS A 1 168 ? 12.199  5.804   2.361   1.00 20.94 ? 168 LYS A CD  1 
ATOM   1267 C  CE  . LYS A 1 168 ? 11.681  5.712   3.786   1.00 36.75 ? 168 LYS A CE  1 
ATOM   1268 N  NZ  . LYS A 1 168 ? 12.047  6.918   4.590   1.00 40.63 ? 168 LYS A NZ  1 
ATOM   1269 N  N   . THR A 1 169 ? 10.111  1.200   1.526   1.00 7.54  ? 169 THR A N   1 
ATOM   1270 C  CA  . THR A 1 169 ? 10.651  -0.099  1.889   1.00 7.13  ? 169 THR A CA  1 
ATOM   1271 C  C   . THR A 1 169 ? 10.670  -1.068  0.715   1.00 8.16  ? 169 THR A C   1 
ATOM   1272 O  O   . THR A 1 169 ? 11.668  -1.777  0.468   1.00 8.50  ? 169 THR A O   1 
ATOM   1273 C  CB  . THR A 1 169 ? 9.838   -0.700  3.034   1.00 9.78  ? 169 THR A CB  1 
ATOM   1274 O  OG1 . THR A 1 169 ? 9.944   0.159   4.173   1.00 11.99 ? 169 THR A OG1 1 
ATOM   1275 C  CG2 . THR A 1 169 ? 10.329  -2.090  3.395   1.00 11.00 ? 169 THR A CG2 1 
ATOM   1276 N  N   . PHE A 1 170 ? 9.564   -1.108  -0.019  1.00 8.00  ? 170 PHE A N   1 
ATOM   1277 C  CA  . PHE A 1 170 ? 9.460   -2.052  -1.110  1.00 7.36  ? 170 PHE A CA  1 
ATOM   1278 C  C   . PHE A 1 170 ? 10.253  -1.573  -2.327  1.00 7.45  ? 170 PHE A C   1 
ATOM   1279 O  O   . PHE A 1 170 ? 10.613  -2.378  -3.183  1.00 7.53  ? 170 PHE A O   1 
ATOM   1280 C  CB  . PHE A 1 170 ? 7.980   -2.319  -1.436  1.00 7.26  ? 170 PHE A CB  1 
ATOM   1281 C  CG  . PHE A 1 170 ? 7.338   -3.287  -0.483  1.00 7.23  ? 170 PHE A CG  1 
ATOM   1282 C  CD1 . PHE A 1 170 ? 7.081   -4.584  -0.873  1.00 10.47 ? 170 PHE A CD1 1 
ATOM   1283 C  CD2 . PHE A 1 170 ? 7.014   -2.914  0.818   1.00 8.77  ? 170 PHE A CD2 1 
ATOM   1284 C  CE1 . PHE A 1 170 ? 6.499   -5.494  -0.002  1.00 12.98 ? 170 PHE A CE1 1 
ATOM   1285 C  CE2 . PHE A 1 170 ? 6.442   -3.832  1.695   1.00 11.38 ? 170 PHE A CE2 1 
ATOM   1286 C  CZ  . PHE A 1 170 ? 6.186   -5.113  1.281   1.00 11.65 ? 170 PHE A CZ  1 
ATOM   1287 N  N   . ARG A 1 171 ? 10.554  -0.282  -2.408  1.00 6.93  ? 171 ARG A N   1 
ATOM   1288 C  CA  . ARG A 1 171 ? 11.497  0.160   -3.428  1.00 7.31  ? 171 ARG A CA  1 
ATOM   1289 C  C   . ARG A 1 171 ? 12.876  -0.460  -3.161  1.00 6.41  ? 171 ARG A C   1 
ATOM   1290 O  O   . ARG A 1 171 ? 13.565  -0.908  -4.093  1.00 7.17  ? 171 ARG A O   1 
ATOM   1291 C  CB  . ARG A 1 171 ? 11.611  1.677   -3.485  1.00 7.84  ? 171 ARG A CB  1 
ATOM   1292 C  CG  . ARG A 1 171 ? 12.661  2.125   -4.484  1.00 8.11  ? 171 ARG A CG  1 
ATOM   1293 C  CD  . ARG A 1 171 ? 12.825  3.618   -4.488  1.00 14.28 ? 171 ARG A CD  1 
ATOM   1294 N  NE  . ARG A 1 171 ? 13.825  4.030   -5.468  1.00 12.04 ? 171 ARG A NE  1 
ATOM   1295 C  CZ  . ARG A 1 171 ? 14.650  5.055   -5.296  1.00 11.33 ? 171 ARG A CZ  1 
ATOM   1296 N  NH1 . ARG A 1 171 ? 14.608  5.774   -4.187  1.00 15.59 ? 171 ARG A NH1 1 
ATOM   1297 N  NH2 . ARG A 1 171 ? 15.526  5.365   -6.241  1.00 12.19 ? 171 ARG A NH2 1 
ATOM   1298 N  N   . ALA A 1 172 ? 13.295  -0.481  -1.902  1.00 7.61  ? 172 ALA A N   1 
ATOM   1299 C  CA  . ALA A 1 172 ? 14.555  -1.131  -1.579  1.00 7.42  ? 172 ALA A CA  1 
ATOM   1300 C  C   . ALA A 1 172 ? 14.512  -2.609  -1.967  1.00 6.60  ? 172 ALA A C   1 
ATOM   1301 O  O   . ALA A 1 172 ? 15.478  -3.151  -2.511  1.00 8.45  ? 172 ALA A O   1 
ATOM   1302 C  CB  . ALA A 1 172 ? 14.863  -0.978  -0.093  1.00 7.40  ? 172 ALA A CB  1 
ATOM   1303 N  N   . LYS A 1 173 ? 13.381  -3.259  -1.714  1.00 7.09  ? 173 LYS A N   1 
ATOM   1304 C  CA  . LYS A 1 173 ? 13.229  -4.672  -2.037  1.00 7.04  ? 173 LYS A CA  1 
ATOM   1305 C  C   . LYS A 1 173 ? 13.392  -4.957  -3.527  1.00 7.04  ? 173 LYS A C   1 
ATOM   1306 O  O   . LYS A 1 173 ? 14.084  -5.902  -3.914  1.00 7.38  ? 173 LYS A O   1 
ATOM   1307 C  CB  . LYS A 1 173 ? 11.859  -5.190  -1.588  1.00 11.05 ? 173 LYS A CB  1 
ATOM   1308 C  CG  . LYS A 1 173 ? 11.702  -5.401  -0.096  1.00 14.10 ? 173 LYS A CG  1 
ATOM   1309 C  CD  . LYS A 1 173 ? 10.326  -6.011  0.193   1.00 17.14 ? 173 LYS A CD  1 
ATOM   1310 C  CE  . LYS A 1 173 ? 10.043  -6.098  1.669   1.00 15.94 ? 173 LYS A CE  1 
ATOM   1311 N  NZ  . LYS A 1 173 ? 11.020  -6.993  2.338   1.00 16.31 ? 173 LYS A NZ  1 
ATOM   1312 N  N   . ILE A 1 174 ? 12.726  -4.173  -4.367  1.00 6.32  ? 174 ILE A N   1 
ATOM   1313 C  CA  . ILE A 1 174 ? 12.791  -4.446  -5.797  1.00 6.91  ? 174 ILE A CA  1 
ATOM   1314 C  C   . ILE A 1 174 ? 14.179  -4.089  -6.331  1.00 6.67  ? 174 ILE A C   1 
ATOM   1315 O  O   . ILE A 1 174 ? 14.671  -4.753  -7.247  1.00 8.29  ? 174 ILE A O   1 
ATOM   1316 C  CB  . ILE A 1 174 ? 11.653  -3.722  -6.585  1.00 7.32  ? 174 ILE A CB  1 
ATOM   1317 C  CG1 . ILE A 1 174 ? 11.550  -4.271  -8.014  1.00 7.21  ? 174 ILE A CG1 1 
ATOM   1318 C  CG2 . ILE A 1 174 ? 11.824  -2.218  -6.598  1.00 9.88  ? 174 ILE A CG2 1 
ATOM   1319 C  CD1 . ILE A 1 174 ? 11.146  -5.735  -8.068  1.00 10.19 ? 174 ILE A CD1 1 
ATOM   1320 N  N   . ARG A 1 175 ? 14.832  -3.085  -5.756  1.00 7.15  ? 175 ARG A N   1 
ATOM   1321 C  CA  . ARG A 1 175 ? 16.206  -2.768  -6.167  1.00 7.13  ? 175 ARG A CA  1 
ATOM   1322 C  C   . ARG A 1 175 ? 17.156  -3.919  -5.831  1.00 7.86  ? 175 ARG A C   1 
ATOM   1323 O  O   . ARG A 1 175 ? 18.063  -4.236  -6.611  1.00 9.84  ? 175 ARG A O   1 
ATOM   1324 C  CB  . ARG A 1 175 ? 16.695  -1.471  -5.514  1.00 8.67  ? 175 ARG A CB  1 
ATOM   1325 C  CG  . ARG A 1 175 ? 16.044  -0.218  -6.073  1.00 9.47  ? 175 ARG A CG  1 
ATOM   1326 C  CD  . ARG A 1 175 ? 16.319  1.030   -5.235  1.00 12.67 ? 175 ARG A CD  1 
ATOM   1327 N  NE  . ARG A 1 175 ? 17.736  1.389   -5.212  1.00 14.35 ? 175 ARG A NE  1 
ATOM   1328 C  CZ  . ARG A 1 175 ? 18.321  2.189   -6.097  1.00 15.74 ? 175 ARG A CZ  1 
ATOM   1329 N  NH1 . ARG A 1 175 ? 17.619  2.727   -7.083  1.00 14.74 ? 175 ARG A NH1 1 
ATOM   1330 N  NH2 . ARG A 1 175 ? 19.618  2.463   -5.984  1.00 16.60 ? 175 ARG A NH2 1 
ATOM   1331 N  N   . LYS A 1 176 ? 16.956  -4.546  -4.678  1.00 7.59  ? 176 LYS A N   1 
ATOM   1332 C  CA  . LYS A 1 176 ? 17.776  -5.671  -4.264  1.00 8.18  ? 176 LYS A CA  1 
ATOM   1333 C  C   . LYS A 1 176 ? 17.483  -6.880  -5.158  1.00 9.99  ? 176 LYS A C   1 
ATOM   1334 O  O   . LYS A 1 176 ? 18.401  -7.588  -5.575  1.00 11.03 ? 176 LYS A O   1 
ATOM   1335 C  CB  . LYS A 1 176 ? 17.518  -5.986  -2.787  1.00 9.35  ? 176 LYS A CB  1 
ATOM   1336 C  CG  . LYS A 1 176 ? 18.452  -7.010  -2.164  1.00 14.43 ? 176 LYS A CG  1 
ATOM   1337 C  CD  . LYS A 1 176 ? 18.185  -7.104  -0.662  1.00 18.65 ? 176 LYS A CD  1 
ATOM   1338 C  CE  . LYS A 1 176 ? 19.232  -7.921  0.064   1.00 31.21 ? 176 LYS A CE  1 
ATOM   1339 N  NZ  . LYS A 1 176 ? 18.894  -8.028  1.513   1.00 35.45 ? 176 LYS A NZ  1 
ATOM   1340 N  N   . TRP A 1 177 ? 16.207  -7.108  -5.473  1.00 7.85  ? 177 TRP A N   1 
ATOM   1341 C  CA  . TRP A 1 177 ? 15.834  -8.165  -6.401  1.00 9.03  ? 177 TRP A CA  1 
ATOM   1342 C  C   . TRP A 1 177 ? 16.549  -7.950  -7.740  1.00 8.24  ? 177 TRP A C   1 
ATOM   1343 O  O   . TRP A 1 177 ? 17.120  -8.887  -8.308  1.00 9.45  ? 177 TRP A O   1 
ATOM   1344 C  CB  . TRP A 1 177 ? 14.307  -8.202  -6.582  1.00 7.19  ? 177 TRP A CB  1 
ATOM   1345 C  CG  . TRP A 1 177 ? 13.831  -9.281  -7.506  1.00 7.30  ? 177 TRP A CG  1 
ATOM   1346 C  CD1 . TRP A 1 177 ? 13.396  -10.532 -7.155  1.00 8.75  ? 177 TRP A CD1 1 
ATOM   1347 C  CD2 . TRP A 1 177 ? 13.718  -9.197  -8.928  1.00 6.99  ? 177 TRP A CD2 1 
ATOM   1348 N  NE1 . TRP A 1 177 ? 13.035  -11.237 -8.282  1.00 10.33 ? 177 TRP A NE1 1 
ATOM   1349 C  CE2 . TRP A 1 177 ? 13.227  -10.442 -9.384  1.00 7.95  ? 177 TRP A CE2 1 
ATOM   1350 C  CE3 . TRP A 1 177 ? 13.988  -8.194  -9.861  1.00 7.72  ? 177 TRP A CE3 1 
ATOM   1351 C  CZ2 . TRP A 1 177 ? 12.997  -10.702 -10.731 1.00 9.39  ? 177 TRP A CZ2 1 
ATOM   1352 C  CZ3 . TRP A 1 177 ? 13.771  -8.458  -11.207 1.00 8.39  ? 177 TRP A CZ3 1 
ATOM   1353 C  CH2 . TRP A 1 177 ? 13.280  -9.706  -11.626 1.00 10.15 ? 177 TRP A CH2 1 
ATOM   1354 N  N   . LYS A 1 178 ? 16.541  -6.721  -8.246  1.00 7.60  ? 178 LYS A N   1 
ATOM   1355 C  CA  . LYS A 1 178 ? 17.200  -6.451  -9.526  1.00 10.31 ? 178 LYS A CA  1 
ATOM   1356 C  C   . LYS A 1 178 ? 18.701  -6.690  -9.442  1.00 10.75 ? 178 LYS A C   1 
ATOM   1357 O  O   . LYS A 1 178 ? 19.291  -7.241  -10.370 1.00 12.17 ? 178 LYS A O   1 
ATOM   1358 C  CB  . LYS A 1 178 ? 16.932  -5.020  -9.991  1.00 9.39  ? 178 LYS A CB  1 
ATOM   1359 C  CG  . LYS A 1 178 ? 15.511  -4.813  -10.469 1.00 10.74 ? 178 LYS A CG  1 
ATOM   1360 C  CD  . LYS A 1 178 ? 15.380  -3.518  -11.242 1.00 13.85 ? 178 LYS A CD  1 
ATOM   1361 C  CE  . LYS A 1 178 ? 15.549  -2.319  -10.338 1.00 15.20 ? 178 LYS A CE  1 
ATOM   1362 N  NZ  . LYS A 1 178 ? 15.292  -1.064  -11.099 1.00 17.26 ? 178 LYS A NZ  1 
ATOM   1363 N  N   . LYS A 1 179 ? 19.316  -6.274  -8.343  1.00 9.92  ? 179 LYS A N   1 
ATOM   1364 C  CA  . LYS A 1 179 ? 20.754  -6.464  -8.192  1.00 10.00 ? 179 LYS A CA  1 
ATOM   1365 C  C   . LYS A 1 179 ? 21.114  -7.938  -8.348  1.00 9.98  ? 179 LYS A C   1 
ATOM   1366 O  O   . LYS A 1 179 ? 22.056  -8.296  -9.077  1.00 11.09 ? 179 LYS A O   1 
ATOM   1367 C  CB  . LYS A 1 179 ? 21.231  -5.944  -6.833  1.00 12.36 ? 179 LYS A CB  1 
ATOM   1368 C  CG  . LYS A 1 179 ? 22.716  -6.188  -6.593  1.00 12.37 ? 179 LYS A CG  1 
ATOM   1369 C  CD  . LYS A 1 179 ? 23.140  -5.715  -5.215  1.00 16.98 ? 179 LYS A CD  1 
ATOM   1370 C  CE  . LYS A 1 179 ? 24.601  -6.059  -4.936  1.00 18.80 ? 179 LYS A CE  1 
ATOM   1371 N  NZ  . LYS A 1 179 ? 25.030  -5.540  -3.599  1.00 25.16 ? 179 LYS A NZ  1 
ATOM   1372 N  N   . HIS A 1 180 ? 20.342  -8.807  -7.711  1.00 9.32  ? 180 HIS A N   1 
ATOM   1373 C  CA  . HIS A 1 180 ? 20.704  -10.209 -7.668  1.00 11.57 ? 180 HIS A CA  1 
ATOM   1374 C  C   . HIS A 1 180 ? 20.250  -10.983 -8.902  1.00 13.61 ? 180 HIS A C   1 
ATOM   1375 O  O   . HIS A 1 180 ? 20.429  -12.199 -8.969  1.00 15.41 ? 180 HIS A O   1 
ATOM   1376 C  CB  . HIS A 1 180 ? 20.179  -10.820 -6.373  1.00 11.17 ? 180 HIS A CB  1 
ATOM   1377 C  CG  . HIS A 1 180 ? 20.874  -10.275 -5.170  1.00 13.30 ? 180 HIS A CG  1 
ATOM   1378 N  ND1 . HIS A 1 180 ? 22.250  -10.218 -5.083  1.00 14.64 ? 180 HIS A ND1 1 
ATOM   1379 C  CD2 . HIS A 1 180 ? 20.401  -9.721  -4.029  1.00 14.08 ? 180 HIS A CD2 1 
ATOM   1380 C  CE1 . HIS A 1 180 ? 22.592  -9.674  -3.928  1.00 16.31 ? 180 HIS A CE1 1 
ATOM   1381 N  NE2 . HIS A 1 180 ? 21.490  -9.368  -3.268  1.00 18.03 ? 180 HIS A NE2 1 
ATOM   1382 N  N   . GLN A 1 181 ? 19.706  -10.270 -9.887  1.00 10.83 ? 181 GLN A N   1 
ATOM   1383 C  CA  . GLN A 1 181 ? 19.572  -10.833 -11.231 1.00 11.08 ? 181 GLN A CA  1 
ATOM   1384 C  C   . GLN A 1 181 ? 20.921  -10.831 -11.942 1.00 13.77 ? 181 GLN A C   1 
ATOM   1385 O  O   . GLN A 1 181 ? 21.101  -11.538 -12.934 1.00 15.40 ? 181 GLN A O   1 
ATOM   1386 C  CB  . GLN A 1 181 ? 18.574  -10.041 -12.084 1.00 15.21 ? 181 GLN A CB  1 
ATOM   1387 C  CG  . GLN A 1 181 ? 17.190  -9.916  -11.493 1.00 16.49 ? 181 GLN A CG  1 
ATOM   1388 C  CD  . GLN A 1 181 ? 16.596  -11.250 -11.162 1.00 19.39 ? 181 GLN A CD  1 
ATOM   1389 O  OE1 . GLN A 1 181 ? 16.365  -12.073 -12.055 1.00 24.33 ? 181 GLN A OE1 1 
ATOM   1390 N  NE2 . GLN A 1 181 ? 16.360  -11.495 -9.882  1.00 17.81 ? 181 GLN A NE2 1 
ATOM   1391 N  N   . ARG A 1 182 ? 21.851  -10.018 -11.449 1.00 14.74 ? 182 ARG A N   1 
ATOM   1392 C  CA  . ARG A 1 182 ? 23.107  -9.763  -12.154 1.00 14.05 ? 182 ARG A CA  1 
ATOM   1393 C  C   . ARG A 1 182 ? 24.363  -10.122 -11.368 1.00 15.01 ? 182 ARG A C   1 
ATOM   1394 O  O   . ARG A 1 182 ? 25.403  -10.427 -11.966 1.00 14.22 ? 182 ARG A O   1 
ATOM   1395 C  CB  . ARG A 1 182 ? 23.202  -8.284  -12.548 1.00 18.99 ? 182 ARG A CB  1 
ATOM   1396 C  CG  . ARG A 1 182 ? 22.230  -7.833  -13.633 1.00 24.03 ? 182 ARG A CG  1 
ATOM   1397 C  CD  . ARG A 1 182 ? 22.608  -8.359  -15.022 1.00 26.88 ? 182 ARG A CD  1 
ATOM   1398 N  NE  . ARG A 1 182 ? 22.106  -9.714  -15.240 1.00 28.05 ? 182 ARG A NE  1 
ATOM   1399 C  CZ  . ARG A 1 182 ? 22.839  -10.731 -15.683 1.00 22.58 ? 182 ARG A CZ  1 
ATOM   1400 N  NH1 . ARG A 1 182 ? 24.122  -10.559 -15.986 1.00 24.40 ? 182 ARG A NH1 1 
ATOM   1401 N  NH2 . ARG A 1 182 ? 22.286  -11.921 -15.828 1.00 25.68 ? 182 ARG A NH2 1 
ATOM   1402 N  N   . GLN A 1 183 ? 24.292  -10.054 -10.042 1.00 12.55 ? 183 GLN A N   1 
ATOM   1403 C  CA  . GLN A 1 183 ? 25.502  -10.188 -9.238  1.00 14.52 ? 183 GLN A CA  1 
ATOM   1404 C  C   . GLN A 1 183 ? 25.221  -10.530 -7.786  1.00 16.38 ? 183 GLN A C   1 
ATOM   1405 O  O   . GLN A 1 183 ? 24.101  -10.351 -7.288  1.00 14.03 ? 183 GLN A O   1 
ATOM   1406 C  CB  . GLN A 1 183 ? 26.307  -8.892  -9.287  1.00 13.61 ? 183 GLN A CB  1 
ATOM   1407 C  CG  . GLN A 1 183 ? 25.583  -7.753  -8.584  1.00 15.83 ? 183 GLN A CG  1 
ATOM   1408 C  CD  . GLN A 1 183 ? 26.381  -6.467  -8.531  1.00 14.26 ? 183 GLN A CD  1 
ATOM   1409 O  OE1 . GLN A 1 183 ? 27.534  -6.447  -8.087  1.00 18.29 ? 183 GLN A OE1 1 
ATOM   1410 N  NE2 . GLN A 1 183 ? 25.775  -5.386  -8.999  1.00 12.98 ? 183 GLN A NE2 1 
ATOM   1411 N  N   . ALA A 1 184 ? 26.262  -10.999 -7.103  1.00 14.57 ? 184 ALA A N   1 
ATOM   1412 C  CA  . ALA A 1 184 ? 26.198  -11.312 -5.688  1.00 18.56 ? 184 ALA A CA  1 
ATOM   1413 C  C   . ALA A 1 184 ? 26.144  -10.042 -4.846  1.00 19.50 ? 184 ALA A C   1 
ATOM   1414 O  O   . ALA A 1 184 ? 26.621  -8.977  -5.246  1.00 21.11 ? 184 ALA A O   1 
ATOM   1415 C  CB  . ALA A 1 184 ? 27.395  -12.169 -5.287  1.00 17.15 ? 184 ALA A CB  1 
ATOM   1416 O  OXT . ALA A 1 184 ? 25.614  -10.052 -3.738  1.00 24.13 ? 184 ALA A OXT 1 
HETATM 1417 O  O   . HOH B 2 .   ? -4.524  -3.427  -15.155 1.00 26.36 ? 201 HOH A O   1 
HETATM 1418 O  O   . HOH B 2 .   ? -19.527 -5.043  8.312   1.00 27.33 ? 202 HOH A O   1 
HETATM 1419 O  O   . HOH B 2 .   ? -17.393 -2.798  6.365   1.00 25.62 ? 203 HOH A O   1 
HETATM 1420 O  O   . HOH B 2 .   ? -2.870  -14.738 -16.001 1.00 21.59 ? 204 HOH A O   1 
HETATM 1421 O  O   . HOH B 2 .   ? -7.162  0.222   -13.219 1.00 34.48 ? 205 HOH A O   1 
HETATM 1422 O  O   . HOH B 2 .   ? -9.257  8.223   -8.719  1.00 29.64 ? 206 HOH A O   1 
HETATM 1423 O  O   . HOH B 2 .   ? 24.645  -3.125  -3.360  1.00 38.49 ? 207 HOH A O   1 
HETATM 1424 O  O   . HOH B 2 .   ? 14.678  -13.311 -13.399 1.00 25.97 ? 208 HOH A O   1 
HETATM 1425 O  O   . HOH B 2 .   ? -20.718 3.915   10.042  1.00 29.33 ? 209 HOH A O   1 
HETATM 1426 O  O   . HOH B 2 .   ? 4.607   21.019  -0.758  1.00 36.38 ? 210 HOH A O   1 
HETATM 1427 O  O   . HOH B 2 .   ? 5.901   5.466   -13.037 1.00 22.67 ? 211 HOH A O   1 
HETATM 1428 O  O   . HOH B 2 .   ? -8.400  2.787   20.474  1.00 31.70 ? 212 HOH A O   1 
HETATM 1429 O  O   . HOH B 2 .   ? -1.638  14.857  14.794  1.00 29.41 ? 213 HOH A O   1 
HETATM 1430 O  O   . HOH B 2 .   ? -0.074  -9.393  14.050  1.00 26.03 ? 214 HOH A O   1 
HETATM 1431 O  O   . HOH B 2 .   ? -15.905 -3.443  1.979   1.00 30.46 ? 215 HOH A O   1 
HETATM 1432 O  O   . HOH B 2 .   ? -17.256 8.197   11.251  1.00 25.63 ? 216 HOH A O   1 
HETATM 1433 O  O   . HOH B 2 .   ? 2.769   -15.669 -4.555  1.00 31.06 ? 217 HOH A O   1 
HETATM 1434 O  O   . HOH B 2 .   ? 18.550  -10.583 2.325   1.00 35.23 ? 218 HOH A O   1 
HETATM 1435 O  O   . HOH B 2 .   ? -7.921  11.129  12.390  1.00 12.74 ? 219 HOH A O   1 
HETATM 1436 O  O   . HOH B 2 .   ? -10.910 0.590   -3.178  1.00 29.31 ? 220 HOH A O   1 
HETATM 1437 O  O   . HOH B 2 .   ? 7.341   -17.935 -7.622  1.00 32.54 ? 221 HOH A O   1 
HETATM 1438 O  O   . HOH B 2 .   ? 13.852  2.865   -0.697  1.00 22.89 ? 222 HOH A O   1 
HETATM 1439 O  O   . HOH B 2 .   ? 1.332   13.317  10.649  1.00 36.29 ? 223 HOH A O   1 
HETATM 1440 O  O   . HOH B 2 .   ? 26.375  -11.407 -14.215 1.00 17.12 ? 224 HOH A O   1 
HETATM 1441 O  O   . HOH B 2 .   ? 0.094   17.723  11.509  1.00 31.57 ? 225 HOH A O   1 
HETATM 1442 O  O   . HOH B 2 .   ? -1.025  -16.907 -2.213  1.00 29.16 ? 226 HOH A O   1 
HETATM 1443 O  O   . HOH B 2 .   ? 9.443   -16.728 -16.965 1.00 23.73 ? 227 HOH A O   1 
HETATM 1444 O  O   . HOH B 2 .   ? 4.070   -12.067 2.640   1.00 29.92 ? 228 HOH A O   1 
HETATM 1445 O  O   . HOH B 2 .   ? 19.700  -14.759 -8.868  1.00 17.87 ? 229 HOH A O   1 
HETATM 1446 O  O   . HOH B 2 .   ? 4.814   -14.190 -7.434  1.00 15.22 ? 230 HOH A O   1 
HETATM 1447 O  O   . HOH B 2 .   ? -8.268  -16.565 8.240   1.00 31.34 ? 231 HOH A O   1 
HETATM 1448 O  O   . HOH B 2 .   ? -2.521  21.113  3.118   1.00 23.63 ? 232 HOH A O   1 
HETATM 1449 O  O   . HOH B 2 .   ? 2.367   1.442   -10.854 1.00 12.58 ? 233 HOH A O   1 
HETATM 1450 O  O   . HOH B 2 .   ? -2.863  11.565  17.937  1.00 36.22 ? 234 HOH A O   1 
HETATM 1451 O  O   . HOH B 2 .   ? -0.828  7.230   -9.811  1.00 16.33 ? 235 HOH A O   1 
HETATM 1452 O  O   . HOH B 2 .   ? 1.008   18.106  -2.370  1.00 22.68 ? 236 HOH A O   1 
HETATM 1453 O  O   . HOH B 2 .   ? -9.889  9.446   13.453  1.00 12.29 ? 237 HOH A O   1 
HETATM 1454 O  O   . HOH B 2 .   ? -0.062  -7.163  -20.327 1.00 27.09 ? 238 HOH A O   1 
HETATM 1455 O  O   . HOH B 2 .   ? -24.742 2.979   2.422   1.00 11.25 ? 239 HOH A O   1 
HETATM 1456 O  O   . HOH B 2 .   ? -10.661 7.644   -4.087  1.00 18.02 ? 240 HOH A O   1 
HETATM 1457 O  O   . HOH B 2 .   ? -11.917 6.359   17.352  1.00 18.71 ? 241 HOH A O   1 
HETATM 1458 O  O   . HOH B 2 .   ? 16.660  2.740   -10.488 1.00 29.83 ? 242 HOH A O   1 
HETATM 1459 O  O   . HOH B 2 .   ? 27.706  -6.971  -3.797  1.00 36.55 ? 243 HOH A O   1 
HETATM 1460 O  O   . HOH B 2 .   ? -4.808  -16.649 2.693   1.00 27.93 ? 244 HOH A O   1 
HETATM 1461 O  O   . HOH B 2 .   ? 23.496  -4.586  -10.219 1.00 32.54 ? 245 HOH A O   1 
HETATM 1462 O  O   . HOH B 2 .   ? 8.310   7.606   1.936   1.00 22.27 ? 246 HOH A O   1 
HETATM 1463 O  O   . HOH B 2 .   ? 3.568   -2.374  5.006   1.00 17.24 ? 247 HOH A O   1 
HETATM 1464 O  O   . HOH B 2 .   ? 2.268   -6.589  -21.394 1.00 30.33 ? 248 HOH A O   1 
HETATM 1465 O  O   . HOH B 2 .   ? -7.574  -13.696 -2.412  1.00 25.54 ? 249 HOH A O   1 
HETATM 1466 O  O   . HOH B 2 .   ? -8.894  13.988  19.585  1.00 21.35 ? 250 HOH A O   1 
HETATM 1467 O  O   . HOH B 2 .   ? -8.207  0.677   -8.489  1.00 33.58 ? 251 HOH A O   1 
HETATM 1468 O  O   . HOH B 2 .   ? -7.667  6.212   -10.425 1.00 21.89 ? 252 HOH A O   1 
HETATM 1469 O  O   . HOH B 2 .   ? -13.273 18.862  9.374   1.00 29.62 ? 253 HOH A O   1 
HETATM 1470 O  O   . HOH B 2 .   ? 4.809   -15.579 -0.851  1.00 24.75 ? 254 HOH A O   1 
HETATM 1471 O  O   . HOH B 2 .   ? -8.836  0.313   15.172  1.00 22.06 ? 255 HOH A O   1 
HETATM 1472 O  O   . HOH B 2 .   ? -11.635 -2.593  3.778   1.00 13.11 ? 256 HOH A O   1 
HETATM 1473 O  O   . HOH B 2 .   ? -10.815 14.064  -4.563  1.00 25.69 ? 257 HOH A O   1 
HETATM 1474 O  O   . HOH B 2 .   ? 9.808   4.655   -3.054  1.00 10.02 ? 258 HOH A O   1 
HETATM 1475 O  O   . HOH B 2 .   ? -16.523 -4.522  13.644  1.00 20.73 ? 259 HOH A O   1 
HETATM 1476 O  O   . HOH B 2 .   ? -9.515  -14.671 1.495   1.00 25.99 ? 260 HOH A O   1 
HETATM 1477 O  O   . HOH B 2 .   ? -10.299 -15.111 11.491  1.00 20.38 ? 261 HOH A O   1 
HETATM 1478 O  O   . HOH B 2 .   ? -0.825  21.607  10.419  1.00 29.03 ? 262 HOH A O   1 
HETATM 1479 O  O   . HOH B 2 .   ? -15.959 1.671   11.747  1.00 19.24 ? 263 HOH A O   1 
HETATM 1480 O  O   . HOH B 2 .   ? 3.462   -10.235 -21.671 1.00 15.88 ? 264 HOH A O   1 
HETATM 1481 O  O   . HOH B 2 .   ? -11.469 -0.269  -1.300  1.00 24.31 ? 265 HOH A O   1 
HETATM 1482 O  O   . HOH B 2 .   ? -15.684 -0.056  0.259   1.00 26.21 ? 266 HOH A O   1 
HETATM 1483 O  O   . HOH B 2 .   ? 8.110   6.748   -12.099 1.00 14.52 ? 267 HOH A O   1 
HETATM 1484 O  O   . HOH B 2 .   ? 8.177   -15.299 -13.384 1.00 10.77 ? 268 HOH A O   1 
HETATM 1485 O  O   . HOH B 2 .   ? 5.713   14.506  -5.031  1.00 16.75 ? 269 HOH A O   1 
HETATM 1486 O  O   . HOH B 2 .   ? -7.417  -6.541  -2.690  1.00 26.21 ? 270 HOH A O   1 
HETATM 1487 O  O   . HOH B 2 .   ? 18.459  -6.547  -12.915 1.00 22.90 ? 271 HOH A O   1 
HETATM 1488 O  O   . HOH B 2 .   ? -14.008 -2.107  5.270   1.00 13.29 ? 272 HOH A O   1 
HETATM 1489 O  O   . HOH B 2 .   ? -25.654 1.987   8.593   1.00 12.38 ? 273 HOH A O   1 
HETATM 1490 O  O   . HOH B 2 .   ? 19.491  -2.373  -8.083  1.00 24.69 ? 274 HOH A O   1 
HETATM 1491 O  O   . HOH B 2 .   ? -5.829  3.926   17.946  1.00 16.61 ? 275 HOH A O   1 
HETATM 1492 O  O   . HOH B 2 .   ? 7.023   -5.534  -17.545 1.00 22.59 ? 276 HOH A O   1 
HETATM 1493 O  O   . HOH B 2 .   ? -11.949 5.675   0.891   1.00 19.81 ? 277 HOH A O   1 
HETATM 1494 O  O   . HOH B 2 .   ? -3.905  -11.277 -17.559 1.00 30.40 ? 278 HOH A O   1 
HETATM 1495 O  O   . HOH B 2 .   ? 12.723  -12.665 -4.395  1.00 10.94 ? 279 HOH A O   1 
HETATM 1496 O  O   . HOH B 2 .   ? 8.528   -11.920 4.736   1.00 31.67 ? 280 HOH A O   1 
HETATM 1497 O  O   . HOH B 2 .   ? 0.541   -11.999 -6.811  1.00 23.75 ? 281 HOH A O   1 
HETATM 1498 O  O   . HOH B 2 .   ? 1.461   -16.329 -11.457 1.00 29.52 ? 282 HOH A O   1 
HETATM 1499 O  O   . HOH B 2 .   ? 1.512   -0.498  -17.076 1.00 16.55 ? 283 HOH A O   1 
HETATM 1500 O  O   . HOH B 2 .   ? -11.830 4.810   -10.019 1.00 40.46 ? 284 HOH A O   1 
HETATM 1501 O  O   . HOH B 2 .   ? 4.387   0.240   7.541   1.00 19.98 ? 285 HOH A O   1 
HETATM 1502 O  O   . HOH B 2 .   ? 18.097  -2.299  -2.016  1.00 10.75 ? 286 HOH A O   1 
HETATM 1503 O  O   . HOH B 2 .   ? 2.042   10.757  -11.693 1.00 24.43 ? 287 HOH A O   1 
HETATM 1504 O  O   . HOH B 2 .   ? 15.542  -2.895  -14.818 1.00 30.62 ? 288 HOH A O   1 
HETATM 1505 O  O   . HOH B 2 .   ? 8.032   -10.384 -22.501 1.00 15.60 ? 289 HOH A O   1 
HETATM 1506 O  O   . HOH B 2 .   ? 0.528   -11.057 -10.803 1.00 17.94 ? 290 HOH A O   1 
HETATM 1507 O  O   . HOH B 2 .   ? -8.251  20.963  2.192   1.00 40.60 ? 291 HOH A O   1 
HETATM 1508 O  O   . HOH B 2 .   ? 13.824  5.574   -1.491  1.00 25.67 ? 292 HOH A O   1 
HETATM 1509 O  O   . HOH B 2 .   ? 14.153  -7.492  -18.979 1.00 23.45 ? 293 HOH A O   1 
HETATM 1510 O  O   . HOH B 2 .   ? 12.058  1.918   4.786   1.00 26.84 ? 294 HOH A O   1 
HETATM 1511 O  O   . HOH B 2 .   ? -8.133  -10.200 1.150   1.00 31.25 ? 295 HOH A O   1 
HETATM 1512 O  O   . HOH B 2 .   ? -18.660 -4.617  0.813   1.00 34.65 ? 296 HOH A O   1 
HETATM 1513 O  O   . HOH B 2 .   ? 12.807  4.857   -9.833  1.00 19.43 ? 297 HOH A O   1 
HETATM 1514 O  O   . HOH B 2 .   ? -13.996 13.042  5.427   1.00 20.37 ? 298 HOH A O   1 
HETATM 1515 O  O   . HOH B 2 .   ? -14.625 -12.614 14.706  1.00 31.01 ? 299 HOH A O   1 
HETATM 1516 O  O   . HOH B 2 .   ? -11.924 5.898   -2.130  1.00 35.02 ? 300 HOH A O   1 
HETATM 1517 O  O   . HOH B 2 .   ? 14.216  0.826   -13.610 1.00 21.02 ? 301 HOH A O   1 
HETATM 1518 O  O   . HOH B 2 .   ? -13.995 11.771  2.782   1.00 21.87 ? 302 HOH A O   1 
HETATM 1519 O  O   . HOH B 2 .   ? -15.407 14.852  9.100   1.00 36.42 ? 303 HOH A O   1 
HETATM 1520 O  O   . HOH B 2 .   ? -11.314 -10.247 11.324  1.00 27.92 ? 304 HOH A O   1 
HETATM 1521 O  O   . HOH B 2 .   ? 7.647   10.380  5.444   1.00 29.86 ? 305 HOH A O   1 
HETATM 1522 O  O   . HOH B 2 .   ? -14.370 16.891  6.525   1.00 32.10 ? 306 HOH A O   1 
HETATM 1523 O  O   . HOH B 2 .   ? 12.418  -8.712  4.405   1.00 26.55 ? 307 HOH A O   1 
HETATM 1524 O  O   . HOH B 2 .   ? -14.772 6.308   -2.606  1.00 32.77 ? 308 HOH A O   1 
HETATM 1525 O  O   . HOH B 2 .   ? 0.856   -0.618  1.005   1.00 10.40 ? 309 HOH A O   1 
HETATM 1526 O  O   . HOH B 2 .   ? -7.680  -5.500  -0.279  1.00 15.09 ? 310 HOH A O   1 
HETATM 1527 O  O   . HOH B 2 .   ? 12.240  4.294   -14.704 1.00 28.18 ? 311 HOH A O   1 
HETATM 1528 O  O   . HOH B 2 .   ? 8.307   5.572   8.560   1.00 37.25 ? 312 HOH A O   1 
HETATM 1529 O  O   . HOH B 2 .   ? -16.095 11.468  16.815  1.00 17.24 ? 313 HOH A O   1 
HETATM 1530 O  O   . HOH B 2 .   ? 8.834   10.518  -0.491  1.00 18.73 ? 314 HOH A O   1 
HETATM 1531 O  O   . HOH B 2 .   ? 2.459   -14.278 3.754   1.00 25.58 ? 315 HOH A O   1 
HETATM 1532 O  O   . HOH B 2 .   ? 11.651  -18.399 -8.787  1.00 25.75 ? 316 HOH A O   1 
HETATM 1533 O  O   . HOH B 2 .   ? 7.572   -7.376  -20.610 1.00 19.88 ? 317 HOH A O   1 
HETATM 1534 O  O   . HOH B 2 .   ? 25.692  -2.573  -8.356  1.00 26.49 ? 318 HOH A O   1 
HETATM 1535 O  O   . HOH B 2 .   ? -8.471  -8.318  14.229  1.00 22.06 ? 319 HOH A O   1 
HETATM 1536 O  O   . HOH B 2 .   ? 5.107   -6.698  5.460   1.00 23.36 ? 320 HOH A O   1 
HETATM 1537 O  O   . HOH B 2 .   ? 10.043  -3.433  -18.372 1.00 31.33 ? 321 HOH A O   1 
HETATM 1538 O  O   . HOH B 2 .   ? -9.320  20.065  15.841  1.00 16.30 ? 322 HOH A O   1 
HETATM 1539 O  O   . HOH B 2 .   ? -14.938 20.740  13.746  1.00 31.32 ? 323 HOH A O   1 
HETATM 1540 O  O   . HOH B 2 .   ? 8.738   -7.811  -23.139 1.00 23.01 ? 324 HOH A O   1 
HETATM 1541 O  O   . HOH B 2 .   ? 9.771   3.358   5.116   1.00 19.04 ? 325 HOH A O   1 
HETATM 1542 O  O   . HOH B 2 .   ? 15.409  5.527   -9.149  1.00 34.47 ? 326 HOH A O   1 
HETATM 1543 O  O   . HOH B 2 .   ? 7.563   -3.652  -15.535 1.00 16.38 ? 327 HOH A O   1 
HETATM 1544 O  O   . HOH B 2 .   ? -2.056  20.968  9.011   1.00 29.76 ? 328 HOH A O   1 
HETATM 1545 O  O   . HOH B 2 .   ? -8.699  11.196  20.865  1.00 27.70 ? 329 HOH A O   1 
HETATM 1546 O  O   . HOH B 2 .   ? 13.061  -15.714 -1.098  1.00 23.21 ? 330 HOH A O   1 
HETATM 1547 O  O   . HOH B 2 .   ? -8.234  -2.580  14.763  1.00 20.87 ? 331 HOH A O   1 
HETATM 1548 O  O   . HOH B 2 .   ? -23.713 6.446   7.028   1.00 23.27 ? 332 HOH A O   1 
HETATM 1549 O  O   . HOH B 2 .   ? 8.600   18.171  1.532   1.00 38.54 ? 333 HOH A O   1 
HETATM 1550 O  O   . HOH B 2 .   ? 0.410   -14.313 10.540  1.00 35.31 ? 334 HOH A O   1 
HETATM 1551 O  O   . HOH B 2 .   ? 20.169  4.946   -7.505  1.00 35.43 ? 335 HOH A O   1 
HETATM 1552 O  O   . HOH B 2 .   ? 0.085   -11.809 11.987  1.00 30.87 ? 336 HOH A O   1 
HETATM 1553 O  O   . HOH B 2 .   ? 17.506  -1.026  -13.086 1.00 36.52 ? 337 HOH A O   1 
HETATM 1554 O  O   . HOH B 2 .   ? 8.424   15.139  0.691   1.00 31.13 ? 338 HOH A O   1 
HETATM 1555 O  O   . HOH B 2 .   ? 29.092  -9.084  -6.932  1.00 25.82 ? 339 HOH A O   1 
HETATM 1556 O  O   . HOH B 2 .   ? -11.707 -4.840  5.506   1.00 20.06 ? 340 HOH A O   1 
HETATM 1557 O  O   . HOH B 2 .   ? 1.255   -1.326  3.653   1.00 11.96 ? 341 HOH A O   1 
HETATM 1558 O  O   . HOH B 2 .   ? -4.427  -17.090 -7.647  1.00 33.02 ? 342 HOH A O   1 
HETATM 1559 O  O   . HOH B 2 .   ? -8.835  21.281  5.810   1.00 26.38 ? 343 HOH A O   1 
HETATM 1560 O  O   . HOH B 2 .   ? 17.971  -14.462 -12.930 1.00 28.28 ? 344 HOH A O   1 
HETATM 1561 O  O   . HOH B 2 .   ? 7.439   0.282   5.843   1.00 14.06 ? 345 HOH A O   1 
HETATM 1562 O  O   . HOH B 2 .   ? -2.014  -16.222 9.104   1.00 25.33 ? 346 HOH A O   1 
HETATM 1563 O  O   . HOH B 2 .   ? -21.827 -3.729  7.539   1.00 28.21 ? 347 HOH A O   1 
HETATM 1564 O  O   . HOH B 2 .   ? 7.574   -8.657  2.554   1.00 19.69 ? 348 HOH A O   1 
HETATM 1565 O  O   . HOH B 2 .   ? -13.419 19.773  17.318  1.00 24.96 ? 349 HOH A O   1 
HETATM 1566 O  O   . HOH B 2 .   ? 14.636  5.639   5.489   1.00 36.42 ? 350 HOH A O   1 
HETATM 1567 O  O   . HOH B 2 .   ? -12.661 -4.696  13.991  1.00 23.63 ? 351 HOH A O   1 
HETATM 1568 O  O   . HOH B 2 .   ? -2.978  -10.099 19.826  1.00 28.79 ? 352 HOH A O   1 
HETATM 1569 O  O   . HOH B 2 .   ? -16.176 10.849  10.732  1.00 22.09 ? 353 HOH A O   1 
HETATM 1570 O  O   . HOH B 2 .   ? 17.066  -9.314  -15.133 1.00 31.49 ? 354 HOH A O   1 
HETATM 1571 O  O   . HOH B 2 .   ? -12.735 2.255   -9.623  1.00 45.93 ? 355 HOH A O   1 
HETATM 1572 O  O   . HOH B 2 .   ? 0.588   -10.020 -8.169  1.00 21.66 ? 356 HOH A O   1 
HETATM 1573 O  O   . HOH B 2 .   ? 13.671  -9.221  1.883   1.00 21.35 ? 357 HOH A O   1 
HETATM 1574 O  O   . HOH B 2 .   ? 21.412  -5.307  -11.558 1.00 32.30 ? 358 HOH A O   1 
HETATM 1575 O  O   . HOH B 2 .   ? -11.981 -12.994 11.418  1.00 26.64 ? 359 HOH A O   1 
HETATM 1576 O  O   . HOH B 2 .   ? -10.148 -16.444 5.748   1.00 38.15 ? 360 HOH A O   1 
HETATM 1577 O  O   . HOH B 2 .   ? 20.659  3.531   -3.233  1.00 31.04 ? 361 HOH A O   1 
HETATM 1578 O  O   . HOH B 2 .   ? -18.706 2.112   1.057   1.00 29.62 ? 362 HOH A O   1 
HETATM 1579 O  O   . HOH B 2 .   ? -4.331  -18.529 10.503  1.00 31.67 ? 363 HOH A O   1 
HETATM 1580 O  O   . HOH B 2 .   ? -6.332  10.488  21.515  1.00 31.79 ? 364 HOH A O   1 
HETATM 1581 O  O   . HOH B 2 .   ? -13.034 3.830   18.266  1.00 34.37 ? 365 HOH A O   1 
HETATM 1582 O  O   . HOH B 2 .   ? 0.975   10.556  14.263  1.00 32.22 ? 366 HOH A O   1 
HETATM 1583 O  O   . HOH B 2 .   ? 29.042  -3.900  -7.007  1.00 27.80 ? 367 HOH A O   1 
HETATM 1584 O  O   . HOH B 2 .   ? -9.253  14.927  -6.253  1.00 34.81 ? 368 HOH A O   1 
HETATM 1585 O  O   . HOH B 2 .   ? -20.205 1.816   9.703   1.00 23.77 ? 369 HOH A O   1 
HETATM 1586 O  O   . HOH B 2 .   ? -22.065 6.129   16.732  1.00 33.04 ? 370 HOH A O   1 
HETATM 1587 O  O   . HOH B 2 .   ? -15.939 -13.830 9.572   1.00 34.08 ? 371 HOH A O   1 
HETATM 1588 O  O   . HOH B 2 .   ? 21.360  -10.117 1.449   1.00 33.71 ? 372 HOH A O   1 
HETATM 1589 O  O   . HOH B 2 .   ? 3.120   6.172   -12.910 1.00 26.15 ? 373 HOH A O   1 
HETATM 1590 O  O   . HOH B 2 .   ? -0.456  -0.449  -19.232 1.00 30.27 ? 374 HOH A O   1 
HETATM 1591 O  O   . HOH B 2 .   ? -7.497  -8.752  15.941  1.00 32.04 ? 375 HOH A O   1 
HETATM 1592 O  O   . HOH B 2 .   ? -11.632 -8.974  13.431  1.00 31.97 ? 376 HOH A O   1 
HETATM 1593 O  O   . HOH B 2 .   ? -9.703  21.298  8.864   1.00 22.79 ? 377 HOH A O   1 
HETATM 1594 O  O   . HOH B 2 .   ? -4.155  -8.893  17.505  1.00 26.51 ? 378 HOH A O   1 
HETATM 1595 O  O   . HOH B 2 .   ? -13.520 10.072  -0.957  1.00 42.91 ? 379 HOH A O   1 
HETATM 1596 O  O   . HOH B 2 .   ? 12.139  9.244   2.116   1.00 34.53 ? 380 HOH A O   1 
HETATM 1597 O  O   . HOH B 2 .   ? 19.336  -7.726  -15.136 1.00 31.41 ? 381 HOH A O   1 
HETATM 1598 O  O   . HOH B 2 .   ? -19.959 4.930   20.385  1.00 42.60 ? 382 HOH A O   1 
HETATM 1599 O  O   . HOH B 2 .   ? -6.535  7.120   -12.621 1.00 30.06 ? 383 HOH A O   1 
HETATM 1600 O  O   . HOH B 2 .   ? 7.066   -17.429 -0.408  1.00 39.40 ? 384 HOH A O   1 
HETATM 1601 O  O   . HOH B 2 .   ? -19.852 7.721   10.051  1.00 36.55 ? 385 HOH A O   1 
HETATM 1602 O  O   . HOH B 2 .   ? 4.016   0.328   -16.883 1.00 33.50 ? 386 HOH A O   1 
HETATM 1603 O  O   . HOH B 2 .   ? 4.969   -16.809 -6.799  1.00 32.15 ? 387 HOH A O   1 
HETATM 1604 O  O   . HOH B 2 .   ? 10.502  9.611   -2.393  1.00 25.61 ? 388 HOH A O   1 
HETATM 1605 O  O   . HOH B 2 .   ? -11.942 6.142   -5.787  1.00 29.14 ? 389 HOH A O   1 
HETATM 1606 O  O   . HOH B 2 .   ? 8.825   8.213   4.329   1.00 41.71 ? 390 HOH A O   1 
HETATM 1607 O  O   . HOH B 2 .   ? 19.992  -15.053 1.370   1.00 33.56 ? 391 HOH A O   1 
HETATM 1608 O  O   . HOH B 2 .   ? -1.116  -4.839  -20.807 1.00 33.74 ? 392 HOH A O   1 
HETATM 1609 O  O   . HOH B 2 .   ? -5.468  -17.036 7.801   1.00 32.46 ? 393 HOH A O   1 
HETATM 1610 O  O   . HOH B 2 .   ? 7.508   4.783   -15.206 1.00 29.25 ? 394 HOH A O   1 
HETATM 1611 O  O   . HOH B 2 .   ? -17.008 -12.277 8.155   1.00 34.27 ? 395 HOH A O   1 
HETATM 1612 O  O   . HOH B 2 .   ? -0.647  -16.610 -5.040  1.00 35.79 ? 396 HOH A O   1 
HETATM 1613 O  O   . HOH B 2 .   ? -15.493 -13.513 6.428   1.00 37.52 ? 397 HOH A O   1 
HETATM 1614 O  O   . HOH B 2 .   ? -14.643 0.038   13.481  1.00 31.69 ? 398 HOH A O   1 
HETATM 1615 O  O   . HOH B 2 .   ? 20.220  -3.570  -3.281  1.00 19.62 ? 399 HOH A O   1 
HETATM 1616 O  O   . HOH B 2 .   ? -12.337 10.176  -3.847  1.00 33.66 ? 400 HOH A O   1 
HETATM 1617 O  O   . HOH B 2 .   ? -11.961 7.040   -8.399  1.00 36.27 ? 401 HOH A O   1 
HETATM 1618 O  O   . HOH B 2 .   ? -8.103  -15.059 -4.729  1.00 36.71 ? 402 HOH A O   1 
HETATM 1619 O  O   . HOH B 2 .   ? 13.633  -17.933 -2.238  1.00 36.78 ? 403 HOH A O   1 
HETATM 1620 O  O   . HOH B 2 .   ? -14.599 9.664   0.667   1.00 35.21 ? 404 HOH A O   1 
HETATM 1621 O  O   . HOH B 2 .   ? -12.326 0.827   -5.298  1.00 37.55 ? 405 HOH A O   1 
HETATM 1622 O  O   . HOH B 2 .   ? 1.986   -14.126 -7.016  1.00 34.70 ? 406 HOH A O   1 
HETATM 1623 O  O   . HOH B 2 .   ? -14.701 -14.710 11.147  1.00 25.91 ? 407 HOH A O   1 
HETATM 1624 O  O   . HOH B 2 .   ? 20.063  -4.393  -12.814 1.00 37.54 ? 408 HOH A O   1 
HETATM 1625 O  O   . HOH B 2 .   ? 4.580   2.580   -17.520 1.00 35.23 ? 409 HOH A O   1 
HETATM 1626 O  O   . HOH B 2 .   ? -12.074 -3.633  1.406   1.00 22.24 ? 410 HOH A O   1 
HETATM 1627 O  O   . HOH B 2 .   ? -15.352 -10.705 12.504  1.00 30.21 ? 411 HOH A O   1 
HETATM 1628 O  O   . HOH B 2 .   ? -5.359  -15.495 -15.572 1.00 30.57 ? 412 HOH A O   1 
HETATM 1629 O  O   . HOH B 2 .   ? -10.206 -4.573  -0.487  1.00 22.97 ? 413 HOH A O   1 
HETATM 1630 O  O   . HOH B 2 .   ? -13.721 7.256   -0.398  1.00 32.48 ? 414 HOH A O   1 
HETATM 1631 O  O   . HOH B 2 .   ? -3.725  21.147  0.980   1.00 32.82 ? 415 HOH A O   1 
HETATM 1632 O  O   . HOH B 2 .   ? -6.764  0.721   16.938  1.00 28.35 ? 416 HOH A O   1 
HETATM 1633 O  O   . HOH B 2 .   ? -8.511  -13.696 -16.491 1.00 45.15 ? 417 HOH A O   1 
HETATM 1634 O  O   . HOH B 2 .   ? 5.954   19.706  1.776   1.00 37.21 ? 418 HOH A O   1 
HETATM 1635 O  O   . HOH B 2 .   ? 16.123  -5.691  -13.877 1.00 27.12 ? 419 HOH A O   1 
HETATM 1636 O  O   . HOH B 2 .   ? -14.737 2.702   -5.635  1.00 33.47 ? 420 HOH A O   1 
HETATM 1637 O  O   . HOH B 2 .   ? 24.228  -2.253  -5.824  1.00 36.30 ? 421 HOH A O   1 
HETATM 1638 O  O   . HOH B 2 .   ? -8.927  0.785   -11.405 1.00 41.91 ? 422 HOH A O   1 
HETATM 1639 O  O   . HOH B 2 .   ? 21.137  -1.850  -5.313  1.00 30.86 ? 423 HOH A O   1 
HETATM 1640 O  O   . HOH B 2 .   ? -16.666 13.469  6.352   1.00 34.23 ? 424 HOH A O   1 
HETATM 1641 O  O   . HOH B 2 .   ? 16.562  -8.894  -18.205 1.00 24.07 ? 425 HOH A O   1 
HETATM 1642 O  O   . HOH B 2 .   ? 21.668  -5.230  -1.155  1.00 30.36 ? 426 HOH A O   1 
HETATM 1643 O  O   . HOH B 2 .   ? 6.458   -2.119  4.634   1.00 20.14 ? 427 HOH A O   1 
HETATM 1644 O  O   . HOH B 2 .   ? -6.617  1.252   18.659  1.00 33.09 ? 428 HOH A O   1 
HETATM 1645 O  O   . HOH B 2 .   ? -12.730 8.580   -1.955  1.00 36.07 ? 429 HOH A O   1 
HETATM 1646 O  O   . HOH B 2 .   ? -10.269 -11.967 1.071   1.00 38.18 ? 430 HOH A O   1 
HETATM 1647 O  O   . HOH B 2 .   ? 8.607   15.340  -4.654  1.00 22.31 ? 431 HOH A O   1 
HETATM 1648 O  O   . HOH B 2 .   ? 20.680  -12.268 2.148   1.00 40.63 ? 432 HOH A O   1 
HETATM 1649 O  O   . HOH B 2 .   ? -15.463 21.306  16.380  1.00 21.26 ? 433 HOH A O   1 
HETATM 1650 O  O   . HOH B 2 .   ? -15.155 -6.143  3.053   1.00 29.96 ? 434 HOH A O   1 
HETATM 1651 O  O   . HOH B 2 .   ? 10.392  8.275   0.378   1.00 27.10 ? 435 HOH A O   1 
HETATM 1652 O  O   . HOH B 2 .   ? -12.439 -6.049  3.175   1.00 27.09 ? 436 HOH A O   1 
HETATM 1653 O  O   . HOH B 2 .   ? -8.555  -7.817  1.161   1.00 27.80 ? 437 HOH A O   1 
HETATM 1654 O  O   . HOH B 2 .   ? -11.133 -7.736  2.363   1.00 31.59 ? 438 HOH A O   1 
# 
